data_1ZEM
#
_entry.id   1ZEM
#
_cell.length_a   87.959
_cell.length_b   64.717
_cell.length_c   168.239
_cell.angle_alpha   90.00
_cell.angle_beta   93.06
_cell.angle_gamma   90.00
#
_symmetry.space_group_name_H-M   'P 1 21 1'
#
loop_
_entity.id
_entity.type
_entity.pdbx_description
1 polymer 'xylitol dehydrogenase'
2 non-polymer NICOTINAMIDE-ADENINE-DINUCLEOTIDE
3 non-polymer 'MAGNESIUM ION'
4 water water
#
_entity_poly.entity_id   1
_entity_poly.type   'polypeptide(L)'
_entity_poly.pdbx_seq_one_letter_code
;MSKKFNGKVCLVTGAGGNIGLATALRLAEEGTAIALLDMNREALEKAEASVREKGVEARSYVCDVTSEEAVIGTVDSVVR
DFGKIDFLFNNAGYQGAFAPVQDYPSDDFARVLTINVTGAFHVLKAVSRQMITQNYGRIVNTASMAGVKGPPNMAAYGTS
KGAIIALTETAALDLAPYNIRVNAISPGYMGPGFMWERQVELQAKVGSQYFSTDPKVVAQQMIGSVPMRRYGDINEIPGV
VAFLLGDDSSFMTGVNLPIAGG
;
_entity_poly.pdbx_strand_id   A,B,C,D,E,F,G,H
#
loop_
_chem_comp.id
_chem_comp.type
_chem_comp.name
_chem_comp.formula
MG non-polymer 'MAGNESIUM ION' 'Mg 2'
NAD non-polymer NICOTINAMIDE-ADENINE-DINUCLEOTIDE 'C21 H27 N7 O14 P2'
#
# COMPACT_ATOMS: atom_id res chain seq x y z
N LYS A 3 -27.81 -0.57 -23.41
CA LYS A 3 -28.89 -1.57 -23.72
C LYS A 3 -28.53 -2.57 -24.84
N LYS A 4 -28.05 -3.75 -24.45
CA LYS A 4 -27.70 -4.76 -25.44
C LYS A 4 -29.01 -5.44 -25.83
N PHE A 5 -29.02 -6.18 -26.91
CA PHE A 5 -30.25 -6.86 -27.31
C PHE A 5 -31.15 -5.98 -28.13
N ASN A 6 -30.70 -4.75 -28.43
CA ASN A 6 -31.53 -3.92 -29.30
C ASN A 6 -31.48 -4.69 -30.64
N GLY A 7 -32.65 -4.88 -31.26
CA GLY A 7 -32.75 -5.59 -32.53
C GLY A 7 -32.84 -7.10 -32.38
N LYS A 8 -32.85 -7.57 -31.15
CA LYS A 8 -32.92 -9.01 -30.92
C LYS A 8 -34.33 -9.47 -30.86
N VAL A 9 -34.56 -10.71 -31.27
CA VAL A 9 -35.90 -11.25 -31.17
C VAL A 9 -35.84 -12.48 -30.28
N CYS A 10 -36.66 -12.51 -29.24
CA CYS A 10 -36.69 -13.70 -28.41
C CYS A 10 -38.09 -14.32 -28.37
N LEU A 11 -38.17 -15.65 -28.55
CA LEU A 11 -39.42 -16.37 -28.47
C LEU A 11 -39.45 -16.90 -27.04
N VAL A 12 -40.53 -16.62 -26.34
CA VAL A 12 -40.70 -17.05 -24.97
C VAL A 12 -41.93 -17.96 -24.85
N THR A 13 -41.74 -19.20 -24.41
CA THR A 13 -42.90 -20.07 -24.28
C THR A 13 -43.32 -20.01 -22.81
N GLY A 14 -44.62 -20.21 -22.59
CA GLY A 14 -45.19 -20.13 -21.25
C GLY A 14 -45.20 -18.63 -20.89
N ALA A 15 -45.20 -17.81 -21.93
CA ALA A 15 -45.14 -16.36 -21.83
C ALA A 15 -46.27 -15.70 -21.06
N GLY A 16 -47.29 -16.48 -20.75
CA GLY A 16 -48.41 -15.92 -20.03
C GLY A 16 -48.26 -16.17 -18.56
N GLY A 17 -47.33 -17.07 -18.22
CA GLY A 17 -47.06 -17.42 -16.84
C GLY A 17 -46.15 -16.44 -16.11
N ASN A 18 -45.89 -16.73 -14.83
CA ASN A 18 -45.05 -15.85 -13.97
C ASN A 18 -43.64 -15.58 -14.46
N ILE A 19 -42.88 -16.66 -14.62
CA ILE A 19 -41.50 -16.53 -15.06
C ILE A 19 -41.39 -16.07 -16.48
N GLY A 20 -42.30 -16.55 -17.33
CA GLY A 20 -42.20 -16.13 -18.72
C GLY A 20 -42.51 -14.65 -18.87
N LEU A 21 -43.53 -14.18 -18.17
CA LEU A 21 -43.85 -12.76 -18.30
C LEU A 21 -42.70 -11.98 -17.69
N ALA A 22 -42.33 -12.32 -16.45
CA ALA A 22 -41.24 -11.58 -15.82
C ALA A 22 -40.01 -11.56 -16.72
N THR A 23 -39.67 -12.68 -17.34
CA THR A 23 -38.50 -12.68 -18.20
C THR A 23 -38.67 -11.87 -19.48
N ALA A 24 -39.84 -11.89 -20.10
CA ALA A 24 -40.03 -11.13 -21.31
C ALA A 24 -39.94 -9.64 -21.02
N LEU A 25 -40.43 -9.20 -19.86
CA LEU A 25 -40.36 -7.76 -19.54
C LEU A 25 -38.92 -7.31 -19.43
N ARG A 26 -38.11 -8.08 -18.72
CA ARG A 26 -36.72 -7.74 -18.56
C ARG A 26 -36.03 -7.67 -19.90
N LEU A 27 -36.29 -8.66 -20.77
CA LEU A 27 -35.66 -8.67 -22.10
C LEU A 27 -36.16 -7.50 -22.95
N ALA A 28 -37.42 -7.14 -22.75
CA ALA A 28 -37.98 -6.00 -23.48
C ALA A 28 -37.24 -4.73 -23.00
N GLU A 29 -37.02 -4.61 -21.68
CA GLU A 29 -36.29 -3.42 -21.16
C GLU A 29 -34.88 -3.35 -21.77
N GLU A 30 -34.32 -4.49 -22.16
CA GLU A 30 -33.00 -4.47 -22.76
C GLU A 30 -33.11 -4.20 -24.23
N GLY A 31 -34.34 -4.02 -24.73
CA GLY A 31 -34.51 -3.75 -26.15
C GLY A 31 -34.94 -4.91 -27.06
N THR A 32 -35.28 -6.05 -26.46
CA THR A 32 -35.70 -7.23 -27.21
C THR A 32 -37.18 -7.30 -27.67
N ALA A 33 -37.41 -7.63 -28.93
CA ALA A 33 -38.77 -7.83 -29.43
C ALA A 33 -39.18 -9.20 -28.88
N ILE A 34 -40.39 -9.31 -28.34
CA ILE A 34 -40.87 -10.55 -27.77
C ILE A 34 -41.96 -11.23 -28.65
N ALA A 35 -41.88 -12.56 -28.78
CA ALA A 35 -42.86 -13.33 -29.49
C ALA A 35 -43.37 -14.12 -28.31
N LEU A 36 -44.60 -13.90 -27.91
CA LEU A 36 -45.11 -14.61 -26.75
C LEU A 36 -45.88 -15.84 -27.14
N LEU A 37 -45.52 -16.99 -26.57
CA LEU A 37 -46.23 -18.26 -26.87
C LEU A 37 -46.82 -18.92 -25.60
N ASP A 38 -48.10 -19.31 -25.67
CA ASP A 38 -48.74 -19.97 -24.52
C ASP A 38 -49.99 -20.64 -25.02
N MET A 39 -50.56 -21.52 -24.19
CA MET A 39 -51.78 -22.21 -24.56
C MET A 39 -53.01 -21.40 -24.08
N ASN A 40 -52.79 -20.50 -23.13
CA ASN A 40 -53.89 -19.73 -22.58
C ASN A 40 -53.92 -18.34 -23.21
N ARG A 41 -54.94 -18.09 -24.02
CA ARG A 41 -55.08 -16.83 -24.74
C ARG A 41 -55.23 -15.64 -23.82
N GLU A 42 -56.10 -15.77 -22.83
CA GLU A 42 -56.31 -14.65 -21.93
C GLU A 42 -55.06 -14.17 -21.16
N ALA A 43 -54.24 -15.12 -20.72
CA ALA A 43 -53.01 -14.73 -19.98
C ALA A 43 -52.07 -14.09 -20.97
N LEU A 44 -52.07 -14.57 -22.21
CA LEU A 44 -51.23 -13.99 -23.28
C LEU A 44 -51.57 -12.54 -23.54
N GLU A 45 -52.87 -12.28 -23.57
CA GLU A 45 -53.38 -10.96 -23.83
C GLU A 45 -52.84 -9.97 -22.81
N LYS A 46 -52.99 -10.31 -21.53
CA LYS A 46 -52.48 -9.45 -20.45
C LYS A 46 -50.97 -9.32 -20.54
N ALA A 47 -50.29 -10.46 -20.68
CA ALA A 47 -48.85 -10.48 -20.80
C ALA A 47 -48.33 -9.61 -21.95
N GLU A 48 -48.96 -9.68 -23.12
CA GLU A 48 -48.48 -8.90 -24.25
C GLU A 48 -48.74 -7.42 -23.97
N ALA A 49 -49.81 -7.14 -23.24
CA ALA A 49 -50.15 -5.75 -22.92
C ALA A 49 -49.00 -5.18 -22.10
N SER A 50 -48.56 -5.94 -21.10
CA SER A 50 -47.48 -5.52 -20.22
C SER A 50 -46.17 -5.30 -20.97
N VAL A 51 -45.87 -6.21 -21.91
CA VAL A 51 -44.65 -6.11 -22.70
C VAL A 51 -44.66 -4.92 -23.59
N ARG A 52 -45.76 -4.70 -24.30
CA ARG A 52 -45.87 -3.55 -25.22
C ARG A 52 -45.49 -2.26 -24.55
N GLU A 53 -45.96 -2.13 -23.33
CA GLU A 53 -45.73 -0.97 -22.50
C GLU A 53 -44.23 -0.70 -22.29
N LYS A 54 -43.35 -1.63 -22.67
CA LYS A 54 -41.91 -1.42 -22.52
C LYS A 54 -41.43 -0.78 -23.79
N GLY A 55 -42.34 -0.64 -24.73
CA GLY A 55 -42.02 0.02 -25.96
C GLY A 55 -41.26 -0.79 -26.98
N VAL A 56 -41.47 -2.10 -27.01
CA VAL A 56 -40.81 -2.96 -28.01
C VAL A 56 -41.94 -3.65 -28.79
N GLU A 57 -41.61 -4.10 -29.99
CA GLU A 57 -42.49 -4.85 -30.87
C GLU A 57 -42.72 -6.18 -30.16
N ALA A 58 -43.97 -6.61 -30.09
CA ALA A 58 -44.35 -7.86 -29.43
C ALA A 58 -45.62 -8.38 -30.10
N ARG A 59 -45.76 -9.70 -30.14
CA ARG A 59 -46.91 -10.35 -30.76
C ARG A 59 -47.15 -11.63 -30.00
N SER A 60 -48.41 -12.06 -29.96
CA SER A 60 -48.76 -13.26 -29.23
C SER A 60 -49.16 -14.41 -30.13
N TYR A 61 -48.98 -15.64 -29.63
CA TYR A 61 -49.32 -16.88 -30.35
C TYR A 61 -49.92 -17.96 -29.45
N VAL A 62 -51.17 -18.30 -29.72
CA VAL A 62 -51.85 -19.32 -28.96
C VAL A 62 -51.29 -20.60 -29.57
N CYS A 63 -50.77 -21.48 -28.72
CA CYS A 63 -50.15 -22.70 -29.21
C CYS A 63 -49.92 -23.72 -28.08
N ASP A 64 -50.29 -24.97 -28.30
CA ASP A 64 -50.11 -26.03 -27.32
C ASP A 64 -48.81 -26.76 -27.71
N VAL A 65 -47.72 -26.51 -26.98
CA VAL A 65 -46.44 -27.11 -27.33
C VAL A 65 -46.49 -28.64 -27.45
N THR A 66 -47.53 -29.30 -26.92
CA THR A 66 -47.58 -30.76 -27.08
C THR A 66 -48.00 -31.17 -28.49
N SER A 67 -48.48 -30.21 -29.27
CA SER A 67 -48.87 -30.47 -30.67
C SER A 67 -47.71 -30.07 -31.58
N GLU A 68 -46.95 -31.02 -32.11
CA GLU A 68 -45.85 -30.57 -32.95
C GLU A 68 -46.28 -29.75 -34.16
N GLU A 69 -47.41 -30.11 -34.76
CA GLU A 69 -47.85 -29.37 -35.93
C GLU A 69 -48.10 -27.92 -35.54
N ALA A 70 -48.72 -27.69 -34.38
CA ALA A 70 -48.95 -26.31 -33.96
C ALA A 70 -47.62 -25.61 -33.69
N VAL A 71 -46.68 -26.31 -33.06
CA VAL A 71 -45.38 -25.70 -32.78
C VAL A 71 -44.66 -25.25 -34.06
N ILE A 72 -44.54 -26.12 -35.06
CA ILE A 72 -43.90 -25.75 -36.31
C ILE A 72 -44.63 -24.60 -37.01
N GLY A 73 -45.96 -24.67 -37.02
CA GLY A 73 -46.71 -23.62 -37.67
C GLY A 73 -46.47 -22.29 -36.98
N THR A 74 -46.45 -22.32 -35.65
CA THR A 74 -46.26 -21.08 -34.89
C THR A 74 -44.87 -20.51 -35.13
N VAL A 75 -43.87 -21.38 -35.13
CA VAL A 75 -42.49 -20.93 -35.33
C VAL A 75 -42.32 -20.28 -36.69
N ASP A 76 -42.93 -20.88 -37.69
CA ASP A 76 -42.86 -20.32 -39.04
C ASP A 76 -43.50 -18.93 -39.02
N SER A 77 -44.60 -18.79 -38.28
CA SER A 77 -45.26 -17.48 -38.23
C SER A 77 -44.37 -16.48 -37.55
N VAL A 78 -43.69 -16.92 -36.49
CA VAL A 78 -42.81 -16.00 -35.77
C VAL A 78 -41.72 -15.54 -36.70
N VAL A 79 -41.15 -16.43 -37.50
CA VAL A 79 -40.06 -16.01 -38.40
C VAL A 79 -40.57 -15.09 -39.50
N ARG A 80 -41.85 -15.24 -39.82
CA ARG A 80 -42.48 -14.40 -40.83
C ARG A 80 -42.68 -13.00 -40.24
N ASP A 81 -43.28 -12.96 -39.05
CA ASP A 81 -43.56 -11.70 -38.39
C ASP A 81 -42.32 -10.89 -37.89
N PHE A 82 -41.29 -11.56 -37.37
CA PHE A 82 -40.09 -10.85 -36.90
C PHE A 82 -38.90 -10.99 -37.78
N GLY A 83 -38.91 -11.98 -38.67
CA GLY A 83 -37.77 -12.19 -39.55
C GLY A 83 -36.66 -13.11 -39.04
N LYS A 84 -36.55 -13.27 -37.73
CA LYS A 84 -35.50 -14.15 -37.19
C LYS A 84 -35.86 -14.53 -35.75
N ILE A 85 -35.16 -15.52 -35.18
CA ILE A 85 -35.39 -15.83 -33.78
C ILE A 85 -34.00 -15.99 -33.20
N ASP A 86 -33.48 -14.92 -32.57
CA ASP A 86 -32.15 -14.94 -31.99
C ASP A 86 -32.13 -15.69 -30.66
N PHE A 87 -33.15 -15.49 -29.86
CA PHE A 87 -33.22 -16.08 -28.52
C PHE A 87 -34.43 -16.91 -28.22
N LEU A 88 -34.24 -17.97 -27.45
CA LEU A 88 -35.36 -18.79 -27.05
C LEU A 88 -35.40 -19.02 -25.55
N PHE A 89 -36.53 -18.75 -24.92
CA PHE A 89 -36.67 -19.06 -23.49
C PHE A 89 -37.74 -20.15 -23.51
N ASN A 90 -37.28 -21.40 -23.48
CA ASN A 90 -38.13 -22.61 -23.56
C ASN A 90 -38.55 -22.91 -22.14
N ASN A 91 -39.69 -22.34 -21.79
CA ASN A 91 -40.15 -22.28 -20.42
C ASN A 91 -41.54 -22.80 -20.02
N ALA A 92 -42.46 -22.97 -20.97
CA ALA A 92 -43.75 -23.52 -20.63
C ALA A 92 -43.56 -24.84 -19.88
N GLY A 93 -44.38 -25.06 -18.86
CA GLY A 93 -44.33 -26.28 -18.10
C GLY A 93 -45.56 -26.44 -17.22
N TYR A 94 -45.78 -27.66 -16.75
CA TYR A 94 -46.89 -28.00 -15.87
C TYR A 94 -46.29 -28.59 -14.61
N GLN A 95 -46.76 -28.16 -13.45
CA GLN A 95 -46.20 -28.64 -12.18
C GLN A 95 -46.47 -30.09 -11.75
N GLY A 96 -47.56 -30.67 -12.25
CA GLY A 96 -47.91 -32.04 -11.92
C GLY A 96 -48.63 -32.26 -10.59
N ALA A 97 -49.08 -33.49 -10.36
CA ALA A 97 -49.73 -33.81 -9.11
C ALA A 97 -48.65 -33.92 -8.01
N PHE A 98 -49.09 -34.00 -6.77
CA PHE A 98 -48.15 -34.16 -5.69
C PHE A 98 -48.59 -35.42 -4.96
N ALA A 99 -47.81 -36.48 -5.06
CA ALA A 99 -48.14 -37.69 -4.35
C ALA A 99 -46.97 -38.63 -4.29
N PRO A 100 -46.90 -39.48 -3.23
CA PRO A 100 -45.78 -40.42 -3.12
C PRO A 100 -45.85 -41.30 -4.34
N VAL A 101 -44.69 -41.78 -4.80
CA VAL A 101 -44.64 -42.57 -6.02
C VAL A 101 -45.65 -43.73 -6.10
N GLN A 102 -45.81 -44.48 -5.00
CA GLN A 102 -46.71 -45.63 -5.02
C GLN A 102 -48.19 -45.29 -5.27
N ASP A 103 -48.55 -44.02 -5.09
CA ASP A 103 -49.90 -43.52 -5.31
C ASP A 103 -49.92 -42.48 -6.43
N TYR A 104 -48.82 -42.28 -7.15
CA TYR A 104 -48.81 -41.24 -8.18
C TYR A 104 -49.75 -41.53 -9.33
N PRO A 105 -50.66 -40.60 -9.64
CA PRO A 105 -51.60 -40.86 -10.75
C PRO A 105 -50.91 -41.03 -12.10
N SER A 106 -51.04 -42.23 -12.66
CA SER A 106 -50.37 -42.60 -13.90
C SER A 106 -50.67 -41.81 -15.15
N ASP A 107 -51.90 -41.29 -15.29
CA ASP A 107 -52.24 -40.49 -16.45
C ASP A 107 -51.49 -39.15 -16.33
N ASP A 108 -51.49 -38.56 -15.13
CA ASP A 108 -50.80 -37.30 -14.87
C ASP A 108 -49.29 -37.50 -15.11
N PHE A 109 -48.78 -38.68 -14.78
CA PHE A 109 -47.35 -38.94 -14.94
C PHE A 109 -46.96 -38.70 -16.39
N ALA A 110 -47.75 -39.30 -17.28
CA ALA A 110 -47.50 -39.16 -18.72
C ALA A 110 -47.75 -37.75 -19.21
N ARG A 111 -48.78 -37.10 -18.67
CA ARG A 111 -49.05 -35.73 -19.10
C ARG A 111 -47.86 -34.82 -18.77
N VAL A 112 -47.30 -35.01 -17.57
CA VAL A 112 -46.14 -34.20 -17.18
C VAL A 112 -44.97 -34.34 -18.20
N LEU A 113 -44.59 -35.57 -18.49
CA LEU A 113 -43.52 -35.81 -19.46
C LEU A 113 -43.80 -35.18 -20.82
N THR A 114 -45.02 -35.36 -21.33
CA THR A 114 -45.39 -34.81 -22.62
C THR A 114 -45.32 -33.32 -22.71
N ILE A 115 -45.75 -32.62 -21.67
CA ILE A 115 -45.69 -31.14 -21.72
C ILE A 115 -44.28 -30.61 -21.43
N ASN A 116 -43.68 -31.09 -20.35
CA ASN A 116 -42.39 -30.61 -19.92
C ASN A 116 -41.18 -31.11 -20.68
N VAL A 117 -41.27 -32.26 -21.33
CA VAL A 117 -40.11 -32.77 -22.10
C VAL A 117 -40.40 -32.79 -23.60
N THR A 118 -41.38 -33.58 -24.00
CA THR A 118 -41.70 -33.67 -25.43
C THR A 118 -42.08 -32.30 -26.02
N GLY A 119 -42.93 -31.54 -25.31
CA GLY A 119 -43.27 -30.23 -25.81
C GLY A 119 -42.07 -29.29 -25.86
N ALA A 120 -41.18 -29.33 -24.86
CA ALA A 120 -40.02 -28.42 -24.86
C ALA A 120 -39.15 -28.89 -26.02
N PHE A 121 -39.14 -30.20 -26.27
CA PHE A 121 -38.34 -30.71 -27.37
C PHE A 121 -38.93 -30.24 -28.71
N HIS A 122 -40.28 -30.27 -28.84
CA HIS A 122 -40.88 -29.84 -30.10
C HIS A 122 -40.40 -28.44 -30.41
N VAL A 123 -40.47 -27.56 -29.40
CA VAL A 123 -40.07 -26.16 -29.56
C VAL A 123 -38.59 -26.04 -29.92
N LEU A 124 -37.74 -26.74 -29.18
CA LEU A 124 -36.28 -26.71 -29.37
C LEU A 124 -35.87 -27.11 -30.76
N LYS A 125 -36.46 -28.21 -31.24
CA LYS A 125 -36.19 -28.70 -32.60
C LYS A 125 -36.54 -27.65 -33.64
N ALA A 126 -37.81 -27.22 -33.65
CA ALA A 126 -38.24 -26.26 -34.68
C ALA A 126 -37.43 -24.95 -34.67
N VAL A 127 -37.16 -24.44 -33.47
CA VAL A 127 -36.42 -23.22 -33.38
C VAL A 127 -34.94 -23.42 -33.72
N SER A 128 -34.35 -24.56 -33.36
CA SER A 128 -32.92 -24.72 -33.68
C SER A 128 -32.74 -24.81 -35.19
N ARG A 129 -33.77 -25.31 -35.87
CA ARG A 129 -33.67 -25.37 -37.32
C ARG A 129 -33.55 -23.94 -37.84
N GLN A 130 -34.32 -23.03 -37.29
CA GLN A 130 -34.26 -21.62 -37.70
C GLN A 130 -32.90 -21.07 -37.34
N MET A 131 -32.49 -21.29 -36.09
CA MET A 131 -31.18 -20.77 -35.64
C MET A 131 -30.04 -21.30 -36.48
N ILE A 132 -30.14 -22.53 -36.95
CA ILE A 132 -29.06 -23.05 -37.78
C ILE A 132 -29.00 -22.23 -39.07
N THR A 133 -30.16 -21.91 -39.63
CA THR A 133 -30.27 -21.08 -40.82
C THR A 133 -29.54 -19.74 -40.66
N GLN A 134 -29.57 -19.18 -39.45
CA GLN A 134 -28.91 -17.90 -39.15
C GLN A 134 -27.48 -18.06 -38.71
N ASN A 135 -27.12 -19.30 -38.39
CA ASN A 135 -25.82 -19.64 -37.79
C ASN A 135 -25.63 -18.73 -36.59
N TYR A 136 -26.70 -18.64 -35.80
CA TYR A 136 -26.70 -17.86 -34.59
C TYR A 136 -27.90 -18.20 -33.73
N GLY A 137 -27.69 -18.40 -32.44
CA GLY A 137 -28.81 -18.64 -31.53
C GLY A 137 -28.40 -18.85 -30.08
N ARG A 138 -29.24 -18.42 -29.13
CA ARG A 138 -28.97 -18.72 -27.74
C ARG A 138 -30.28 -19.24 -27.17
N ILE A 139 -30.17 -20.34 -26.46
CA ILE A 139 -31.32 -20.96 -25.90
C ILE A 139 -31.21 -21.19 -24.41
N VAL A 140 -32.32 -20.94 -23.71
CA VAL A 140 -32.38 -21.23 -22.29
C VAL A 140 -33.61 -22.11 -22.00
N ASN A 141 -33.39 -23.30 -21.44
CA ASN A 141 -34.49 -24.20 -21.10
C ASN A 141 -34.72 -24.05 -19.61
N THR A 142 -35.96 -24.04 -19.18
CA THR A 142 -36.20 -23.94 -17.75
C THR A 142 -36.25 -25.32 -17.13
N ALA A 143 -35.25 -25.68 -16.32
CA ALA A 143 -35.25 -26.96 -15.60
C ALA A 143 -35.85 -26.64 -14.22
N SER A 144 -35.18 -27.05 -13.14
CA SER A 144 -35.68 -26.81 -11.79
C SER A 144 -34.81 -27.56 -10.82
N MET A 145 -34.76 -27.12 -9.58
CA MET A 145 -33.96 -27.91 -8.64
C MET A 145 -34.54 -29.30 -8.50
N ALA A 146 -35.82 -29.48 -8.84
CA ALA A 146 -36.44 -30.81 -8.75
C ALA A 146 -35.76 -31.77 -9.73
N GLY A 147 -35.16 -31.23 -10.78
CA GLY A 147 -34.46 -32.07 -11.76
C GLY A 147 -33.03 -32.29 -11.26
N VAL A 148 -32.52 -31.37 -10.45
CA VAL A 148 -31.14 -31.53 -9.89
C VAL A 148 -31.12 -32.64 -8.86
N LYS A 149 -32.15 -32.70 -8.02
CA LYS A 149 -32.26 -33.77 -7.07
C LYS A 149 -33.74 -34.05 -6.92
N GLY A 150 -34.14 -35.30 -7.15
CA GLY A 150 -35.54 -35.64 -7.11
C GLY A 150 -36.24 -35.34 -5.81
N PRO A 151 -37.28 -34.49 -5.81
CA PRO A 151 -37.94 -34.19 -4.55
C PRO A 151 -39.06 -35.16 -4.16
N PRO A 152 -39.38 -35.24 -2.86
CA PRO A 152 -40.43 -36.13 -2.36
C PRO A 152 -41.79 -35.76 -2.94
N ASN A 153 -42.59 -36.78 -3.25
CA ASN A 153 -43.92 -36.59 -3.84
C ASN A 153 -44.01 -35.91 -5.20
N MET A 154 -42.90 -35.75 -5.93
CA MET A 154 -42.98 -35.13 -7.24
C MET A 154 -42.34 -36.02 -8.31
N ALA A 155 -42.68 -37.30 -8.29
CA ALA A 155 -42.09 -38.24 -9.23
C ALA A 155 -42.05 -37.77 -10.69
N ALA A 156 -43.21 -37.40 -11.26
CA ALA A 156 -43.28 -36.97 -12.65
C ALA A 156 -42.55 -35.66 -12.93
N TYR A 157 -42.78 -34.65 -12.09
CA TYR A 157 -42.11 -33.41 -12.35
C TYR A 157 -40.56 -33.51 -12.26
N GLY A 158 -40.04 -34.16 -11.21
CA GLY A 158 -38.59 -34.24 -11.07
C GLY A 158 -37.99 -34.97 -12.25
N THR A 159 -38.67 -36.04 -12.65
CA THR A 159 -38.20 -36.80 -13.77
C THR A 159 -38.19 -35.95 -15.05
N SER A 160 -39.24 -35.15 -15.28
CA SER A 160 -39.30 -34.32 -16.50
C SER A 160 -38.17 -33.27 -16.47
N LYS A 161 -37.85 -32.75 -15.28
CA LYS A 161 -36.82 -31.73 -15.24
C LYS A 161 -35.41 -32.34 -15.30
N GLY A 162 -35.25 -33.56 -14.80
CA GLY A 162 -33.96 -34.21 -14.98
C GLY A 162 -33.74 -34.48 -16.47
N ALA A 163 -34.84 -34.72 -17.19
CA ALA A 163 -34.76 -34.99 -18.63
C ALA A 163 -34.33 -33.71 -19.33
N ILE A 164 -34.92 -32.59 -18.93
CA ILE A 164 -34.52 -31.30 -19.52
C ILE A 164 -33.02 -31.00 -19.36
N ILE A 165 -32.47 -31.31 -18.19
CA ILE A 165 -31.04 -31.06 -17.97
C ILE A 165 -30.22 -31.95 -18.97
N ALA A 166 -30.52 -33.25 -19.07
CA ALA A 166 -29.77 -34.09 -20.03
C ALA A 166 -29.97 -33.56 -21.46
N LEU A 167 -31.23 -33.36 -21.86
CA LEU A 167 -31.58 -32.83 -23.18
C LEU A 167 -30.84 -31.51 -23.45
N THR A 168 -30.65 -30.70 -22.41
CA THR A 168 -29.92 -29.45 -22.61
C THR A 168 -28.47 -29.74 -23.01
N GLU A 169 -27.86 -30.73 -22.38
CA GLU A 169 -26.46 -31.08 -22.65
C GLU A 169 -26.33 -31.63 -24.07
N THR A 170 -27.24 -32.53 -24.45
CA THR A 170 -27.18 -33.06 -25.78
C THR A 170 -27.35 -32.01 -26.84
N ALA A 171 -28.33 -31.14 -26.64
CA ALA A 171 -28.61 -30.10 -27.62
C ALA A 171 -27.42 -29.16 -27.69
N ALA A 172 -26.76 -28.89 -26.54
CA ALA A 172 -25.56 -28.02 -26.54
C ALA A 172 -24.47 -28.64 -27.44
N LEU A 173 -24.30 -29.96 -27.33
CA LEU A 173 -23.32 -30.64 -28.16
C LEU A 173 -23.72 -30.58 -29.63
N ASP A 174 -24.98 -30.89 -29.93
CA ASP A 174 -25.47 -30.98 -31.31
C ASP A 174 -25.41 -29.70 -32.10
N LEU A 175 -25.79 -28.62 -31.44
CA LEU A 175 -25.90 -27.27 -32.04
C LEU A 175 -24.68 -26.34 -31.95
N ALA A 176 -23.66 -26.74 -31.18
CA ALA A 176 -22.48 -25.92 -31.03
C ALA A 176 -21.78 -25.56 -32.34
N PRO A 177 -21.79 -26.47 -33.32
CA PRO A 177 -21.10 -26.08 -34.54
C PRO A 177 -21.75 -24.97 -35.32
N TYR A 178 -22.97 -24.62 -34.98
CA TYR A 178 -23.67 -23.55 -35.75
C TYR A 178 -23.79 -22.22 -35.02
N ASN A 179 -22.88 -21.99 -34.08
CA ASN A 179 -22.87 -20.81 -33.23
C ASN A 179 -24.17 -20.72 -32.42
N ILE A 180 -24.56 -21.82 -31.78
CA ILE A 180 -25.76 -21.76 -30.97
C ILE A 180 -25.29 -22.27 -29.63
N ARG A 181 -25.82 -21.73 -28.54
CA ARG A 181 -25.50 -22.22 -27.20
C ARG A 181 -26.80 -22.57 -26.53
N VAL A 182 -26.76 -23.58 -25.68
CA VAL A 182 -27.96 -24.06 -25.02
C VAL A 182 -27.62 -24.29 -23.54
N ASN A 183 -28.36 -23.60 -22.67
CA ASN A 183 -28.12 -23.72 -21.25
C ASN A 183 -29.45 -23.81 -20.53
N ALA A 184 -29.36 -24.12 -19.24
CA ALA A 184 -30.58 -24.20 -18.47
C ALA A 184 -30.51 -23.45 -17.17
N ILE A 185 -31.69 -23.16 -16.62
CA ILE A 185 -31.75 -22.54 -15.29
C ILE A 185 -32.56 -23.50 -14.42
N SER A 186 -32.25 -23.56 -13.12
CA SER A 186 -32.97 -24.48 -12.22
C SER A 186 -33.43 -23.77 -10.98
N PRO A 187 -34.55 -23.04 -11.08
CA PRO A 187 -35.07 -22.31 -9.92
C PRO A 187 -35.37 -23.25 -8.79
N GLY A 188 -35.12 -22.75 -7.57
CA GLY A 188 -35.47 -23.49 -6.40
C GLY A 188 -36.86 -23.06 -5.94
N TYR A 189 -36.99 -22.63 -4.67
CA TYR A 189 -38.29 -22.19 -4.12
C TYR A 189 -38.46 -20.73 -4.49
N MET A 190 -39.49 -20.42 -5.28
CA MET A 190 -39.74 -19.03 -5.73
C MET A 190 -41.12 -18.63 -5.24
N GLY A 191 -41.22 -17.50 -4.55
CA GLY A 191 -42.51 -17.04 -4.05
C GLY A 191 -42.56 -15.52 -3.95
N PRO A 192 -43.68 -14.93 -3.54
CA PRO A 192 -44.91 -15.59 -3.16
C PRO A 192 -45.75 -15.76 -4.42
N GLY A 193 -47.06 -15.92 -4.21
CA GLY A 193 -48.00 -16.09 -5.31
C GLY A 193 -48.80 -17.37 -5.13
N PHE A 194 -49.63 -17.75 -6.10
CA PHE A 194 -50.39 -18.99 -5.91
C PHE A 194 -49.75 -20.27 -6.44
N MET A 195 -48.70 -20.16 -7.24
CA MET A 195 -48.03 -21.37 -7.72
C MET A 195 -47.15 -21.87 -6.55
N TRP A 196 -46.68 -20.91 -5.75
CA TRP A 196 -45.86 -21.24 -4.60
C TRP A 196 -46.83 -21.74 -3.56
N GLU A 197 -48.01 -21.12 -3.50
CA GLU A 197 -49.00 -21.55 -2.52
C GLU A 197 -49.50 -22.93 -2.90
N ARG A 198 -49.58 -23.21 -4.20
CA ARG A 198 -50.02 -24.54 -4.61
C ARG A 198 -49.04 -25.61 -4.12
N GLN A 199 -47.76 -25.37 -4.34
CA GLN A 199 -46.73 -26.32 -3.90
C GLN A 199 -46.87 -26.54 -2.37
N VAL A 200 -46.95 -25.45 -1.62
CA VAL A 200 -47.07 -25.54 -0.18
C VAL A 200 -48.33 -26.31 0.25
N GLU A 201 -49.47 -25.98 -0.35
CA GLU A 201 -50.71 -26.64 0.02
C GLU A 201 -50.71 -28.13 -0.32
N LEU A 202 -50.26 -28.48 -1.53
CA LEU A 202 -50.28 -29.86 -1.97
C LEU A 202 -49.25 -30.73 -1.26
N GLN A 203 -48.08 -30.19 -0.94
CA GLN A 203 -47.14 -30.99 -0.16
C GLN A 203 -47.79 -31.27 1.23
N ALA A 204 -48.35 -30.24 1.86
CA ALA A 204 -49.00 -30.40 3.18
C ALA A 204 -50.08 -31.45 3.11
N LYS A 205 -50.85 -31.41 2.03
CA LYS A 205 -51.92 -32.39 1.84
C LYS A 205 -51.43 -33.87 1.79
N VAL A 206 -50.24 -34.14 1.26
CA VAL A 206 -49.78 -35.52 1.19
C VAL A 206 -49.55 -36.13 2.58
N GLY A 207 -49.08 -35.34 3.52
CA GLY A 207 -48.82 -35.88 4.85
C GLY A 207 -47.64 -36.84 4.91
N SER A 208 -46.61 -36.55 4.10
CA SER A 208 -45.44 -37.41 4.06
C SER A 208 -44.55 -36.99 5.21
N GLN A 209 -43.48 -37.74 5.46
CA GLN A 209 -42.59 -37.39 6.56
C GLN A 209 -41.75 -36.16 6.24
N TYR A 210 -41.75 -35.73 4.98
CA TYR A 210 -40.91 -34.61 4.57
C TYR A 210 -41.39 -33.23 4.90
N PHE A 211 -42.67 -33.12 5.21
CA PHE A 211 -43.22 -31.83 5.55
C PHE A 211 -44.34 -31.98 6.56
N SER A 212 -44.67 -30.87 7.18
CA SER A 212 -45.75 -30.77 8.13
C SER A 212 -47.04 -30.98 7.35
N THR A 213 -48.13 -31.30 8.04
CA THR A 213 -49.43 -31.45 7.37
C THR A 213 -50.14 -30.09 7.40
N ASP A 214 -49.55 -29.15 8.11
CA ASP A 214 -50.13 -27.79 8.21
C ASP A 214 -49.45 -26.91 7.17
N PRO A 215 -50.21 -26.47 6.17
CA PRO A 215 -49.68 -25.61 5.09
C PRO A 215 -48.85 -24.44 5.61
N LYS A 216 -49.31 -23.80 6.69
CA LYS A 216 -48.54 -22.67 7.17
C LYS A 216 -47.14 -23.08 7.60
N VAL A 217 -47.01 -24.24 8.23
CA VAL A 217 -45.70 -24.72 8.67
C VAL A 217 -44.87 -25.20 7.47
N VAL A 218 -45.55 -25.72 6.46
CA VAL A 218 -44.82 -26.22 5.31
C VAL A 218 -44.06 -25.08 4.71
N ALA A 219 -44.75 -23.97 4.50
CA ALA A 219 -44.11 -22.78 3.94
C ALA A 219 -42.86 -22.40 4.74
N GLN A 220 -42.96 -22.45 6.07
CA GLN A 220 -41.77 -22.08 6.86
C GLN A 220 -40.64 -23.12 6.72
N GLN A 221 -41.00 -24.38 6.60
CA GLN A 221 -40.01 -25.45 6.47
C GLN A 221 -39.30 -25.25 5.12
N MET A 222 -40.05 -24.96 4.08
CA MET A 222 -39.43 -24.74 2.79
C MET A 222 -38.47 -23.55 2.87
N ILE A 223 -38.93 -22.41 3.40
CA ILE A 223 -38.05 -21.25 3.49
C ILE A 223 -36.85 -21.57 4.41
N GLY A 224 -37.11 -22.35 5.44
CA GLY A 224 -36.06 -22.67 6.40
C GLY A 224 -34.98 -23.59 5.84
N SER A 225 -35.27 -24.26 4.73
CA SER A 225 -34.27 -25.16 4.11
C SER A 225 -33.38 -24.35 3.18
N VAL A 226 -33.72 -23.09 2.95
CA VAL A 226 -32.92 -22.21 2.07
C VAL A 226 -31.81 -21.48 2.88
N PRO A 227 -30.53 -21.61 2.45
CA PRO A 227 -29.52 -20.88 3.27
C PRO A 227 -29.80 -19.39 3.41
N MET A 228 -30.22 -18.74 2.32
CA MET A 228 -30.51 -17.33 2.41
C MET A 228 -31.78 -17.05 3.21
N ARG A 229 -32.43 -18.12 3.67
CA ARG A 229 -33.65 -18.09 4.48
C ARG A 229 -34.82 -17.21 3.96
N ARG A 230 -35.18 -17.42 2.70
CA ARG A 230 -36.25 -16.69 2.06
C ARG A 230 -36.47 -17.37 0.72
N TYR A 231 -37.70 -17.33 0.18
CA TYR A 231 -37.91 -17.91 -1.14
C TYR A 231 -37.39 -16.86 -2.13
N GLY A 232 -37.07 -17.29 -3.34
CA GLY A 232 -36.59 -16.31 -4.31
C GLY A 232 -37.74 -15.57 -5.00
N ASP A 233 -37.51 -14.31 -5.36
CA ASP A 233 -38.55 -13.58 -6.05
C ASP A 233 -38.46 -13.93 -7.53
N ILE A 234 -39.62 -14.06 -8.16
CA ILE A 234 -39.67 -14.37 -9.58
C ILE A 234 -38.81 -13.38 -10.36
N ASN A 235 -38.71 -12.13 -9.89
CA ASN A 235 -37.89 -11.19 -10.61
C ASN A 235 -36.40 -11.46 -10.45
N GLU A 236 -36.02 -12.46 -9.66
CA GLU A 236 -34.61 -12.83 -9.51
C GLU A 236 -34.25 -13.91 -10.53
N ILE A 237 -35.16 -14.16 -11.48
CA ILE A 237 -34.85 -15.14 -12.52
C ILE A 237 -34.51 -14.46 -13.85
N PRO A 238 -35.25 -13.41 -14.23
CA PRO A 238 -34.93 -12.78 -15.52
C PRO A 238 -33.49 -12.42 -15.85
N GLY A 239 -32.79 -11.83 -14.89
CA GLY A 239 -31.41 -11.45 -15.11
C GLY A 239 -30.50 -12.64 -15.44
N VAL A 240 -30.81 -13.81 -14.90
CA VAL A 240 -30.04 -15.03 -15.13
C VAL A 240 -30.24 -15.51 -16.60
N VAL A 241 -31.49 -15.55 -17.01
CA VAL A 241 -31.82 -15.91 -18.37
C VAL A 241 -31.11 -14.94 -19.32
N ALA A 242 -31.16 -13.66 -19.00
CA ALA A 242 -30.52 -12.68 -19.87
C ALA A 242 -28.99 -12.89 -19.89
N PHE A 243 -28.42 -13.23 -18.75
CA PHE A 243 -26.99 -13.47 -18.72
C PHE A 243 -26.69 -14.65 -19.69
N LEU A 244 -27.49 -15.71 -19.58
CA LEU A 244 -27.30 -16.91 -20.43
C LEU A 244 -27.53 -16.67 -21.96
N LEU A 245 -28.29 -15.64 -22.28
CA LEU A 245 -28.54 -15.31 -23.69
C LEU A 245 -27.52 -14.31 -24.23
N GLY A 246 -26.95 -13.49 -23.34
CA GLY A 246 -26.00 -12.48 -23.75
C GLY A 246 -24.53 -12.85 -23.92
N ASP A 247 -23.71 -11.90 -24.40
CA ASP A 247 -22.31 -12.22 -24.65
C ASP A 247 -21.39 -12.45 -23.48
N ASP A 248 -21.85 -12.16 -22.28
CA ASP A 248 -21.00 -12.40 -21.11
C ASP A 248 -20.88 -13.92 -20.85
N SER A 249 -21.82 -14.70 -21.36
CA SER A 249 -21.76 -16.14 -21.20
C SER A 249 -21.30 -16.78 -22.50
N SER A 250 -20.54 -16.02 -23.31
CA SER A 250 -20.10 -16.48 -24.64
C SER A 250 -19.37 -17.87 -24.76
N PHE A 251 -18.71 -18.30 -23.68
CA PHE A 251 -18.00 -19.60 -23.67
C PHE A 251 -18.71 -20.60 -22.78
N MET A 252 -20.00 -20.38 -22.56
CA MET A 252 -20.78 -21.28 -21.74
C MET A 252 -21.93 -21.92 -22.48
N THR A 253 -21.94 -23.26 -22.51
CA THR A 253 -23.04 -23.99 -23.16
C THR A 253 -23.10 -25.34 -22.49
N GLY A 254 -24.29 -25.93 -22.42
CA GLY A 254 -24.42 -27.20 -21.72
C GLY A 254 -24.43 -27.05 -20.18
N VAL A 255 -24.57 -25.83 -19.64
CA VAL A 255 -24.56 -25.66 -18.19
C VAL A 255 -25.97 -25.41 -17.64
N ASN A 256 -26.17 -25.78 -16.38
CA ASN A 256 -27.45 -25.60 -15.67
C ASN A 256 -27.14 -24.74 -14.42
N LEU A 257 -27.81 -23.58 -14.30
CA LEU A 257 -27.58 -22.68 -13.17
C LEU A 257 -28.66 -22.70 -12.08
N PRO A 258 -28.32 -23.20 -10.85
CA PRO A 258 -29.32 -23.22 -9.79
C PRO A 258 -29.57 -21.77 -9.38
N ILE A 259 -30.84 -21.41 -9.17
CA ILE A 259 -31.24 -20.07 -8.71
C ILE A 259 -32.09 -20.49 -7.54
N ALA A 260 -31.42 -20.83 -6.43
CA ALA A 260 -32.02 -21.43 -5.26
C ALA A 260 -31.70 -20.93 -3.86
N GLY A 261 -30.93 -19.87 -3.73
CA GLY A 261 -30.66 -19.39 -2.39
C GLY A 261 -29.62 -20.15 -1.54
N GLY A 262 -28.84 -21.05 -2.16
CA GLY A 262 -27.82 -21.81 -1.41
C GLY A 262 -27.89 -23.35 -1.26
N LYS B 3 -14.73 -67.95 0.39
CA LYS B 3 -14.08 -66.69 0.86
C LYS B 3 -13.33 -65.97 -0.28
N LYS B 4 -13.87 -64.88 -0.80
CA LYS B 4 -13.01 -64.28 -1.79
C LYS B 4 -12.01 -63.52 -0.95
N PHE B 5 -11.00 -62.97 -1.59
CA PHE B 5 -9.98 -62.19 -0.95
C PHE B 5 -8.94 -63.10 -0.34
N ASN B 6 -9.25 -64.39 -0.31
CA ASN B 6 -8.29 -65.35 0.17
C ASN B 6 -7.01 -65.07 -0.66
N GLY B 7 -5.87 -64.96 0.01
CA GLY B 7 -4.63 -64.66 -0.68
C GLY B 7 -4.33 -63.17 -0.82
N LYS B 8 -5.35 -62.33 -0.70
CA LYS B 8 -5.08 -60.90 -0.86
C LYS B 8 -4.52 -60.18 0.39
N VAL B 9 -3.91 -59.03 0.18
CA VAL B 9 -3.36 -58.27 1.31
C VAL B 9 -3.91 -56.84 1.18
N CYS B 10 -4.44 -56.30 2.27
CA CYS B 10 -4.93 -54.94 2.24
C CYS B 10 -4.24 -54.04 3.28
N LEU B 11 -3.75 -52.86 2.84
CA LEU B 11 -3.18 -51.92 3.78
C LEU B 11 -4.33 -51.00 4.16
N VAL B 12 -4.64 -50.90 5.46
CA VAL B 12 -5.72 -50.00 5.92
C VAL B 12 -5.09 -48.85 6.76
N THR B 13 -5.29 -47.57 6.37
CA THR B 13 -4.77 -46.49 7.21
C THR B 13 -5.93 -46.03 8.12
N GLY B 14 -5.57 -45.49 9.28
CA GLY B 14 -6.55 -45.08 10.29
C GLY B 14 -7.15 -46.36 10.87
N ALA B 15 -6.38 -47.45 10.78
CA ALA B 15 -6.86 -48.76 11.21
C ALA B 15 -7.22 -48.94 12.69
N GLY B 16 -6.75 -48.04 13.55
CA GLY B 16 -7.04 -48.13 14.95
C GLY B 16 -8.32 -47.35 15.22
N GLY B 17 -8.84 -46.68 14.20
CA GLY B 17 -10.07 -45.91 14.38
C GLY B 17 -11.32 -46.69 14.01
N ASN B 18 -12.48 -46.07 14.19
CA ASN B 18 -13.77 -46.72 13.97
C ASN B 18 -14.04 -47.47 12.66
N ILE B 19 -14.03 -46.71 11.58
CA ILE B 19 -14.34 -47.25 10.28
C ILE B 19 -13.18 -48.12 9.78
N GLY B 20 -11.97 -47.73 10.17
CA GLY B 20 -10.80 -48.47 9.76
C GLY B 20 -10.83 -49.85 10.37
N LEU B 21 -11.16 -49.95 11.66
CA LEU B 21 -11.18 -51.27 12.26
C LEU B 21 -12.31 -52.10 11.71
N ALA B 22 -13.48 -51.50 11.57
CA ALA B 22 -14.63 -52.26 11.08
C ALA B 22 -14.36 -52.84 9.70
N THR B 23 -13.74 -52.03 8.85
CA THR B 23 -13.48 -52.50 7.53
C THR B 23 -12.41 -53.60 7.51
N ALA B 24 -11.38 -53.45 8.36
CA ALA B 24 -10.30 -54.42 8.43
C ALA B 24 -10.87 -55.78 8.83
N LEU B 25 -11.79 -55.77 9.78
CA LEU B 25 -12.44 -57.01 10.27
C LEU B 25 -13.21 -57.69 9.16
N ARG B 26 -14.08 -56.94 8.46
CA ARG B 26 -14.88 -57.46 7.36
C ARG B 26 -13.96 -58.06 6.30
N LEU B 27 -12.91 -57.34 5.89
CA LEU B 27 -12.00 -57.89 4.89
C LEU B 27 -11.26 -59.12 5.43
N ALA B 28 -11.05 -59.19 6.74
CA ALA B 28 -10.38 -60.36 7.28
C ALA B 28 -11.36 -61.54 7.23
N GLU B 29 -12.64 -61.29 7.52
CA GLU B 29 -13.63 -62.37 7.46
C GLU B 29 -13.67 -62.95 6.05
N GLU B 30 -13.42 -62.09 5.05
CA GLU B 30 -13.41 -62.56 3.66
C GLU B 30 -12.10 -63.23 3.28
N GLY B 31 -11.15 -63.29 4.21
CA GLY B 31 -9.87 -63.93 3.94
C GLY B 31 -8.65 -63.05 3.71
N THR B 32 -8.78 -61.73 3.78
CA THR B 32 -7.60 -60.95 3.47
C THR B 32 -6.64 -60.65 4.63
N ALA B 33 -5.33 -60.78 4.38
CA ALA B 33 -4.29 -60.50 5.38
C ALA B 33 -4.32 -58.99 5.47
N ILE B 34 -4.16 -58.48 6.68
CA ILE B 34 -4.25 -57.06 6.95
C ILE B 34 -3.04 -56.31 7.52
N ALA B 35 -2.61 -55.23 6.83
CA ALA B 35 -1.53 -54.42 7.35
C ALA B 35 -2.23 -53.19 7.94
N LEU B 36 -2.14 -53.03 9.24
CA LEU B 36 -2.81 -51.89 9.87
C LEU B 36 -1.87 -50.76 10.07
N LEU B 37 -2.33 -49.58 9.68
CA LEU B 37 -1.51 -48.39 9.79
C LEU B 37 -2.29 -47.29 10.54
N ASP B 38 -1.66 -46.74 11.57
CA ASP B 38 -2.29 -45.65 12.34
C ASP B 38 -1.21 -44.91 13.13
N MET B 39 -1.43 -43.66 13.54
CA MET B 39 -0.38 -42.98 14.29
C MET B 39 -0.57 -43.29 15.76
N ASN B 40 -1.69 -43.90 16.11
CA ASN B 40 -2.00 -44.18 17.51
C ASN B 40 -1.66 -45.62 17.86
N ARG B 41 -0.55 -45.82 18.57
CA ARG B 41 -0.11 -47.17 18.90
C ARG B 41 -1.08 -47.94 19.77
N GLU B 42 -1.59 -47.32 20.81
CA GLU B 42 -2.54 -48.03 21.67
C GLU B 42 -3.73 -48.54 20.84
N ALA B 43 -4.25 -47.67 19.98
CA ALA B 43 -5.40 -48.07 19.19
C ALA B 43 -5.07 -49.19 18.20
N LEU B 44 -3.90 -49.07 17.56
CA LEU B 44 -3.48 -50.07 16.60
C LEU B 44 -3.40 -51.44 17.21
N GLU B 45 -2.77 -51.53 18.37
CA GLU B 45 -2.58 -52.81 18.99
C GLU B 45 -3.87 -53.50 19.39
N LYS B 46 -4.83 -52.74 19.88
CA LYS B 46 -6.11 -53.36 20.20
C LYS B 46 -6.73 -53.83 18.87
N ALA B 47 -6.67 -52.97 17.85
CA ALA B 47 -7.22 -53.36 16.55
C ALA B 47 -6.49 -54.58 15.94
N GLU B 48 -5.17 -54.62 16.02
CA GLU B 48 -4.50 -55.78 15.44
C GLU B 48 -4.93 -57.09 16.09
N ALA B 49 -5.14 -57.07 17.39
CA ALA B 49 -5.54 -58.31 18.05
C ALA B 49 -6.92 -58.73 17.59
N SER B 50 -7.83 -57.76 17.42
CA SER B 50 -9.18 -58.12 16.95
C SER B 50 -9.11 -58.72 15.55
N VAL B 51 -8.33 -58.10 14.67
CA VAL B 51 -8.21 -58.63 13.32
C VAL B 51 -7.65 -60.06 13.30
N ARG B 52 -6.63 -60.32 14.10
CA ARG B 52 -6.03 -61.66 14.08
C ARG B 52 -7.01 -62.75 14.52
N GLU B 53 -7.98 -62.35 15.33
CA GLU B 53 -9.04 -63.23 15.85
C GLU B 53 -9.82 -63.84 14.69
N LYS B 54 -9.83 -63.10 13.58
CA LYS B 54 -10.51 -63.54 12.37
C LYS B 54 -9.75 -64.64 11.63
N GLY B 55 -8.54 -64.96 12.07
CA GLY B 55 -7.89 -66.07 11.39
C GLY B 55 -7.02 -65.74 10.19
N VAL B 56 -6.58 -64.50 10.08
CA VAL B 56 -5.66 -64.14 9.01
C VAL B 56 -4.40 -63.52 9.65
N GLU B 57 -3.38 -63.40 8.83
CA GLU B 57 -2.14 -62.76 9.18
C GLU B 57 -2.51 -61.27 9.29
N ALA B 58 -1.95 -60.62 10.31
CA ALA B 58 -2.16 -59.22 10.57
C ALA B 58 -0.93 -58.64 11.25
N ARG B 59 -0.60 -57.41 10.87
CA ARG B 59 0.54 -56.70 11.40
C ARG B 59 0.24 -55.22 11.53
N SER B 60 0.92 -54.58 12.48
CA SER B 60 0.78 -53.14 12.78
C SER B 60 1.99 -52.31 12.47
N TYR B 61 1.73 -51.11 11.96
CA TYR B 61 2.75 -50.12 11.60
C TYR B 61 2.35 -48.71 12.17
N VAL B 62 3.12 -48.21 13.15
CA VAL B 62 2.86 -46.87 13.73
C VAL B 62 3.43 -45.87 12.71
N CYS B 63 2.57 -45.00 12.17
CA CYS B 63 3.02 -44.09 11.13
C CYS B 63 2.14 -42.84 11.06
N ASP B 64 2.77 -41.67 10.89
CA ASP B 64 2.06 -40.43 10.75
C ASP B 64 2.07 -40.17 9.23
N VAL B 65 0.90 -40.32 8.59
CA VAL B 65 0.85 -40.14 7.14
C VAL B 65 1.30 -38.74 6.69
N THR B 66 1.34 -37.75 7.57
CA THR B 66 1.81 -36.42 7.14
C THR B 66 3.32 -36.43 6.86
N SER B 67 4.03 -37.44 7.36
CA SER B 67 5.48 -37.59 7.07
C SER B 67 5.72 -38.53 5.86
N GLU B 68 6.04 -37.99 4.69
CA GLU B 68 6.26 -38.88 3.59
C GLU B 68 7.37 -39.88 3.86
N GLU B 69 8.42 -39.47 4.55
CA GLU B 69 9.52 -40.40 4.85
C GLU B 69 8.97 -41.56 5.69
N ALA B 70 8.10 -41.28 6.64
CA ALA B 70 7.52 -42.36 7.43
C ALA B 70 6.62 -43.26 6.58
N VAL B 71 5.82 -42.65 5.70
CA VAL B 71 4.94 -43.42 4.84
C VAL B 71 5.72 -44.36 3.88
N ILE B 72 6.76 -43.85 3.21
CA ILE B 72 7.55 -44.64 2.32
C ILE B 72 8.26 -45.79 3.06
N GLY B 73 8.73 -45.49 4.29
CA GLY B 73 9.40 -46.48 5.11
C GLY B 73 8.44 -47.59 5.45
N THR B 74 7.26 -47.18 5.90
CA THR B 74 6.25 -48.13 6.27
C THR B 74 5.78 -48.99 5.12
N VAL B 75 5.54 -48.37 3.97
CA VAL B 75 5.07 -49.13 2.85
C VAL B 75 6.10 -50.19 2.49
N ASP B 76 7.35 -49.80 2.44
CA ASP B 76 8.40 -50.78 2.14
C ASP B 76 8.38 -51.96 3.12
N SER B 77 8.17 -51.67 4.40
CA SER B 77 8.11 -52.75 5.40
C SER B 77 6.91 -53.62 5.12
N VAL B 78 5.76 -53.01 4.76
CA VAL B 78 4.54 -53.79 4.48
C VAL B 78 4.86 -54.78 3.34
N VAL B 79 5.52 -54.27 2.31
CA VAL B 79 5.88 -55.13 1.16
C VAL B 79 6.85 -56.25 1.62
N ARG B 80 7.85 -55.91 2.43
CA ARG B 80 8.79 -56.92 2.91
C ARG B 80 8.05 -58.00 3.72
N ASP B 81 7.09 -57.58 4.53
CA ASP B 81 6.36 -58.54 5.35
C ASP B 81 5.30 -59.36 4.64
N PHE B 82 4.55 -58.76 3.74
CA PHE B 82 3.45 -59.45 3.07
C PHE B 82 3.75 -59.82 1.62
N GLY B 83 4.79 -59.24 1.03
CA GLY B 83 5.13 -59.58 -0.34
C GLY B 83 4.44 -58.75 -1.42
N LYS B 84 3.30 -58.14 -1.08
CA LYS B 84 2.53 -57.33 -2.02
C LYS B 84 1.51 -56.57 -1.23
N ILE B 85 0.81 -55.69 -1.95
CA ILE B 85 -0.27 -54.94 -1.34
C ILE B 85 -1.30 -54.94 -2.46
N ASP B 86 -2.36 -55.71 -2.28
CA ASP B 86 -3.37 -55.74 -3.32
C ASP B 86 -4.40 -54.65 -3.19
N PHE B 87 -4.80 -54.42 -1.95
CA PHE B 87 -5.86 -53.44 -1.63
C PHE B 87 -5.36 -52.34 -0.70
N LEU B 88 -5.90 -51.13 -0.87
CA LEU B 88 -5.60 -50.01 -0.02
C LEU B 88 -6.91 -49.32 0.37
N PHE B 89 -7.12 -49.17 1.68
CA PHE B 89 -8.28 -48.42 2.19
C PHE B 89 -7.54 -47.23 2.81
N ASN B 90 -7.57 -46.12 2.07
CA ASN B 90 -6.86 -44.87 2.37
C ASN B 90 -7.83 -44.09 3.20
N ASN B 91 -7.75 -44.28 4.51
CA ASN B 91 -8.81 -43.82 5.41
C ASN B 91 -8.53 -42.92 6.62
N ALA B 92 -7.26 -42.80 7.01
CA ALA B 92 -6.89 -41.97 8.13
C ALA B 92 -7.45 -40.56 7.91
N GLY B 93 -7.98 -39.94 8.96
CA GLY B 93 -8.54 -38.60 8.77
C GLY B 93 -8.71 -37.87 10.08
N TYR B 94 -8.88 -36.55 9.98
CA TYR B 94 -9.08 -35.71 11.15
C TYR B 94 -10.33 -34.89 10.90
N GLN B 95 -11.23 -34.82 11.88
CA GLN B 95 -12.50 -34.09 11.69
C GLN B 95 -12.44 -32.56 11.60
N GLY B 96 -11.42 -31.94 12.19
CA GLY B 96 -11.27 -30.48 12.16
C GLY B 96 -12.13 -29.75 13.19
N ALA B 97 -11.92 -28.45 13.36
CA ALA B 97 -12.78 -27.70 14.29
C ALA B 97 -14.12 -27.43 13.60
N PHE B 98 -15.06 -26.87 14.37
CA PHE B 98 -16.35 -26.44 13.86
C PHE B 98 -16.54 -24.97 14.20
N ALA B 99 -16.52 -24.12 13.19
CA ALA B 99 -16.67 -22.70 13.37
C ALA B 99 -17.04 -22.18 12.02
N PRO B 100 -17.78 -21.06 11.93
CA PRO B 100 -18.17 -20.48 10.62
C PRO B 100 -16.87 -19.96 10.01
N VAL B 101 -16.85 -19.81 8.69
CA VAL B 101 -15.62 -19.49 8.02
C VAL B 101 -14.87 -18.24 8.49
N GLN B 102 -15.61 -17.17 8.76
CA GLN B 102 -14.97 -15.92 9.24
C GLN B 102 -14.17 -16.07 10.56
N ASP B 103 -14.44 -17.13 11.31
CA ASP B 103 -13.77 -17.36 12.58
C ASP B 103 -13.03 -18.72 12.62
N TYR B 104 -12.85 -19.34 11.46
CA TYR B 104 -12.26 -20.66 11.44
C TYR B 104 -10.78 -20.59 11.75
N PRO B 105 -10.33 -21.35 12.75
CA PRO B 105 -8.92 -21.37 13.16
C PRO B 105 -8.01 -21.66 11.97
N SER B 106 -7.19 -20.71 11.64
CA SER B 106 -6.34 -20.89 10.49
C SER B 106 -5.31 -22.01 10.57
N ASP B 107 -4.75 -22.23 11.76
CA ASP B 107 -3.78 -23.28 11.88
C ASP B 107 -4.48 -24.63 11.71
N ASP B 108 -5.69 -24.74 12.23
CA ASP B 108 -6.45 -25.98 12.10
C ASP B 108 -6.78 -26.23 10.64
N PHE B 109 -7.02 -25.16 9.91
CA PHE B 109 -7.39 -25.32 8.52
C PHE B 109 -6.27 -25.99 7.76
N ALA B 110 -5.04 -25.57 8.01
CA ALA B 110 -3.89 -26.15 7.31
C ALA B 110 -3.65 -27.57 7.79
N ARG B 111 -3.94 -27.80 9.06
CA ARG B 111 -3.75 -29.12 9.65
C ARG B 111 -4.70 -30.18 9.01
N VAL B 112 -5.98 -29.82 8.90
CA VAL B 112 -7.00 -30.68 8.26
C VAL B 112 -6.53 -31.01 6.84
N LEU B 113 -6.12 -30.01 6.08
CA LEU B 113 -5.69 -30.28 4.72
C LEU B 113 -4.47 -31.17 4.68
N THR B 114 -3.50 -30.96 5.56
CA THR B 114 -2.27 -31.78 5.55
C THR B 114 -2.48 -33.26 5.85
N ILE B 115 -3.31 -33.54 6.84
CA ILE B 115 -3.62 -34.93 7.19
C ILE B 115 -4.59 -35.59 6.19
N ASN B 116 -5.68 -34.89 5.88
CA ASN B 116 -6.70 -35.45 4.98
C ASN B 116 -6.36 -35.48 3.51
N VAL B 117 -5.61 -34.51 3.02
CA VAL B 117 -5.25 -34.49 1.59
C VAL B 117 -3.79 -34.86 1.33
N THR B 118 -2.86 -34.13 1.89
CA THR B 118 -1.46 -34.45 1.67
C THR B 118 -1.09 -35.84 2.23
N GLY B 119 -1.50 -36.16 3.44
CA GLY B 119 -1.19 -37.47 4.01
C GLY B 119 -1.82 -38.59 3.12
N ALA B 120 -3.10 -38.42 2.78
CA ALA B 120 -3.84 -39.37 1.92
C ALA B 120 -3.04 -39.51 0.62
N PHE B 121 -2.54 -38.39 0.11
CA PHE B 121 -1.74 -38.42 -1.13
C PHE B 121 -0.39 -39.16 -0.95
N HIS B 122 0.26 -38.96 0.19
CA HIS B 122 1.55 -39.64 0.47
C HIS B 122 1.34 -41.15 0.38
N VAL B 123 0.28 -41.63 1.02
CA VAL B 123 -0.03 -43.06 1.01
C VAL B 123 -0.40 -43.59 -0.38
N LEU B 124 -1.26 -42.84 -1.08
CA LEU B 124 -1.67 -43.21 -2.43
C LEU B 124 -0.45 -43.33 -3.38
N LYS B 125 0.44 -42.37 -3.33
CA LYS B 125 1.61 -42.36 -4.19
C LYS B 125 2.50 -43.59 -3.90
N ALA B 126 2.96 -43.74 -2.65
CA ALA B 126 3.84 -44.85 -2.31
C ALA B 126 3.23 -46.21 -2.67
N VAL B 127 1.97 -46.40 -2.30
CA VAL B 127 1.25 -47.66 -2.58
C VAL B 127 0.99 -47.91 -4.08
N SER B 128 0.64 -46.88 -4.84
CA SER B 128 0.38 -47.10 -6.27
C SER B 128 1.69 -47.48 -6.98
N ARG B 129 2.82 -46.97 -6.47
CA ARG B 129 4.11 -47.37 -7.08
C ARG B 129 4.23 -48.90 -6.96
N GLN B 130 3.90 -49.45 -5.81
CA GLN B 130 3.96 -50.91 -5.63
C GLN B 130 2.90 -51.62 -6.52
N MET B 131 1.69 -51.08 -6.56
CA MET B 131 0.66 -51.69 -7.39
C MET B 131 1.02 -51.66 -8.87
N ILE B 132 1.75 -50.66 -9.32
CA ILE B 132 2.17 -50.62 -10.73
C ILE B 132 3.17 -51.80 -10.92
N THR B 133 4.08 -51.97 -9.99
CA THR B 133 5.02 -53.08 -10.12
C THR B 133 4.26 -54.40 -10.29
N GLN B 134 3.12 -54.55 -9.62
CA GLN B 134 2.31 -55.76 -9.69
C GLN B 134 1.35 -55.86 -10.86
N ASN B 135 1.16 -54.74 -11.54
CA ASN B 135 0.10 -54.62 -12.56
C ASN B 135 -1.21 -55.10 -11.93
N TYR B 136 -1.45 -54.66 -10.70
CA TYR B 136 -2.68 -54.98 -9.98
C TYR B 136 -2.84 -54.14 -8.71
N GLY B 137 -4.02 -53.54 -8.56
CA GLY B 137 -4.27 -52.76 -7.36
C GLY B 137 -5.69 -52.26 -7.28
N ARG B 138 -6.28 -52.23 -6.07
CA ARG B 138 -7.64 -51.64 -5.97
C ARG B 138 -7.56 -50.74 -4.74
N ILE B 139 -7.96 -49.48 -4.94
CA ILE B 139 -7.90 -48.48 -3.92
C ILE B 139 -9.27 -47.84 -3.60
N VAL B 140 -9.53 -47.61 -2.32
CA VAL B 140 -10.76 -46.91 -1.92
C VAL B 140 -10.32 -45.76 -0.98
N ASN B 141 -10.62 -44.52 -1.36
CA ASN B 141 -10.29 -43.35 -0.54
C ASN B 141 -11.55 -42.99 0.27
N THR B 142 -11.38 -42.62 1.54
CA THR B 142 -12.55 -42.26 2.35
C THR B 142 -12.79 -40.80 2.13
N ALA B 143 -13.86 -40.45 1.43
CA ALA B 143 -14.15 -39.01 1.28
C ALA B 143 -15.23 -38.70 2.36
N SER B 144 -16.36 -38.10 1.96
CA SER B 144 -17.41 -37.76 2.92
C SER B 144 -18.50 -37.00 2.21
N MET B 145 -19.72 -37.05 2.76
CA MET B 145 -20.81 -36.25 2.17
C MET B 145 -20.39 -34.75 2.27
N ALA B 146 -19.53 -34.43 3.24
CA ALA B 146 -19.01 -33.08 3.42
C ALA B 146 -18.26 -32.61 2.18
N GLY B 147 -17.62 -33.52 1.45
CA GLY B 147 -16.91 -33.13 0.22
C GLY B 147 -17.86 -33.08 -0.98
N VAL B 148 -18.99 -33.78 -0.88
CA VAL B 148 -20.01 -33.77 -1.97
C VAL B 148 -20.76 -32.40 -1.95
N LYS B 149 -21.03 -31.89 -0.76
CA LYS B 149 -21.61 -30.54 -0.62
C LYS B 149 -21.05 -29.99 0.68
N GLY B 150 -20.38 -28.85 0.60
CA GLY B 150 -19.79 -28.31 1.82
C GLY B 150 -20.78 -28.00 2.92
N PRO B 151 -20.56 -28.51 4.16
CA PRO B 151 -21.49 -28.23 5.26
C PRO B 151 -21.13 -26.95 5.95
N PRO B 152 -22.09 -26.44 6.74
CA PRO B 152 -21.91 -25.20 7.52
C PRO B 152 -20.91 -25.52 8.63
N ASN B 153 -20.05 -24.52 8.92
CA ASN B 153 -19.04 -24.59 9.96
C ASN B 153 -17.94 -25.64 9.79
N MET B 154 -17.80 -26.15 8.58
CA MET B 154 -16.79 -27.19 8.38
C MET B 154 -15.97 -26.83 7.19
N ALA B 155 -15.58 -25.58 7.10
CA ALA B 155 -14.77 -25.11 5.99
C ALA B 155 -13.61 -26.01 5.56
N ALA B 156 -12.69 -26.30 6.49
CA ALA B 156 -11.54 -27.12 6.17
C ALA B 156 -11.88 -28.59 5.86
N TYR B 157 -12.69 -29.24 6.70
CA TYR B 157 -13.04 -30.64 6.46
C TYR B 157 -13.73 -30.86 5.09
N GLY B 158 -14.74 -30.05 4.80
CA GLY B 158 -15.45 -30.17 3.53
C GLY B 158 -14.51 -29.94 2.35
N THR B 159 -13.63 -28.95 2.43
CA THR B 159 -12.68 -28.71 1.36
C THR B 159 -11.69 -29.90 1.22
N SER B 160 -11.23 -30.47 2.34
CA SER B 160 -10.34 -31.62 2.29
C SER B 160 -11.02 -32.83 1.60
N LYS B 161 -12.30 -33.04 1.82
CA LYS B 161 -12.96 -34.20 1.19
C LYS B 161 -13.39 -33.93 -0.25
N GLY B 162 -13.55 -32.65 -0.57
CA GLY B 162 -13.86 -32.24 -1.94
C GLY B 162 -12.54 -32.46 -2.70
N ALA B 163 -11.41 -32.24 -2.03
CA ALA B 163 -10.14 -32.49 -2.65
C ALA B 163 -9.98 -34.03 -2.89
N ILE B 164 -10.37 -34.82 -1.91
CA ILE B 164 -10.23 -36.28 -2.05
C ILE B 164 -11.05 -36.81 -3.22
N ILE B 165 -12.22 -36.22 -3.44
CA ILE B 165 -13.05 -36.66 -4.55
C ILE B 165 -12.36 -36.39 -5.88
N ALA B 166 -11.83 -35.18 -6.11
CA ALA B 166 -11.10 -34.91 -7.35
C ALA B 166 -9.82 -35.76 -7.49
N LEU B 167 -9.09 -35.92 -6.38
CA LEU B 167 -7.85 -36.71 -6.40
C LEU B 167 -8.14 -38.15 -6.81
N THR B 168 -9.26 -38.66 -6.31
CA THR B 168 -9.69 -40.02 -6.66
C THR B 168 -9.89 -40.08 -8.17
N GLU B 169 -10.45 -39.03 -8.77
CA GLU B 169 -10.70 -39.02 -10.22
C GLU B 169 -9.38 -39.00 -10.98
N THR B 170 -8.47 -38.10 -10.57
CA THR B 170 -7.18 -38.03 -11.22
C THR B 170 -6.39 -39.36 -11.07
N ALA B 171 -6.40 -39.92 -9.87
CA ALA B 171 -5.66 -41.17 -9.65
C ALA B 171 -6.23 -42.29 -10.54
N ALA B 172 -7.55 -42.37 -10.65
CA ALA B 172 -8.21 -43.38 -11.47
C ALA B 172 -7.68 -43.26 -12.93
N LEU B 173 -7.62 -42.06 -13.44
CA LEU B 173 -7.12 -41.85 -14.78
C LEU B 173 -5.65 -42.26 -14.91
N ASP B 174 -4.84 -41.80 -13.96
CA ASP B 174 -3.39 -42.05 -13.99
C ASP B 174 -3.01 -43.53 -13.91
N LEU B 175 -3.75 -44.23 -13.05
CA LEU B 175 -3.45 -45.63 -12.79
C LEU B 175 -4.20 -46.72 -13.59
N ALA B 176 -5.28 -46.35 -14.31
CA ALA B 176 -6.04 -47.31 -15.14
C ALA B 176 -5.16 -48.18 -16.03
N PRO B 177 -4.10 -47.61 -16.64
CA PRO B 177 -3.28 -48.48 -17.52
C PRO B 177 -2.55 -49.66 -16.91
N TYR B 178 -2.48 -49.69 -15.59
CA TYR B 178 -1.75 -50.73 -14.88
C TYR B 178 -2.64 -51.68 -14.10
N ASN B 179 -3.90 -51.80 -14.53
CA ASN B 179 -4.85 -52.65 -13.87
C ASN B 179 -5.08 -52.26 -12.41
N ILE B 180 -5.23 -50.95 -12.18
CA ILE B 180 -5.48 -50.44 -10.86
C ILE B 180 -6.79 -49.68 -10.97
N ARG B 181 -7.69 -49.81 -9.99
CA ARG B 181 -8.90 -49.02 -9.97
C ARG B 181 -8.82 -48.17 -8.69
N VAL B 182 -9.45 -47.00 -8.75
CA VAL B 182 -9.44 -46.06 -7.63
C VAL B 182 -10.83 -45.46 -7.47
N ASN B 183 -11.45 -45.72 -6.32
CA ASN B 183 -12.79 -45.19 -6.05
C ASN B 183 -12.84 -44.58 -4.65
N ALA B 184 -13.95 -43.95 -4.33
CA ALA B 184 -14.11 -43.34 -3.01
C ALA B 184 -15.45 -43.68 -2.45
N ILE B 185 -15.58 -43.56 -1.14
CA ILE B 185 -16.86 -43.71 -0.47
C ILE B 185 -17.11 -42.36 0.24
N SER B 186 -18.38 -41.98 0.44
CA SER B 186 -18.67 -40.69 1.08
C SER B 186 -19.76 -40.89 2.12
N PRO B 187 -19.35 -41.31 3.31
CA PRO B 187 -20.27 -41.54 4.41
C PRO B 187 -20.99 -40.25 4.79
N GLY B 188 -22.26 -40.36 5.20
CA GLY B 188 -23.04 -39.21 5.64
C GLY B 188 -23.03 -39.26 7.16
N TYR B 189 -24.20 -39.13 7.81
CA TYR B 189 -24.22 -39.17 9.29
C TYR B 189 -24.08 -40.63 9.78
N MET B 190 -23.02 -40.93 10.53
CA MET B 190 -22.78 -42.29 11.04
C MET B 190 -22.74 -42.25 12.57
N GLY B 191 -23.34 -43.22 13.25
CA GLY B 191 -23.35 -43.17 14.72
C GLY B 191 -23.69 -44.51 15.36
N PRO B 192 -23.61 -44.64 16.69
CA PRO B 192 -23.22 -43.69 17.75
C PRO B 192 -21.70 -43.53 17.96
N GLY B 193 -21.31 -43.06 19.16
CA GLY B 193 -19.89 -42.88 19.51
C GLY B 193 -19.44 -41.42 19.63
N PHE B 194 -18.25 -41.12 20.16
CA PHE B 194 -17.94 -39.70 20.26
C PHE B 194 -17.59 -38.95 18.96
N MET B 195 -17.33 -39.63 17.85
CA MET B 195 -17.12 -38.88 16.63
C MET B 195 -18.50 -38.32 16.19
N TRP B 196 -19.54 -39.11 16.44
CA TRP B 196 -20.90 -38.69 16.13
C TRP B 196 -21.21 -37.65 17.19
N GLU B 197 -20.81 -37.93 18.43
CA GLU B 197 -21.10 -37.01 19.53
C GLU B 197 -20.33 -35.69 19.39
N ARG B 198 -19.08 -35.76 18.97
CA ARG B 198 -18.25 -34.56 18.78
C ARG B 198 -18.94 -33.62 17.79
N GLN B 199 -19.42 -34.17 16.68
CA GLN B 199 -20.12 -33.40 15.66
C GLN B 199 -21.42 -32.76 16.20
N VAL B 200 -22.26 -33.53 16.87
CA VAL B 200 -23.49 -32.97 17.42
C VAL B 200 -23.15 -31.82 18.36
N GLU B 201 -22.24 -32.14 19.27
CA GLU B 201 -21.75 -31.23 20.30
C GLU B 201 -21.10 -29.99 19.69
N LEU B 202 -20.11 -30.18 18.83
CA LEU B 202 -19.46 -28.98 18.26
C LEU B 202 -20.35 -28.15 17.32
N GLN B 203 -21.26 -28.81 16.59
CA GLN B 203 -22.17 -28.03 15.77
C GLN B 203 -23.08 -27.25 16.71
N ALA B 204 -23.60 -27.87 17.74
CA ALA B 204 -24.46 -27.15 18.67
C ALA B 204 -23.73 -25.93 19.24
N LYS B 205 -22.45 -26.09 19.60
CA LYS B 205 -21.67 -25.01 20.15
C LYS B 205 -21.53 -23.72 19.30
N VAL B 206 -21.58 -23.84 17.98
CA VAL B 206 -21.41 -22.68 17.14
C VAL B 206 -22.53 -21.65 17.23
N GLY B 207 -23.74 -22.09 17.47
CA GLY B 207 -24.83 -21.13 17.53
C GLY B 207 -25.18 -20.61 16.15
N SER B 208 -24.92 -21.38 15.08
CA SER B 208 -25.28 -20.91 13.74
C SER B 208 -26.79 -21.12 13.47
N GLN B 209 -27.28 -20.59 12.36
CA GLN B 209 -28.70 -20.74 12.02
C GLN B 209 -29.05 -22.16 11.58
N TYR B 210 -28.04 -22.98 11.30
CA TYR B 210 -28.27 -24.33 10.80
C TYR B 210 -28.58 -25.39 11.81
N PHE B 211 -28.27 -25.13 13.08
CA PHE B 211 -28.57 -26.11 14.12
C PHE B 211 -28.92 -25.44 15.43
N SER B 212 -29.68 -26.17 16.24
CA SER B 212 -30.02 -25.67 17.56
C SER B 212 -28.73 -25.61 18.39
N THR B 213 -28.82 -24.86 19.47
CA THR B 213 -27.73 -24.75 20.37
C THR B 213 -27.86 -25.92 21.39
N ASP B 214 -29.00 -26.60 21.34
CA ASP B 214 -29.30 -27.74 22.20
C ASP B 214 -28.92 -29.01 21.43
N PRO B 215 -27.94 -29.77 21.95
CA PRO B 215 -27.41 -31.01 21.39
C PRO B 215 -28.41 -32.11 21.10
N LYS B 216 -29.48 -32.18 21.90
CA LYS B 216 -30.51 -33.20 21.70
C LYS B 216 -31.27 -32.84 20.47
N VAL B 217 -31.54 -31.54 20.32
CA VAL B 217 -32.24 -31.06 19.13
C VAL B 217 -31.35 -31.18 17.88
N VAL B 218 -30.04 -30.98 18.03
CA VAL B 218 -29.13 -31.09 16.88
C VAL B 218 -29.09 -32.55 16.35
N ALA B 219 -29.02 -33.52 17.24
CA ALA B 219 -29.02 -34.91 16.80
C ALA B 219 -30.35 -35.20 16.11
N GLN B 220 -31.43 -34.59 16.59
CA GLN B 220 -32.71 -34.80 15.94
C GLN B 220 -32.69 -34.16 14.56
N GLN B 221 -32.21 -32.92 14.49
CA GLN B 221 -32.14 -32.22 13.22
C GLN B 221 -31.28 -33.00 12.25
N MET B 222 -30.16 -33.57 12.72
CA MET B 222 -29.34 -34.33 11.80
C MET B 222 -30.04 -35.61 11.31
N ILE B 223 -30.49 -36.45 12.23
CA ILE B 223 -31.17 -37.67 11.85
C ILE B 223 -32.43 -37.30 11.03
N GLY B 224 -33.06 -36.18 11.35
CA GLY B 224 -34.27 -35.75 10.66
C GLY B 224 -34.04 -35.28 9.25
N SER B 225 -32.77 -35.12 8.86
CA SER B 225 -32.46 -34.68 7.51
C SER B 225 -32.19 -35.89 6.62
N VAL B 226 -32.07 -37.06 7.25
CA VAL B 226 -31.83 -38.33 6.54
C VAL B 226 -33.16 -38.98 6.10
N PRO B 227 -33.38 -39.21 4.80
CA PRO B 227 -34.63 -39.85 4.33
C PRO B 227 -34.94 -41.17 5.08
N MET B 228 -33.90 -41.93 5.43
CA MET B 228 -34.14 -43.18 6.16
C MET B 228 -34.36 -42.93 7.63
N ARG B 229 -34.28 -41.66 8.02
CA ARG B 229 -34.54 -41.24 9.38
C ARG B 229 -33.75 -41.93 10.50
N ARG B 230 -32.47 -42.20 10.28
CA ARG B 230 -31.60 -42.80 11.28
C ARG B 230 -30.19 -42.53 10.81
N TYR B 231 -29.20 -42.46 11.69
CA TYR B 231 -27.85 -42.31 11.15
C TYR B 231 -27.43 -43.70 10.71
N GLY B 232 -26.34 -43.81 9.96
CA GLY B 232 -25.93 -45.14 9.53
C GLY B 232 -25.05 -45.84 10.58
N ASP B 233 -25.07 -47.16 10.62
CA ASP B 233 -24.15 -47.79 11.55
C ASP B 233 -22.76 -47.84 10.87
N ILE B 234 -21.69 -47.76 11.65
CA ILE B 234 -20.32 -47.84 11.11
C ILE B 234 -20.19 -49.16 10.31
N ASN B 235 -20.86 -50.20 10.81
CA ASN B 235 -20.81 -51.46 10.11
C ASN B 235 -21.53 -51.52 8.73
N GLU B 236 -22.17 -50.42 8.34
CA GLU B 236 -22.81 -50.40 7.03
C GLU B 236 -21.84 -49.81 6.00
N ILE B 237 -20.56 -49.65 6.37
CA ILE B 237 -19.51 -49.14 5.47
C ILE B 237 -18.57 -50.23 4.88
N PRO B 238 -18.10 -51.18 5.71
CA PRO B 238 -17.20 -52.25 5.23
C PRO B 238 -17.63 -52.97 3.97
N GLY B 239 -18.91 -53.33 3.90
CA GLY B 239 -19.40 -54.03 2.73
C GLY B 239 -19.21 -53.21 1.44
N VAL B 240 -19.34 -51.89 1.55
CA VAL B 240 -19.22 -50.99 0.38
C VAL B 240 -17.77 -50.95 -0.07
N VAL B 241 -16.87 -50.89 0.93
CA VAL B 241 -15.46 -50.89 0.64
C VAL B 241 -15.10 -52.22 -0.04
N ALA B 242 -15.60 -53.33 0.51
CA ALA B 242 -15.31 -54.65 -0.07
C ALA B 242 -15.83 -54.73 -1.50
N PHE B 243 -17.04 -54.23 -1.71
CA PHE B 243 -17.58 -54.25 -3.07
C PHE B 243 -16.65 -53.50 -4.04
N LEU B 244 -16.16 -52.32 -3.65
CA LEU B 244 -15.28 -51.52 -4.54
C LEU B 244 -13.87 -52.13 -4.72
N LEU B 245 -13.46 -52.98 -3.79
CA LEU B 245 -12.17 -53.66 -3.93
C LEU B 245 -12.29 -54.96 -4.77
N GLY B 246 -13.43 -55.63 -4.69
CA GLY B 246 -13.63 -56.90 -5.39
C GLY B 246 -14.01 -56.86 -6.87
N ASP B 247 -14.15 -58.03 -7.48
CA ASP B 247 -14.46 -58.06 -8.91
C ASP B 247 -15.87 -57.68 -9.35
N ASP B 248 -16.80 -57.47 -8.41
CA ASP B 248 -18.11 -57.10 -8.87
C ASP B 248 -18.06 -55.64 -9.35
N SER B 249 -17.00 -54.91 -8.97
CA SER B 249 -16.85 -53.53 -9.46
C SER B 249 -15.77 -53.42 -10.55
N SER B 250 -15.47 -54.54 -11.22
CA SER B 250 -14.40 -54.58 -12.26
C SER B 250 -14.45 -53.50 -13.34
N PHE B 251 -15.61 -52.99 -13.71
CA PHE B 251 -15.63 -51.91 -14.70
C PHE B 251 -15.94 -50.54 -14.07
N MET B 252 -15.62 -50.37 -12.78
CA MET B 252 -15.86 -49.07 -12.11
C MET B 252 -14.58 -48.48 -11.52
N THR B 253 -14.28 -47.23 -11.85
CA THR B 253 -13.08 -46.60 -11.30
C THR B 253 -13.38 -45.13 -11.43
N GLY B 254 -12.81 -44.35 -10.54
CA GLY B 254 -13.11 -42.94 -10.59
C GLY B 254 -14.47 -42.55 -10.02
N VAL B 255 -15.19 -43.47 -9.39
CA VAL B 255 -16.50 -43.12 -8.85
C VAL B 255 -16.52 -42.87 -7.34
N ASN B 256 -17.55 -42.15 -6.90
CA ASN B 256 -17.69 -41.85 -5.48
C ASN B 256 -19.05 -42.33 -5.01
N LEU B 257 -19.05 -43.21 -3.99
CA LEU B 257 -20.32 -43.76 -3.48
C LEU B 257 -20.85 -43.15 -2.17
N PRO B 258 -22.01 -42.46 -2.22
CA PRO B 258 -22.57 -41.87 -1.00
C PRO B 258 -23.12 -43.03 -0.14
N ILE B 259 -22.83 -43.04 1.15
CA ILE B 259 -23.34 -44.04 2.10
C ILE B 259 -24.00 -43.08 3.09
N ALA B 260 -25.22 -42.61 2.75
CA ALA B 260 -25.87 -41.55 3.52
C ALA B 260 -27.34 -41.63 3.87
N GLY B 261 -28.00 -42.74 3.55
CA GLY B 261 -29.41 -42.84 3.85
C GLY B 261 -30.44 -42.08 2.99
N GLY B 262 -30.04 -41.53 1.84
CA GLY B 262 -30.96 -40.82 0.96
C GLY B 262 -30.64 -39.34 0.69
N LYS C 3 -23.60 -67.76 -0.07
CA LYS C 3 -24.67 -67.75 -1.12
C LYS C 3 -25.99 -67.20 -0.60
N LYS C 4 -26.14 -65.88 -0.59
CA LYS C 4 -27.37 -65.34 -0.09
C LYS C 4 -28.41 -65.20 -1.17
N PHE C 5 -29.55 -64.71 -0.76
CA PHE C 5 -30.68 -64.50 -1.60
C PHE C 5 -31.55 -65.75 -1.58
N ASN C 6 -31.23 -66.74 -0.73
CA ASN C 6 -32.10 -67.92 -0.66
C ASN C 6 -33.39 -67.45 -0.07
N GLY C 7 -34.49 -67.80 -0.73
CA GLY C 7 -35.80 -67.37 -0.28
C GLY C 7 -36.22 -66.05 -0.90
N LYS C 8 -35.31 -65.37 -1.61
CA LYS C 8 -35.67 -64.08 -2.19
C LYS C 8 -36.39 -64.18 -3.55
N VAL C 9 -37.23 -63.22 -3.85
CA VAL C 9 -37.94 -63.23 -5.13
C VAL C 9 -37.61 -61.93 -5.89
N CYS C 10 -37.03 -62.05 -7.08
CA CYS C 10 -36.70 -60.87 -7.91
C CYS C 10 -37.48 -60.80 -9.25
N LEU C 11 -38.17 -59.68 -9.46
CA LEU C 11 -38.90 -59.44 -10.71
C LEU C 11 -37.88 -58.66 -11.56
N VAL C 12 -37.53 -59.22 -12.73
CA VAL C 12 -36.59 -58.58 -13.65
C VAL C 12 -37.35 -58.16 -14.96
N THR C 13 -37.38 -56.86 -15.30
CA THR C 13 -38.03 -56.46 -16.54
C THR C 13 -36.95 -56.46 -17.63
N GLY C 14 -37.33 -56.65 -18.88
CA GLY C 14 -36.33 -56.77 -19.93
C GLY C 14 -35.52 -58.06 -19.77
N ALA C 15 -36.03 -59.03 -19.02
CA ALA C 15 -35.33 -60.27 -18.76
C ALA C 15 -34.87 -61.09 -19.95
N GLY C 16 -35.51 -60.92 -21.10
CA GLY C 16 -35.08 -61.66 -22.26
C GLY C 16 -33.84 -61.04 -22.83
N GLY C 17 -33.61 -59.77 -22.48
CA GLY C 17 -32.45 -59.03 -22.97
C GLY C 17 -31.07 -59.37 -22.39
N ASN C 18 -30.00 -58.78 -22.90
CA ASN C 18 -28.67 -59.16 -22.42
C ASN C 18 -28.32 -58.87 -20.94
N ILE C 19 -28.51 -57.63 -20.52
CA ILE C 19 -28.20 -57.24 -19.13
C ILE C 19 -29.21 -57.92 -18.17
N GLY C 20 -30.44 -58.01 -18.65
CA GLY C 20 -31.51 -58.62 -17.86
C GLY C 20 -31.24 -60.10 -17.62
N LEU C 21 -30.86 -60.84 -18.66
CA LEU C 21 -30.60 -62.28 -18.53
C LEU C 21 -29.34 -62.48 -17.69
N ALA C 22 -28.32 -61.65 -17.91
CA ALA C 22 -27.06 -61.74 -17.17
C ALA C 22 -27.29 -61.58 -15.71
N THR C 23 -28.12 -60.60 -15.35
CA THR C 23 -28.44 -60.31 -13.95
C THR C 23 -29.33 -61.35 -13.27
N ALA C 24 -30.33 -61.85 -14.00
CA ALA C 24 -31.19 -62.92 -13.47
C ALA C 24 -30.36 -64.16 -13.15
N LEU C 25 -29.41 -64.50 -14.02
CA LEU C 25 -28.56 -65.68 -13.78
C LEU C 25 -27.71 -65.55 -12.50
N ARG C 26 -27.12 -64.38 -12.32
CA ARG C 26 -26.30 -64.07 -11.15
C ARG C 26 -27.20 -64.12 -9.89
N LEU C 27 -28.38 -63.52 -9.94
CA LEU C 27 -29.23 -63.56 -8.78
C LEU C 27 -29.63 -65.04 -8.55
N ALA C 28 -29.93 -65.79 -9.61
CA ALA C 28 -30.30 -67.21 -9.41
C ALA C 28 -29.12 -67.94 -8.78
N GLU C 29 -27.89 -67.62 -9.18
CA GLU C 29 -26.73 -68.30 -8.63
C GLU C 29 -26.64 -68.10 -7.13
N GLU C 30 -27.25 -67.01 -6.65
CA GLU C 30 -27.27 -66.71 -5.22
C GLU C 30 -28.52 -67.31 -4.58
N GLY C 31 -29.29 -68.07 -5.33
CA GLY C 31 -30.48 -68.68 -4.76
C GLY C 31 -31.78 -67.93 -4.91
N THR C 32 -31.77 -66.82 -5.65
CA THR C 32 -33.01 -66.08 -5.75
C THR C 32 -33.86 -66.60 -6.90
N ALA C 33 -35.15 -66.69 -6.62
CA ALA C 33 -36.16 -67.17 -7.56
C ALA C 33 -36.43 -66.01 -8.49
N ILE C 34 -36.60 -66.25 -9.79
CA ILE C 34 -36.75 -65.13 -10.73
C ILE C 34 -38.07 -65.07 -11.50
N ALA C 35 -38.70 -63.90 -11.48
CA ALA C 35 -39.91 -63.69 -12.27
C ALA C 35 -39.39 -62.89 -13.51
N LEU C 36 -39.42 -63.53 -14.68
CA LEU C 36 -38.92 -62.84 -15.89
C LEU C 36 -40.00 -62.12 -16.65
N LEU C 37 -39.84 -60.81 -16.86
CA LEU C 37 -40.82 -59.99 -17.58
C LEU C 37 -40.22 -59.35 -18.85
N ASP C 38 -40.87 -59.58 -19.99
CA ASP C 38 -40.39 -59.02 -21.24
C ASP C 38 -41.55 -59.04 -22.25
N MET C 39 -41.48 -58.18 -23.27
CA MET C 39 -42.52 -58.18 -24.30
C MET C 39 -42.12 -59.19 -25.38
N ASN C 40 -40.85 -59.57 -25.43
CA ASN C 40 -40.39 -60.50 -26.45
C ASN C 40 -40.47 -61.96 -26.02
N ARG C 41 -41.51 -62.66 -26.47
CA ARG C 41 -41.73 -64.06 -26.08
C ARG C 41 -40.56 -65.00 -26.42
N GLU C 42 -40.02 -64.94 -27.62
CA GLU C 42 -38.93 -65.84 -27.94
C GLU C 42 -37.73 -65.65 -27.01
N ALA C 43 -37.35 -64.40 -26.80
CA ALA C 43 -36.23 -64.08 -25.93
C ALA C 43 -36.50 -64.60 -24.52
N LEU C 44 -37.71 -64.38 -24.05
CA LEU C 44 -38.14 -64.80 -22.74
C LEU C 44 -38.04 -66.29 -22.45
N GLU C 45 -38.52 -67.10 -23.38
CA GLU C 45 -38.49 -68.53 -23.13
C GLU C 45 -37.05 -69.05 -23.12
N LYS C 46 -36.21 -68.49 -23.97
CA LYS C 46 -34.84 -68.95 -23.96
C LYS C 46 -34.18 -68.46 -22.63
N ALA C 47 -34.58 -67.28 -22.17
CA ALA C 47 -33.98 -66.76 -20.96
C ALA C 47 -34.39 -67.65 -19.80
N GLU C 48 -35.66 -67.97 -19.77
CA GLU C 48 -36.19 -68.79 -18.68
C GLU C 48 -35.51 -70.14 -18.57
N ALA C 49 -35.26 -70.75 -19.72
CA ALA C 49 -34.60 -72.04 -19.74
C ALA C 49 -33.23 -71.88 -19.08
N SER C 50 -32.53 -70.80 -19.43
CA SER C 50 -31.21 -70.56 -18.87
C SER C 50 -31.23 -70.38 -17.37
N VAL C 51 -32.24 -69.68 -16.88
CA VAL C 51 -32.37 -69.45 -15.45
C VAL C 51 -32.68 -70.78 -14.72
N ARG C 52 -33.73 -71.48 -15.15
CA ARG C 52 -34.04 -72.75 -14.46
C ARG C 52 -32.84 -73.64 -14.32
N GLU C 53 -31.94 -73.58 -15.31
CA GLU C 53 -30.75 -74.40 -15.29
C GLU C 53 -29.91 -74.21 -14.04
N LYS C 54 -30.07 -73.03 -13.45
CA LYS C 54 -29.37 -72.62 -12.25
C LYS C 54 -29.96 -73.36 -11.06
N GLY C 55 -31.17 -73.89 -11.25
CA GLY C 55 -31.86 -74.64 -10.21
C GLY C 55 -32.88 -73.92 -9.31
N VAL C 56 -33.24 -72.68 -9.62
CA VAL C 56 -34.20 -71.97 -8.80
C VAL C 56 -35.57 -71.94 -9.47
N GLU C 57 -36.58 -71.56 -8.72
CA GLU C 57 -37.94 -71.44 -9.23
C GLU C 57 -37.92 -70.27 -10.24
N ALA C 58 -38.68 -70.40 -11.32
CA ALA C 58 -38.71 -69.33 -12.30
C ALA C 58 -39.96 -69.46 -13.16
N ARG C 59 -40.48 -68.31 -13.61
CA ARG C 59 -41.66 -68.22 -14.46
C ARG C 59 -41.47 -66.98 -15.32
N SER C 60 -42.02 -67.00 -16.52
CA SER C 60 -41.95 -65.90 -17.52
C SER C 60 -43.26 -65.24 -17.68
N TYR C 61 -43.26 -63.94 -17.87
CA TYR C 61 -44.49 -63.20 -18.08
C TYR C 61 -44.38 -62.29 -19.33
N VAL C 62 -45.17 -62.55 -20.38
CA VAL C 62 -45.06 -61.68 -21.55
C VAL C 62 -45.84 -60.46 -21.15
N CYS C 63 -45.18 -59.30 -21.25
CA CYS C 63 -45.80 -58.05 -20.80
C CYS C 63 -45.10 -56.83 -21.40
N ASP C 64 -45.88 -55.89 -21.92
CA ASP C 64 -45.41 -54.63 -22.51
C ASP C 64 -45.51 -53.60 -21.40
N VAL C 65 -44.37 -53.16 -20.84
CA VAL C 65 -44.46 -52.23 -19.73
C VAL C 65 -45.14 -50.91 -20.02
N THR C 66 -45.30 -50.53 -21.29
CA THR C 66 -45.99 -49.27 -21.56
C THR C 66 -47.49 -49.40 -21.30
N SER C 67 -47.99 -50.63 -21.18
CA SER C 67 -49.43 -50.76 -20.87
C SER C 67 -49.57 -50.90 -19.35
N GLU C 68 -50.04 -49.87 -18.66
CA GLU C 68 -50.14 -50.03 -17.21
C GLU C 68 -51.02 -51.22 -16.86
N GLU C 69 -52.11 -51.46 -17.59
CA GLU C 69 -52.98 -52.57 -17.19
C GLU C 69 -52.27 -53.91 -17.31
N ALA C 70 -51.37 -54.04 -18.29
CA ALA C 70 -50.63 -55.29 -18.48
C ALA C 70 -49.62 -55.46 -17.34
N VAL C 71 -49.02 -54.34 -16.92
CA VAL C 71 -48.04 -54.38 -15.85
C VAL C 71 -48.77 -54.75 -14.51
N ILE C 72 -49.92 -54.13 -14.25
CA ILE C 72 -50.62 -54.39 -12.99
C ILE C 72 -50.99 -55.86 -12.89
N GLY C 73 -51.65 -56.36 -13.92
CA GLY C 73 -52.05 -57.76 -13.95
C GLY C 73 -50.89 -58.71 -13.82
N THR C 74 -49.77 -58.34 -14.43
CA THR C 74 -48.57 -59.16 -14.37
C THR C 74 -48.00 -59.23 -12.95
N VAL C 75 -47.91 -58.07 -12.29
CA VAL C 75 -47.37 -58.02 -10.92
C VAL C 75 -48.29 -58.82 -9.98
N ASP C 76 -49.61 -58.71 -10.17
CA ASP C 76 -50.52 -59.48 -9.33
C ASP C 76 -50.21 -60.95 -9.50
N SER C 77 -50.08 -61.39 -10.75
CA SER C 77 -49.75 -62.79 -11.03
C SER C 77 -48.42 -63.19 -10.43
N VAL C 78 -47.41 -62.34 -10.51
CA VAL C 78 -46.13 -62.70 -9.90
C VAL C 78 -46.33 -62.87 -8.38
N VAL C 79 -47.11 -61.98 -7.76
CA VAL C 79 -47.35 -62.09 -6.33
C VAL C 79 -48.08 -63.40 -5.94
N ARG C 80 -49.07 -63.81 -6.74
CA ARG C 80 -49.76 -65.09 -6.45
C ARG C 80 -48.80 -66.25 -6.64
N ASP C 81 -48.09 -66.25 -7.77
CA ASP C 81 -47.18 -67.30 -8.10
C ASP C 81 -45.96 -67.45 -7.20
N PHE C 82 -45.38 -66.32 -6.75
CA PHE C 82 -44.20 -66.43 -5.87
C PHE C 82 -44.49 -66.06 -4.42
N GLY C 83 -45.57 -65.35 -4.16
CA GLY C 83 -45.90 -64.98 -2.78
C GLY C 83 -45.53 -63.56 -2.37
N LYS C 84 -44.46 -63.05 -2.95
CA LYS C 84 -43.97 -61.71 -2.61
C LYS C 84 -42.97 -61.33 -3.71
N ILE C 85 -42.47 -60.09 -3.65
CA ILE C 85 -41.48 -59.64 -4.59
C ILE C 85 -40.45 -58.88 -3.73
N ASP C 86 -39.33 -59.50 -3.43
CA ASP C 86 -38.31 -58.84 -2.58
C ASP C 86 -37.48 -57.84 -3.34
N PHE C 87 -37.08 -58.21 -4.55
CA PHE C 87 -36.23 -57.37 -5.40
C PHE C 87 -36.90 -57.01 -6.76
N LEU C 88 -36.51 -55.87 -7.31
CA LEU C 88 -36.97 -55.45 -8.62
C LEU C 88 -35.78 -54.91 -9.38
N PHE C 89 -35.59 -55.38 -10.62
CA PHE C 89 -34.51 -54.85 -11.49
C PHE C 89 -35.36 -54.33 -12.64
N ASN C 90 -35.61 -53.02 -12.58
CA ASN C 90 -36.45 -52.23 -13.51
C ASN C 90 -35.50 -51.83 -14.61
N ASN C 91 -35.41 -52.72 -15.61
CA ASN C 91 -34.39 -52.71 -16.69
C ASN C 91 -34.78 -52.62 -18.18
N ALA C 92 -36.01 -53.01 -18.52
CA ALA C 92 -36.46 -52.94 -19.89
C ALA C 92 -36.20 -51.58 -20.50
N GLY C 93 -35.66 -51.54 -21.73
CA GLY C 93 -35.42 -50.23 -22.33
C GLY C 93 -35.23 -50.27 -23.84
N TYR C 94 -35.22 -49.11 -24.49
CA TYR C 94 -35.07 -49.06 -25.94
C TYR C 94 -34.03 -47.97 -26.22
N GLN C 95 -33.10 -48.25 -27.13
CA GLN C 95 -31.97 -47.37 -27.44
C GLN C 95 -32.25 -46.07 -28.18
N GLY C 96 -33.33 -46.07 -28.97
CA GLY C 96 -33.73 -44.93 -29.77
C GLY C 96 -32.94 -44.62 -31.04
N ALA C 97 -33.44 -43.66 -31.79
CA ALA C 97 -32.75 -43.22 -33.00
C ALA C 97 -31.47 -42.43 -32.59
N PHE C 98 -30.63 -42.19 -33.57
CA PHE C 98 -29.39 -41.43 -33.49
C PHE C 98 -29.48 -40.33 -34.54
N ALA C 99 -29.63 -39.09 -34.09
CA ALA C 99 -29.70 -37.98 -35.01
C ALA C 99 -29.51 -36.70 -34.19
N PRO C 100 -28.92 -35.67 -34.79
CA PRO C 100 -28.71 -34.42 -34.04
C PRO C 100 -30.08 -33.87 -33.68
N VAL C 101 -30.17 -33.11 -32.59
CA VAL C 101 -31.48 -32.69 -32.12
C VAL C 101 -32.39 -32.01 -33.15
N GLN C 102 -31.81 -31.15 -34.01
CA GLN C 102 -32.60 -30.43 -35.00
C GLN C 102 -33.32 -31.34 -36.02
N ASP C 103 -32.90 -32.60 -36.13
CA ASP C 103 -33.56 -33.54 -37.03
C ASP C 103 -33.94 -34.83 -36.30
N TYR C 104 -34.01 -34.80 -34.96
CA TYR C 104 -34.35 -36.00 -34.21
C TYR C 104 -35.83 -36.32 -34.47
N PRO C 105 -36.13 -37.56 -34.89
CA PRO C 105 -37.50 -37.98 -35.22
C PRO C 105 -38.42 -37.82 -34.01
N SER C 106 -39.45 -36.98 -34.16
CA SER C 106 -40.34 -36.64 -33.06
C SER C 106 -41.16 -37.74 -32.46
N ASP C 107 -41.61 -38.67 -33.31
CA ASP C 107 -42.38 -39.79 -32.83
C ASP C 107 -41.48 -40.70 -32.00
N ASP C 108 -40.27 -40.92 -32.48
CA ASP C 108 -39.31 -41.74 -31.75
C ASP C 108 -39.01 -41.12 -30.38
N PHE C 109 -38.89 -39.80 -30.35
CA PHE C 109 -38.62 -39.10 -29.08
C PHE C 109 -39.69 -39.46 -28.04
N ALA C 110 -40.95 -39.37 -28.44
CA ALA C 110 -42.05 -39.73 -27.55
C ALA C 110 -41.99 -41.20 -27.17
N ARG C 111 -41.67 -42.06 -28.11
CA ARG C 111 -41.58 -43.50 -27.84
C ARG C 111 -40.50 -43.87 -26.82
N VAL C 112 -39.35 -43.21 -26.93
CA VAL C 112 -38.24 -43.45 -25.99
C VAL C 112 -38.70 -43.08 -24.55
N LEU C 113 -39.34 -41.92 -24.40
CA LEU C 113 -39.83 -41.51 -23.10
C LEU C 113 -40.91 -42.48 -22.58
N THR C 114 -41.83 -42.88 -23.45
CA THR C 114 -42.86 -43.79 -22.93
C THR C 114 -42.30 -45.14 -22.47
N ILE C 115 -41.38 -45.73 -23.22
CA ILE C 115 -40.89 -47.02 -22.79
C ILE C 115 -39.89 -46.92 -21.62
N ASN C 116 -38.93 -45.99 -21.75
CA ASN C 116 -37.85 -45.83 -20.78
C ASN C 116 -38.21 -45.11 -19.49
N VAL C 117 -39.22 -44.26 -19.52
CA VAL C 117 -39.61 -43.56 -18.31
C VAL C 117 -40.98 -43.99 -17.82
N THR C 118 -42.01 -43.70 -18.60
CA THR C 118 -43.39 -44.02 -18.21
C THR C 118 -43.52 -45.51 -17.94
N GLY C 119 -42.94 -46.33 -18.81
CA GLY C 119 -43.00 -47.76 -18.63
C GLY C 119 -42.28 -48.24 -17.37
N ALA C 120 -41.11 -47.66 -17.10
CA ALA C 120 -40.36 -48.03 -15.89
C ALA C 120 -41.18 -47.55 -14.66
N PHE C 121 -41.85 -46.41 -14.77
CA PHE C 121 -42.69 -45.89 -13.66
C PHE C 121 -43.91 -46.81 -13.36
N HIS C 122 -44.58 -47.30 -14.40
CA HIS C 122 -45.68 -48.26 -14.21
C HIS C 122 -45.18 -49.45 -13.38
N VAL C 123 -44.04 -49.99 -13.77
CA VAL C 123 -43.52 -51.13 -13.05
C VAL C 123 -43.15 -50.75 -11.62
N LEU C 124 -42.42 -49.66 -11.47
CA LEU C 124 -42.00 -49.19 -10.15
C LEU C 124 -43.21 -48.93 -9.23
N LYS C 125 -44.25 -48.31 -9.76
CA LYS C 125 -45.43 -48.05 -8.94
C LYS C 125 -46.08 -49.37 -8.51
N ALA C 126 -46.45 -50.20 -9.47
CA ALA C 126 -47.12 -51.47 -9.13
C ALA C 126 -46.30 -52.27 -8.12
N VAL C 127 -45.00 -52.41 -8.38
CA VAL C 127 -44.18 -53.18 -7.48
C VAL C 127 -44.00 -52.53 -6.09
N SER C 128 -43.88 -51.21 -6.01
CA SER C 128 -43.68 -50.59 -4.71
C SER C 128 -44.90 -50.78 -3.79
N ARG C 129 -46.06 -50.97 -4.40
CA ARG C 129 -47.26 -51.15 -3.61
C ARG C 129 -47.14 -52.46 -2.88
N GLN C 130 -46.68 -53.48 -3.58
CA GLN C 130 -46.49 -54.78 -2.98
C GLN C 130 -45.41 -54.72 -1.88
N MET C 131 -44.32 -54.04 -2.17
CA MET C 131 -43.23 -53.93 -1.18
C MET C 131 -43.68 -53.19 0.09
N ILE C 132 -44.57 -52.21 -0.06
CA ILE C 132 -45.00 -51.48 1.12
C ILE C 132 -45.83 -52.45 1.93
N THR C 133 -46.58 -53.29 1.23
CA THR C 133 -47.39 -54.26 1.93
C THR C 133 -46.50 -55.21 2.72
N GLN C 134 -45.29 -55.45 2.23
CA GLN C 134 -44.37 -56.36 2.90
C GLN C 134 -43.40 -55.62 3.84
N ASN C 135 -43.45 -54.28 3.83
CA ASN C 135 -42.49 -53.43 4.54
C ASN C 135 -41.09 -53.93 4.24
N TYR C 136 -40.84 -54.20 2.97
CA TYR C 136 -39.50 -54.64 2.54
C TYR C 136 -39.40 -54.58 1.03
N GLY C 137 -38.25 -54.10 0.54
CA GLY C 137 -38.05 -54.10 -0.88
C GLY C 137 -36.74 -53.43 -1.24
N ARG C 138 -36.09 -53.93 -2.29
CA ARG C 138 -34.87 -53.27 -2.76
C ARG C 138 -35.09 -53.23 -4.28
N ILE C 139 -34.88 -52.06 -4.82
CA ILE C 139 -35.09 -51.75 -6.22
C ILE C 139 -33.86 -51.13 -6.90
N VAL C 140 -33.59 -51.58 -8.12
CA VAL C 140 -32.49 -51.03 -8.92
C VAL C 140 -33.06 -50.64 -10.28
N ASN C 141 -32.93 -49.38 -10.66
CA ASN C 141 -33.41 -48.93 -11.95
C ASN C 141 -32.20 -48.85 -12.90
N THR C 142 -32.36 -49.28 -14.16
CA THR C 142 -31.20 -49.19 -15.07
C THR C 142 -31.23 -47.83 -15.77
N ALA C 143 -30.27 -46.96 -15.42
CA ALA C 143 -30.20 -45.68 -16.11
C ALA C 143 -29.16 -45.83 -17.25
N SER C 144 -28.15 -44.93 -17.30
CA SER C 144 -27.10 -44.94 -18.35
C SER C 144 -26.18 -43.75 -18.20
N MET C 145 -24.94 -43.85 -18.65
CA MET C 145 -24.08 -42.65 -18.62
C MET C 145 -24.70 -41.54 -19.52
N ALA C 146 -25.50 -41.91 -20.52
CA ALA C 146 -26.19 -40.89 -21.37
C ALA C 146 -27.14 -40.01 -20.52
N GLY C 147 -27.59 -40.53 -19.39
CA GLY C 147 -28.41 -39.76 -18.48
C GLY C 147 -27.55 -38.88 -17.57
N VAL C 148 -26.31 -39.28 -17.31
CA VAL C 148 -25.42 -38.56 -16.41
C VAL C 148 -24.95 -37.33 -17.16
N LYS C 149 -24.69 -37.51 -18.44
CA LYS C 149 -24.25 -36.45 -19.30
C LYS C 149 -24.79 -36.69 -20.70
N GLY C 150 -25.66 -35.81 -21.16
CA GLY C 150 -26.27 -35.99 -22.47
C GLY C 150 -25.31 -36.22 -23.61
N PRO C 151 -25.39 -37.36 -24.34
CA PRO C 151 -24.44 -37.52 -25.45
C PRO C 151 -24.94 -36.84 -26.76
N PRO C 152 -24.03 -36.68 -27.73
CA PRO C 152 -24.43 -36.09 -28.99
C PRO C 152 -25.29 -37.09 -29.76
N ASN C 153 -26.26 -36.57 -30.52
CA ASN C 153 -27.18 -37.37 -31.33
C ASN C 153 -28.09 -38.33 -30.56
N MET C 154 -28.15 -38.23 -29.24
CA MET C 154 -29.05 -39.15 -28.50
C MET C 154 -30.03 -38.35 -27.64
N ALA C 155 -30.67 -37.32 -28.23
CA ALA C 155 -31.57 -36.46 -27.44
C ALA C 155 -32.61 -37.20 -26.57
N ALA C 156 -33.37 -38.09 -27.19
CA ALA C 156 -34.40 -38.80 -26.45
C ALA C 156 -33.86 -39.77 -25.41
N TYR C 157 -32.89 -40.58 -25.78
CA TYR C 157 -32.35 -41.56 -24.86
C TYR C 157 -31.71 -40.89 -23.60
N GLY C 158 -30.91 -39.83 -23.82
CA GLY C 158 -30.25 -39.15 -22.70
C GLY C 158 -31.32 -38.55 -21.79
N THR C 159 -32.32 -37.89 -22.39
CA THR C 159 -33.37 -37.27 -21.56
C THR C 159 -34.11 -38.35 -20.76
N SER C 160 -34.36 -39.50 -21.40
CA SER C 160 -35.07 -40.59 -20.71
C SER C 160 -34.25 -41.14 -19.54
N LYS C 161 -32.93 -41.25 -19.71
CA LYS C 161 -32.16 -41.80 -18.60
C LYS C 161 -31.90 -40.72 -17.56
N GLY C 162 -31.86 -39.46 -17.96
CA GLY C 162 -31.70 -38.43 -16.93
C GLY C 162 -32.97 -38.35 -16.08
N ALA C 163 -34.10 -38.72 -16.67
CA ALA C 163 -35.38 -38.71 -15.94
C ALA C 163 -35.35 -39.89 -14.99
N ILE C 164 -34.82 -41.03 -15.44
CA ILE C 164 -34.74 -42.19 -14.56
C ILE C 164 -33.87 -41.89 -13.31
N ILE C 165 -32.83 -41.07 -13.48
CA ILE C 165 -31.93 -40.76 -12.33
C ILE C 165 -32.73 -39.88 -11.34
N ALA C 166 -33.57 -38.97 -11.84
CA ALA C 166 -34.35 -38.16 -10.89
C ALA C 166 -35.47 -38.96 -10.25
N LEU C 167 -36.16 -39.75 -11.04
CA LEU C 167 -37.26 -40.60 -10.53
C LEU C 167 -36.67 -41.50 -9.43
N THR C 168 -35.47 -42.01 -9.64
CA THR C 168 -34.82 -42.87 -8.65
C THR C 168 -34.64 -42.11 -7.32
N GLU C 169 -34.27 -40.83 -7.37
CA GLU C 169 -34.07 -40.07 -6.14
C GLU C 169 -35.43 -39.80 -5.46
N THR C 170 -36.45 -39.40 -6.20
CA THR C 170 -37.78 -39.18 -5.59
C THR C 170 -38.33 -40.47 -4.96
N ALA C 171 -38.23 -41.58 -5.70
CA ALA C 171 -38.78 -42.83 -5.22
C ALA C 171 -38.04 -43.27 -3.96
N ALA C 172 -36.74 -43.04 -3.92
CA ALA C 172 -35.99 -43.38 -2.75
C ALA C 172 -36.57 -42.58 -1.57
N LEU C 173 -36.87 -41.31 -1.76
CA LEU C 173 -37.41 -40.53 -0.65
C LEU C 173 -38.77 -41.03 -0.28
N ASP C 174 -39.63 -41.19 -1.29
CA ASP C 174 -41.00 -41.64 -1.05
C ASP C 174 -41.13 -42.97 -0.36
N LEU C 175 -40.28 -43.93 -0.73
CA LEU C 175 -40.36 -45.29 -0.20
C LEU C 175 -39.51 -45.61 1.04
N ALA C 176 -38.61 -44.71 1.41
CA ALA C 176 -37.74 -44.87 2.58
C ALA C 176 -38.45 -45.34 3.88
N PRO C 177 -39.59 -44.70 4.25
CA PRO C 177 -40.25 -45.14 5.49
C PRO C 177 -40.74 -46.58 5.58
N TYR C 178 -40.76 -47.30 4.45
CA TYR C 178 -41.26 -48.66 4.43
C TYR C 178 -40.19 -49.71 4.25
N ASN C 179 -38.96 -49.34 4.60
CA ASN C 179 -37.90 -50.30 4.46
C ASN C 179 -37.70 -50.72 3.03
N ILE C 180 -37.75 -49.74 2.15
CA ILE C 180 -37.53 -49.96 0.74
C ILE C 180 -36.38 -49.04 0.34
N ARG C 181 -35.45 -49.57 -0.44
CA ARG C 181 -34.34 -48.75 -0.94
C ARG C 181 -34.44 -48.75 -2.46
N VAL C 182 -34.13 -47.62 -3.09
CA VAL C 182 -34.25 -47.52 -4.53
C VAL C 182 -32.97 -46.88 -5.04
N ASN C 183 -32.24 -47.56 -5.90
CA ASN C 183 -30.99 -47.04 -6.47
C ASN C 183 -30.95 -47.27 -8.00
N ALA C 184 -29.92 -46.71 -8.64
CA ALA C 184 -29.76 -46.91 -10.07
C ALA C 184 -28.33 -47.30 -10.46
N ILE C 185 -28.19 -47.84 -11.68
CA ILE C 185 -26.90 -48.13 -12.23
C ILE C 185 -26.84 -47.35 -13.56
N SER C 186 -25.66 -46.89 -13.92
CA SER C 186 -25.47 -46.16 -15.17
C SER C 186 -24.33 -46.74 -16.02
N PRO C 187 -24.62 -47.78 -16.77
CA PRO C 187 -23.58 -48.38 -17.62
C PRO C 187 -23.12 -47.35 -18.67
N GLY C 188 -21.85 -47.43 -19.09
CA GLY C 188 -21.29 -46.55 -20.10
C GLY C 188 -21.24 -47.34 -21.42
N TYR C 189 -20.05 -47.48 -22.02
CA TYR C 189 -19.92 -48.23 -23.24
C TYR C 189 -19.83 -49.73 -22.92
N MET C 190 -20.70 -50.50 -23.56
CA MET C 190 -20.75 -51.96 -23.38
C MET C 190 -20.67 -52.67 -24.75
N GLY C 191 -19.86 -53.72 -24.83
CA GLY C 191 -19.79 -54.40 -26.11
C GLY C 191 -19.25 -55.82 -25.96
N PRO C 192 -19.22 -56.60 -27.04
CA PRO C 192 -19.65 -56.35 -28.42
C PRO C 192 -21.14 -56.71 -28.50
N GLY C 193 -21.65 -56.98 -29.71
CA GLY C 193 -23.06 -57.34 -29.80
C GLY C 193 -23.89 -56.31 -30.56
N PHE C 194 -25.18 -56.62 -30.70
CA PHE C 194 -26.12 -55.80 -31.50
C PHE C 194 -26.19 -54.31 -31.11
N MET C 195 -26.30 -54.06 -29.81
CA MET C 195 -26.44 -52.71 -29.26
C MET C 195 -25.21 -51.89 -29.59
N TRP C 196 -24.04 -52.49 -29.36
CA TRP C 196 -22.78 -51.84 -29.62
C TRP C 196 -22.67 -51.60 -31.13
N GLU C 197 -22.94 -52.65 -31.94
CA GLU C 197 -22.85 -52.46 -33.39
C GLU C 197 -23.74 -51.32 -33.84
N ARG C 198 -24.96 -51.26 -33.29
CA ARG C 198 -25.92 -50.23 -33.71
C ARG C 198 -25.47 -48.82 -33.42
N GLN C 199 -24.99 -48.65 -32.19
CA GLN C 199 -24.47 -47.37 -31.68
C GLN C 199 -23.35 -46.86 -32.57
N VAL C 200 -22.39 -47.73 -32.77
CA VAL C 200 -21.27 -47.37 -33.62
C VAL C 200 -21.70 -46.97 -35.03
N GLU C 201 -22.42 -47.86 -35.68
CA GLU C 201 -22.92 -47.67 -37.03
C GLU C 201 -23.78 -46.42 -37.17
N LEU C 202 -24.74 -46.23 -36.28
CA LEU C 202 -25.61 -45.09 -36.43
C LEU C 202 -24.97 -43.76 -36.07
N GLN C 203 -24.01 -43.77 -35.15
CA GLN C 203 -23.27 -42.56 -34.82
C GLN C 203 -22.43 -42.20 -36.04
N ALA C 204 -21.80 -43.20 -36.65
CA ALA C 204 -20.96 -42.94 -37.83
C ALA C 204 -21.79 -42.31 -38.94
N LYS C 205 -23.02 -42.80 -39.11
CA LYS C 205 -23.87 -42.31 -40.17
C LYS C 205 -24.30 -40.88 -40.00
N VAL C 206 -24.43 -40.42 -38.76
CA VAL C 206 -24.81 -39.03 -38.59
C VAL C 206 -23.79 -38.08 -39.27
N GLY C 207 -22.50 -38.33 -39.11
CA GLY C 207 -21.53 -37.44 -39.72
C GLY C 207 -21.31 -36.21 -38.85
N SER C 208 -21.60 -36.29 -37.57
CA SER C 208 -21.40 -35.15 -36.67
C SER C 208 -19.92 -34.97 -36.32
N GLN C 209 -19.56 -33.82 -35.77
CA GLN C 209 -18.16 -33.58 -35.43
C GLN C 209 -17.66 -34.49 -34.30
N TYR C 210 -18.56 -35.17 -33.60
CA TYR C 210 -18.16 -36.02 -32.47
C TYR C 210 -17.54 -37.38 -32.75
N PHE C 211 -17.75 -37.86 -33.96
CA PHE C 211 -17.19 -39.16 -34.32
C PHE C 211 -16.80 -39.20 -35.80
N SER C 212 -15.95 -40.17 -36.15
CA SER C 212 -15.56 -40.38 -37.56
C SER C 212 -16.80 -40.81 -38.31
N THR C 213 -16.74 -40.76 -39.64
CA THR C 213 -17.85 -41.25 -40.49
C THR C 213 -17.63 -42.73 -40.84
N ASP C 214 -16.51 -43.28 -40.38
CA ASP C 214 -16.16 -44.68 -40.65
C ASP C 214 -16.41 -45.52 -39.38
N PRO C 215 -17.38 -46.45 -39.41
CA PRO C 215 -17.67 -47.26 -38.20
C PRO C 215 -16.48 -47.89 -37.47
N LYS C 216 -15.46 -48.33 -38.21
CA LYS C 216 -14.26 -48.96 -37.62
C LYS C 216 -13.57 -47.96 -36.69
N VAL C 217 -13.52 -46.72 -37.13
CA VAL C 217 -12.91 -45.67 -36.36
C VAL C 217 -13.78 -45.25 -35.22
N VAL C 218 -15.09 -45.17 -35.44
CA VAL C 218 -16.01 -44.78 -34.37
C VAL C 218 -15.87 -45.76 -33.21
N ALA C 219 -15.78 -47.05 -33.49
CA ALA C 219 -15.60 -48.01 -32.38
C ALA C 219 -14.32 -47.73 -31.57
N GLN C 220 -13.23 -47.42 -32.28
CA GLN C 220 -11.94 -47.10 -31.67
C GLN C 220 -12.05 -45.77 -30.89
N GLN C 221 -12.82 -44.79 -31.41
CA GLN C 221 -12.95 -43.53 -30.70
C GLN C 221 -13.71 -43.74 -29.39
N MET C 222 -14.78 -44.56 -29.44
CA MET C 222 -15.54 -44.84 -28.23
C MET C 222 -14.69 -45.58 -27.21
N ILE C 223 -14.01 -46.63 -27.66
CA ILE C 223 -13.14 -47.36 -26.75
C ILE C 223 -12.05 -46.39 -26.24
N GLY C 224 -11.50 -45.61 -27.14
CA GLY C 224 -10.45 -44.65 -26.79
C GLY C 224 -10.84 -43.61 -25.74
N SER C 225 -12.13 -43.34 -25.58
CA SER C 225 -12.59 -42.36 -24.59
C SER C 225 -12.64 -42.91 -23.14
N VAL C 226 -12.52 -44.22 -23.03
CA VAL C 226 -12.56 -44.89 -21.77
C VAL C 226 -11.17 -45.00 -21.12
N PRO C 227 -11.05 -44.57 -19.86
CA PRO C 227 -9.71 -44.67 -19.26
C PRO C 227 -9.19 -46.10 -19.25
N MET C 228 -10.07 -47.05 -18.97
CA MET C 228 -9.65 -48.45 -18.93
C MET C 228 -9.41 -48.98 -20.35
N ARG C 229 -9.71 -48.15 -21.35
CA ARG C 229 -9.47 -48.44 -22.76
C ARG C 229 -10.04 -49.77 -23.28
N ARG C 230 -11.33 -50.02 -22.98
CA ARG C 230 -12.07 -51.19 -23.45
C ARG C 230 -13.53 -50.91 -23.19
N TYR C 231 -14.46 -51.52 -23.93
CA TYR C 231 -15.84 -51.29 -23.56
C TYR C 231 -16.05 -52.28 -22.41
N GLY C 232 -17.11 -52.12 -21.65
CA GLY C 232 -17.33 -53.06 -20.59
C GLY C 232 -18.05 -54.32 -21.11
N ASP C 233 -17.98 -55.40 -20.33
CA ASP C 233 -18.71 -56.61 -20.69
C ASP C 233 -20.01 -56.56 -19.88
N ILE C 234 -21.16 -56.88 -20.49
CA ILE C 234 -22.42 -56.81 -19.74
C ILE C 234 -22.29 -57.75 -18.55
N ASN C 235 -21.34 -58.67 -18.59
CA ASN C 235 -21.20 -59.50 -17.43
C ASN C 235 -20.55 -58.73 -16.27
N GLU C 236 -20.25 -57.44 -16.46
CA GLU C 236 -19.66 -56.68 -15.35
C GLU C 236 -20.76 -55.84 -14.70
N ILE C 237 -22.02 -56.16 -14.99
CA ILE C 237 -23.12 -55.42 -14.44
C ILE C 237 -23.90 -56.13 -13.33
N PRO C 238 -24.14 -57.46 -13.45
CA PRO C 238 -24.90 -58.20 -12.43
C PRO C 238 -24.43 -58.07 -10.97
N GLY C 239 -23.13 -58.08 -10.76
CA GLY C 239 -22.60 -57.93 -9.42
C GLY C 239 -22.93 -56.58 -8.79
N VAL C 240 -23.04 -55.54 -9.62
CA VAL C 240 -23.36 -54.22 -9.11
C VAL C 240 -24.83 -54.22 -8.70
N VAL C 241 -25.68 -54.81 -9.53
CA VAL C 241 -27.11 -54.88 -9.21
C VAL C 241 -27.26 -55.71 -7.91
N ALA C 242 -26.58 -56.84 -7.87
CA ALA C 242 -26.62 -57.68 -6.67
C ALA C 242 -26.16 -56.91 -5.41
N PHE C 243 -25.10 -56.12 -5.56
CA PHE C 243 -24.62 -55.33 -4.42
C PHE C 243 -25.71 -54.34 -3.97
N LEU C 244 -26.33 -53.62 -4.91
CA LEU C 244 -27.36 -52.64 -4.58
C LEU C 244 -28.62 -53.30 -3.99
N LEU C 245 -28.80 -54.59 -4.25
CA LEU C 245 -29.97 -55.31 -3.72
C LEU C 245 -29.77 -55.90 -2.34
N GLY C 246 -28.54 -56.32 -2.07
CA GLY C 246 -28.20 -56.98 -0.82
C GLY C 246 -27.85 -56.07 0.35
N ASP C 247 -27.54 -56.67 1.50
CA ASP C 247 -27.27 -55.85 2.69
C ASP C 247 -26.00 -55.01 2.84
N ASP C 248 -25.04 -55.16 1.91
CA ASP C 248 -23.83 -54.37 1.99
C ASP C 248 -24.14 -52.91 1.63
N SER C 249 -25.30 -52.71 0.97
CA SER C 249 -25.72 -51.35 0.56
C SER C 249 -26.88 -50.85 1.46
N SER C 250 -27.00 -51.45 2.63
CA SER C 250 -28.09 -51.14 3.56
C SER C 250 -28.31 -49.69 3.93
N PHE C 251 -27.26 -48.85 3.90
CA PHE C 251 -27.47 -47.43 4.20
C PHE C 251 -27.34 -46.59 2.92
N MET C 252 -27.52 -47.23 1.76
CA MET C 252 -27.45 -46.52 0.49
C MET C 252 -28.77 -46.53 -0.29
N THR C 253 -29.33 -45.34 -0.51
CA THR C 253 -30.55 -45.26 -1.30
C THR C 253 -30.50 -43.94 -2.06
N GLY C 254 -31.10 -43.91 -3.24
CA GLY C 254 -31.11 -42.70 -4.05
C GLY C 254 -29.81 -42.44 -4.80
N VAL C 255 -28.95 -43.46 -4.89
CA VAL C 255 -27.66 -43.28 -5.53
C VAL C 255 -27.61 -43.89 -6.93
N ASN C 256 -26.68 -43.38 -7.72
CA ASN C 256 -26.52 -43.83 -9.09
C ASN C 256 -25.06 -44.25 -9.29
N LEU C 257 -24.84 -45.51 -9.60
CA LEU C 257 -23.50 -46.01 -9.76
C LEU C 257 -23.05 -46.08 -11.22
N PRO C 258 -22.05 -45.27 -11.65
CA PRO C 258 -21.56 -45.32 -13.05
C PRO C 258 -20.80 -46.64 -13.23
N ILE C 259 -21.00 -47.34 -14.36
CA ILE C 259 -20.27 -48.58 -14.64
C ILE C 259 -19.75 -48.26 -16.04
N ALA C 260 -18.67 -47.49 -16.04
CA ALA C 260 -18.17 -46.93 -17.28
C ALA C 260 -16.67 -46.94 -17.58
N GLY C 261 -15.87 -47.52 -16.69
CA GLY C 261 -14.45 -47.59 -17.00
C GLY C 261 -13.62 -46.34 -16.71
N GLY C 262 -14.21 -45.32 -16.05
CA GLY C 262 -13.44 -44.14 -15.72
C GLY C 262 -13.96 -42.79 -16.21
N LYS D 3 -24.03 2.08 -16.35
CA LYS D 3 -22.71 1.58 -15.86
C LYS D 3 -22.75 1.26 -14.38
N LYS D 4 -23.12 0.03 -14.00
CA LYS D 4 -23.24 -0.34 -12.59
C LYS D 4 -21.93 -0.43 -11.82
N PHE D 5 -22.02 -0.76 -10.54
CA PHE D 5 -20.81 -0.88 -9.71
C PHE D 5 -20.19 0.46 -9.29
N ASN D 6 -20.78 1.58 -9.71
CA ASN D 6 -20.24 2.87 -9.28
C ASN D 6 -20.25 2.93 -7.77
N GLY D 7 -19.14 3.37 -7.17
CA GLY D 7 -19.05 3.45 -5.72
C GLY D 7 -18.77 2.12 -5.02
N LYS D 8 -18.53 1.08 -5.83
CA LYS D 8 -18.22 -0.27 -5.32
C LYS D 8 -16.72 -0.46 -5.31
N VAL D 9 -16.26 -1.28 -4.37
CA VAL D 9 -14.82 -1.55 -4.25
C VAL D 9 -14.57 -3.08 -4.30
N CYS D 10 -13.62 -3.49 -5.16
CA CYS D 10 -13.28 -4.91 -5.34
C CYS D 10 -11.80 -5.23 -5.10
N LEU D 11 -11.56 -6.23 -4.24
CA LEU D 11 -10.19 -6.68 -4.00
C LEU D 11 -10.00 -7.87 -4.97
N VAL D 12 -9.07 -7.74 -5.89
CA VAL D 12 -8.75 -8.79 -6.84
C VAL D 12 -7.39 -9.41 -6.49
N THR D 13 -7.34 -10.71 -6.10
CA THR D 13 -6.04 -11.37 -5.82
C THR D 13 -5.55 -12.03 -7.12
N GLY D 14 -4.22 -12.11 -7.30
CA GLY D 14 -3.60 -12.63 -8.53
C GLY D 14 -3.84 -11.61 -9.64
N ALA D 15 -4.04 -10.35 -9.21
CA ALA D 15 -4.36 -9.25 -10.11
C ALA D 15 -3.30 -8.97 -11.15
N GLY D 16 -2.12 -9.48 -10.94
CA GLY D 16 -1.12 -9.22 -11.94
C GLY D 16 -1.17 -10.26 -13.05
N GLY D 17 -1.94 -11.33 -12.86
CA GLY D 17 -2.02 -12.40 -13.86
C GLY D 17 -3.08 -12.17 -14.95
N ASN D 18 -3.17 -13.11 -15.88
CA ASN D 18 -4.11 -13.04 -17.01
C ASN D 18 -5.57 -12.77 -16.62
N ILE D 19 -6.21 -13.76 -15.99
CA ILE D 19 -7.59 -13.59 -15.59
C ILE D 19 -7.82 -12.44 -14.58
N GLY D 20 -6.88 -12.21 -13.67
CA GLY D 20 -7.08 -11.15 -12.67
C GLY D 20 -7.06 -9.75 -13.28
N LEU D 21 -6.06 -9.50 -14.12
CA LEU D 21 -6.02 -8.20 -14.78
C LEU D 21 -7.26 -8.05 -15.67
N ALA D 22 -7.53 -9.03 -16.53
CA ALA D 22 -8.71 -8.92 -17.40
C ALA D 22 -10.00 -8.68 -16.59
N THR D 23 -10.16 -9.33 -15.47
CA THR D 23 -11.35 -9.07 -14.68
C THR D 23 -11.37 -7.68 -14.02
N ALA D 24 -10.21 -7.22 -13.56
CA ALA D 24 -10.13 -5.87 -12.96
C ALA D 24 -10.56 -4.76 -13.94
N LEU D 25 -10.07 -4.87 -15.16
CA LEU D 25 -10.40 -3.90 -16.20
C LEU D 25 -11.89 -3.86 -16.46
N ARG D 26 -12.51 -5.05 -16.53
CA ARG D 26 -13.92 -5.12 -16.76
C ARG D 26 -14.66 -4.53 -15.58
N LEU D 27 -14.21 -4.85 -14.37
CA LEU D 27 -14.94 -4.30 -13.23
C LEU D 27 -14.75 -2.77 -13.20
N ALA D 28 -13.58 -2.32 -13.63
CA ALA D 28 -13.28 -0.88 -13.64
C ALA D 28 -14.14 -0.18 -14.71
N GLU D 29 -14.13 -0.76 -15.91
CA GLU D 29 -14.91 -0.23 -17.02
C GLU D 29 -16.34 -0.07 -16.49
N GLU D 30 -16.69 -0.87 -15.50
CA GLU D 30 -18.01 -0.75 -14.94
C GLU D 30 -18.08 0.28 -13.81
N GLY D 31 -16.99 0.96 -13.53
CA GLY D 31 -17.02 1.96 -12.46
C GLY D 31 -16.56 1.45 -11.09
N THR D 32 -16.05 0.22 -11.05
CA THR D 32 -15.58 -0.33 -9.77
C THR D 32 -14.18 0.13 -9.39
N ALA D 33 -13.99 0.44 -8.11
CA ALA D 33 -12.67 0.83 -7.62
C ALA D 33 -11.89 -0.48 -7.37
N ILE D 34 -10.61 -0.56 -7.73
CA ILE D 34 -9.83 -1.80 -7.60
C ILE D 34 -8.60 -1.78 -6.71
N ALA D 35 -8.48 -2.78 -5.82
CA ALA D 35 -7.34 -2.98 -4.96
C ALA D 35 -6.70 -4.21 -5.58
N LEU D 36 -5.49 -4.03 -6.10
CA LEU D 36 -4.80 -5.12 -6.76
C LEU D 36 -3.84 -5.84 -5.81
N LEU D 37 -3.95 -7.16 -5.70
CA LEU D 37 -3.07 -7.91 -4.79
C LEU D 37 -2.43 -9.03 -5.55
N ASP D 38 -1.12 -9.08 -5.49
CA ASP D 38 -0.37 -10.14 -6.17
C ASP D 38 0.95 -10.23 -5.48
N MET D 39 1.58 -11.40 -5.57
CA MET D 39 2.86 -11.51 -4.94
C MET D 39 3.94 -10.99 -5.92
N ASN D 40 3.59 -10.81 -7.20
CA ASN D 40 4.59 -10.40 -8.23
C ASN D 40 4.60 -8.88 -8.47
N ARG D 41 5.55 -8.17 -7.86
CA ARG D 41 5.59 -6.70 -8.00
C ARG D 41 5.59 -6.17 -9.42
N GLU D 42 6.49 -6.65 -10.28
CA GLU D 42 6.53 -6.13 -11.65
C GLU D 42 5.16 -6.28 -12.35
N ALA D 43 4.64 -7.51 -12.36
CA ALA D 43 3.36 -7.74 -12.97
C ALA D 43 2.25 -6.88 -12.31
N LEU D 44 2.31 -6.73 -11.00
CA LEU D 44 1.33 -5.95 -10.24
C LEU D 44 1.26 -4.48 -10.73
N GLU D 45 2.40 -3.82 -10.75
CA GLU D 45 2.45 -2.43 -11.18
C GLU D 45 2.06 -2.27 -12.65
N LYS D 46 2.37 -3.26 -13.47
CA LYS D 46 2.04 -3.16 -14.88
C LYS D 46 0.50 -3.20 -14.90
N ALA D 47 -0.10 -4.03 -14.05
CA ALA D 47 -1.55 -4.13 -14.03
C ALA D 47 -2.20 -2.90 -13.44
N GLU D 48 -1.56 -2.34 -12.41
CA GLU D 48 -2.16 -1.17 -11.79
C GLU D 48 -2.28 -0.04 -12.81
N ALA D 49 -1.25 0.10 -13.63
CA ALA D 49 -1.22 1.16 -14.64
C ALA D 49 -2.39 1.01 -15.62
N SER D 50 -2.56 -0.19 -16.16
CA SER D 50 -3.64 -0.44 -17.10
C SER D 50 -5.03 -0.16 -16.45
N VAL D 51 -5.20 -0.50 -15.18
CA VAL D 51 -6.48 -0.23 -14.51
C VAL D 51 -6.67 1.28 -14.27
N ARG D 52 -5.62 1.98 -13.84
CA ARG D 52 -5.74 3.42 -13.58
C ARG D 52 -6.34 4.17 -14.77
N GLU D 53 -5.85 3.90 -15.97
CA GLU D 53 -6.39 4.55 -17.16
C GLU D 53 -7.92 4.50 -17.23
N LYS D 54 -8.50 3.41 -16.77
CA LYS D 54 -9.94 3.25 -16.77
C LYS D 54 -10.57 4.40 -15.98
N GLY D 55 -9.75 5.18 -15.28
CA GLY D 55 -10.26 6.31 -14.54
C GLY D 55 -10.96 6.01 -13.23
N VAL D 56 -10.65 4.86 -12.62
CA VAL D 56 -11.27 4.55 -11.34
C VAL D 56 -10.13 4.61 -10.31
N GLU D 57 -10.48 4.72 -9.05
CA GLU D 57 -9.48 4.73 -8.00
C GLU D 57 -8.87 3.31 -7.99
N ALA D 58 -7.55 3.20 -7.83
CA ALA D 58 -6.95 1.85 -7.80
C ALA D 58 -5.61 1.86 -7.08
N ARG D 59 -5.34 0.84 -6.26
CA ARG D 59 -4.04 0.80 -5.57
C ARG D 59 -3.57 -0.62 -5.58
N SER D 60 -2.26 -0.82 -5.41
CA SER D 60 -1.70 -2.14 -5.38
C SER D 60 -1.11 -2.54 -4.06
N TYR D 61 -1.09 -3.86 -3.81
CA TYR D 61 -0.53 -4.42 -2.60
C TYR D 61 0.22 -5.72 -2.91
N VAL D 62 1.54 -5.73 -2.70
CA VAL D 62 2.39 -6.91 -2.91
C VAL D 62 2.10 -7.74 -1.67
N CYS D 63 1.59 -8.95 -1.88
CA CYS D 63 1.23 -9.79 -0.73
C CYS D 63 1.25 -11.24 -1.16
N ASP D 64 1.85 -12.08 -0.33
CA ASP D 64 1.92 -13.53 -0.62
C ASP D 64 0.78 -14.10 0.22
N VAL D 65 -0.29 -14.61 -0.45
CA VAL D 65 -1.44 -15.10 0.27
C VAL D 65 -1.21 -16.29 1.16
N THR D 66 -0.06 -16.94 1.07
CA THR D 66 0.15 -18.09 1.94
C THR D 66 0.59 -17.59 3.30
N SER D 67 0.92 -16.31 3.36
CA SER D 67 1.29 -15.73 4.67
C SER D 67 0.04 -15.04 5.22
N GLU D 68 -0.64 -15.65 6.19
CA GLU D 68 -1.86 -15.02 6.73
C GLU D 68 -1.58 -13.64 7.37
N GLU D 69 -0.45 -13.50 8.03
CA GLU D 69 -0.13 -12.20 8.61
C GLU D 69 -0.05 -11.16 7.48
N ALA D 70 0.49 -11.53 6.33
CA ALA D 70 0.60 -10.53 5.27
C ALA D 70 -0.78 -10.24 4.67
N VAL D 71 -1.63 -11.27 4.61
CA VAL D 71 -2.98 -11.08 4.11
C VAL D 71 -3.79 -10.17 5.01
N ILE D 72 -3.76 -10.43 6.32
CA ILE D 72 -4.53 -9.64 7.28
C ILE D 72 -4.06 -8.17 7.23
N GLY D 73 -2.75 -7.96 7.24
CA GLY D 73 -2.24 -6.58 7.18
C GLY D 73 -2.68 -5.88 5.88
N THR D 74 -2.61 -6.62 4.78
CA THR D 74 -2.98 -6.09 3.49
C THR D 74 -4.46 -5.78 3.43
N VAL D 75 -5.32 -6.67 3.93
CA VAL D 75 -6.75 -6.40 3.88
C VAL D 75 -7.07 -5.21 4.75
N ASP D 76 -6.34 -5.07 5.85
CA ASP D 76 -6.60 -3.91 6.73
C ASP D 76 -6.18 -2.61 6.03
N SER D 77 -5.09 -2.66 5.27
CA SER D 77 -4.62 -1.49 4.52
C SER D 77 -5.63 -1.18 3.45
N VAL D 78 -6.31 -2.20 2.95
CA VAL D 78 -7.29 -1.99 1.90
C VAL D 78 -8.50 -1.33 2.50
N VAL D 79 -8.96 -1.83 3.63
CA VAL D 79 -10.13 -1.22 4.24
C VAL D 79 -9.87 0.27 4.56
N ARG D 80 -8.62 0.54 4.96
CA ARG D 80 -8.16 1.89 5.31
C ARG D 80 -8.07 2.75 4.08
N ASP D 81 -7.52 2.24 2.98
CA ASP D 81 -7.38 3.02 1.76
C ASP D 81 -8.67 3.26 0.94
N PHE D 82 -9.58 2.29 0.89
CA PHE D 82 -10.81 2.45 0.11
C PHE D 82 -12.06 2.66 0.97
N GLY D 83 -11.95 2.36 2.26
CA GLY D 83 -13.08 2.50 3.16
C GLY D 83 -13.94 1.27 3.34
N LYS D 84 -13.85 0.33 2.40
CA LYS D 84 -14.70 -0.86 2.46
C LYS D 84 -14.32 -1.82 1.34
N ILE D 85 -14.79 -3.06 1.42
CA ILE D 85 -14.51 -4.00 0.32
C ILE D 85 -15.87 -4.63 -0.01
N ASP D 86 -16.44 -4.26 -1.14
CA ASP D 86 -17.75 -4.77 -1.52
C ASP D 86 -17.69 -6.14 -2.14
N PHE D 87 -16.73 -6.28 -3.04
CA PHE D 87 -16.53 -7.48 -3.86
C PHE D 87 -15.13 -8.09 -3.69
N LEU D 88 -15.04 -9.42 -3.81
CA LEU D 88 -13.77 -10.11 -3.74
C LEU D 88 -13.69 -11.06 -4.92
N PHE D 89 -12.61 -11.01 -5.71
CA PHE D 89 -12.37 -11.99 -6.78
C PHE D 89 -11.10 -12.69 -6.22
N ASN D 90 -11.35 -13.84 -5.61
CA ASN D 90 -10.34 -14.65 -4.91
C ASN D 90 -9.83 -15.57 -5.95
N ASN D 91 -8.88 -15.03 -6.70
CA ASN D 91 -8.30 -15.63 -7.90
C ASN D 91 -6.81 -16.06 -7.97
N ALA D 92 -5.94 -15.58 -7.07
CA ALA D 92 -4.52 -16.03 -7.13
C ALA D 92 -4.40 -17.56 -7.16
N GLY D 93 -3.46 -18.07 -7.92
CA GLY D 93 -3.32 -19.52 -7.94
C GLY D 93 -2.09 -19.98 -8.69
N TYR D 94 -1.71 -21.24 -8.46
CA TYR D 94 -0.54 -21.84 -9.07
C TYR D 94 -0.97 -23.11 -9.80
N GLN D 95 -0.47 -23.32 -11.01
CA GLN D 95 -0.88 -24.47 -11.80
C GLN D 95 -0.38 -25.84 -11.34
N GLY D 96 0.82 -25.87 -10.76
CA GLY D 96 1.36 -27.13 -10.30
C GLY D 96 2.15 -27.84 -11.36
N ALA D 97 2.89 -28.86 -10.98
CA ALA D 97 3.64 -29.63 -11.92
C ALA D 97 2.61 -30.53 -12.63
N PHE D 98 3.06 -31.24 -13.67
CA PHE D 98 2.28 -32.21 -14.41
C PHE D 98 3.04 -33.53 -14.38
N ALA D 99 2.47 -34.54 -13.73
CA ALA D 99 3.05 -35.86 -13.61
C ALA D 99 1.96 -36.78 -13.11
N PRO D 100 2.01 -38.08 -13.47
CA PRO D 100 0.99 -39.03 -13.01
C PRO D 100 1.17 -39.13 -11.53
N VAL D 101 0.11 -39.55 -10.82
CA VAL D 101 0.15 -39.54 -9.37
C VAL D 101 1.34 -40.28 -8.71
N GLN D 102 1.71 -41.47 -9.22
CA GLN D 102 2.82 -42.26 -8.70
C GLN D 102 4.17 -41.58 -8.72
N ASP D 103 4.29 -40.52 -9.54
CA ASP D 103 5.56 -39.74 -9.71
C ASP D 103 5.34 -38.28 -9.39
N TYR D 104 4.22 -37.96 -8.74
CA TYR D 104 3.92 -36.55 -8.50
C TYR D 104 4.82 -36.01 -7.40
N PRO D 105 5.54 -34.93 -7.68
CA PRO D 105 6.46 -34.31 -6.70
C PRO D 105 5.72 -33.91 -5.44
N SER D 106 6.10 -34.51 -4.31
CA SER D 106 5.41 -34.30 -3.05
C SER D 106 5.48 -32.87 -2.49
N ASP D 107 6.64 -32.23 -2.60
CA ASP D 107 6.77 -30.87 -2.12
C ASP D 107 5.86 -29.98 -2.97
N ASP D 108 5.83 -30.20 -4.28
CA ASP D 108 4.92 -29.41 -5.13
C ASP D 108 3.44 -29.60 -4.79
N PHE D 109 3.03 -30.84 -4.47
CA PHE D 109 1.65 -31.15 -4.09
C PHE D 109 1.22 -30.22 -2.91
N ALA D 110 2.03 -30.16 -1.84
CA ALA D 110 1.69 -29.33 -0.65
C ALA D 110 1.68 -27.86 -1.02
N ARG D 111 2.60 -27.47 -1.89
CA ARG D 111 2.64 -26.09 -2.33
C ARG D 111 1.33 -25.72 -3.06
N VAL D 112 0.91 -26.55 -4.00
CA VAL D 112 -0.33 -26.26 -4.70
C VAL D 112 -1.46 -26.08 -3.73
N LEU D 113 -1.60 -27.01 -2.78
CA LEU D 113 -2.67 -26.89 -1.78
C LEU D 113 -2.53 -25.62 -0.94
N THR D 114 -1.30 -25.33 -0.53
CA THR D 114 -1.11 -24.17 0.31
C THR D 114 -1.45 -22.81 -0.38
N ILE D 115 -1.09 -22.65 -1.63
CA ILE D 115 -1.40 -21.42 -2.32
C ILE D 115 -2.87 -21.39 -2.75
N ASN D 116 -3.32 -22.43 -3.44
CA ASN D 116 -4.69 -22.48 -3.96
C ASN D 116 -5.82 -22.69 -2.97
N VAL D 117 -5.55 -23.37 -1.86
CA VAL D 117 -6.58 -23.60 -0.87
C VAL D 117 -6.38 -22.78 0.38
N THR D 118 -5.26 -23.00 1.08
CA THR D 118 -5.03 -22.27 2.34
C THR D 118 -4.92 -20.74 2.10
N GLY D 119 -4.26 -20.38 1.02
CA GLY D 119 -4.11 -18.96 0.73
C GLY D 119 -5.45 -18.34 0.37
N ALA D 120 -6.22 -19.03 -0.48
CA ALA D 120 -7.54 -18.54 -0.85
C ALA D 120 -8.40 -18.39 0.42
N PHE D 121 -8.23 -19.34 1.32
CA PHE D 121 -8.96 -19.29 2.58
C PHE D 121 -8.49 -18.08 3.46
N HIS D 122 -7.19 -17.84 3.56
CA HIS D 122 -6.71 -16.69 4.37
C HIS D 122 -7.42 -15.40 3.89
N VAL D 123 -7.44 -15.21 2.57
CA VAL D 123 -8.10 -14.07 1.95
C VAL D 123 -9.62 -14.04 2.19
N LEU D 124 -10.29 -15.17 1.99
CA LEU D 124 -11.73 -15.24 2.21
C LEU D 124 -12.10 -14.94 3.65
N LYS D 125 -11.32 -15.45 4.60
CA LYS D 125 -11.60 -15.22 6.01
C LYS D 125 -11.49 -13.74 6.41
N ALA D 126 -10.37 -13.14 6.03
CA ALA D 126 -10.12 -11.76 6.42
C ALA D 126 -11.11 -10.81 5.77
N VAL D 127 -11.35 -11.03 4.48
CA VAL D 127 -12.29 -10.18 3.77
C VAL D 127 -13.72 -10.39 4.28
N SER D 128 -14.11 -11.64 4.52
CA SER D 128 -15.45 -11.93 4.99
C SER D 128 -15.79 -11.24 6.32
N ARG D 129 -14.82 -11.14 7.21
CA ARG D 129 -15.04 -10.43 8.49
C ARG D 129 -15.38 -8.96 8.22
N GLN D 130 -14.70 -8.39 7.25
CA GLN D 130 -14.97 -7.00 6.93
C GLN D 130 -16.37 -6.93 6.33
N MET D 131 -16.69 -7.83 5.41
CA MET D 131 -18.01 -7.78 4.80
C MET D 131 -19.07 -7.94 5.81
N ILE D 132 -18.78 -8.70 6.87
CA ILE D 132 -19.76 -8.90 7.91
C ILE D 132 -20.05 -7.57 8.61
N THR D 133 -19.01 -6.80 8.90
CA THR D 133 -19.22 -5.47 9.54
C THR D 133 -20.01 -4.55 8.62
N GLN D 134 -19.89 -4.77 7.30
CA GLN D 134 -20.64 -3.97 6.31
C GLN D 134 -22.02 -4.57 6.06
N ASN D 135 -22.22 -5.78 6.56
CA ASN D 135 -23.43 -6.56 6.28
C ASN D 135 -23.72 -6.53 4.78
N TYR D 136 -22.66 -6.66 4.01
CA TYR D 136 -22.80 -6.74 2.58
C TYR D 136 -21.53 -7.28 1.91
N GLY D 137 -21.69 -8.12 0.90
CA GLY D 137 -20.49 -8.54 0.18
C GLY D 137 -20.82 -9.59 -0.84
N ARG D 138 -20.07 -9.62 -1.93
CA ARG D 138 -20.24 -10.66 -2.95
C ARG D 138 -18.82 -11.18 -3.27
N ILE D 139 -18.67 -12.51 -3.29
CA ILE D 139 -17.38 -13.11 -3.48
C ILE D 139 -17.41 -14.16 -4.63
N VAL D 140 -16.38 -14.14 -5.47
CA VAL D 140 -16.21 -15.12 -6.53
C VAL D 140 -14.83 -15.79 -6.33
N ASN D 141 -14.85 -17.12 -6.21
CA ASN D 141 -13.65 -17.88 -6.03
C ASN D 141 -13.38 -18.52 -7.38
N THR D 142 -12.14 -18.49 -7.81
CA THR D 142 -11.74 -19.09 -9.07
C THR D 142 -11.40 -20.57 -8.81
N ALA D 143 -12.26 -21.45 -9.29
CA ALA D 143 -11.98 -22.89 -9.17
C ALA D 143 -11.47 -23.33 -10.55
N SER D 144 -12.04 -24.36 -11.18
CA SER D 144 -11.52 -24.81 -12.46
C SER D 144 -12.25 -26.07 -12.88
N MET D 145 -12.27 -26.36 -14.17
CA MET D 145 -12.86 -27.61 -14.61
C MET D 145 -12.07 -28.78 -14.00
N ALA D 146 -10.80 -28.56 -13.63
CA ALA D 146 -9.98 -29.63 -13.03
C ALA D 146 -10.53 -29.99 -11.66
N GLY D 147 -11.22 -29.05 -11.03
CA GLY D 147 -11.88 -29.34 -9.76
C GLY D 147 -13.21 -30.07 -9.93
N VAL D 148 -13.89 -29.80 -11.06
CA VAL D 148 -15.18 -30.43 -11.40
C VAL D 148 -14.96 -31.95 -11.74
N LYS D 149 -13.85 -32.22 -12.40
CA LYS D 149 -13.42 -33.57 -12.72
C LYS D 149 -11.89 -33.63 -12.81
N GLY D 150 -11.29 -34.36 -11.86
CA GLY D 150 -9.84 -34.49 -11.80
C GLY D 150 -9.22 -34.91 -13.11
N PRO D 151 -8.34 -34.09 -13.69
CA PRO D 151 -7.68 -34.41 -14.98
C PRO D 151 -6.45 -35.32 -14.83
N PRO D 152 -6.02 -35.95 -15.93
CA PRO D 152 -4.84 -36.80 -15.82
C PRO D 152 -3.58 -35.91 -15.56
N ASN D 153 -2.67 -36.43 -14.76
CA ASN D 153 -1.43 -35.82 -14.38
C ASN D 153 -1.55 -34.50 -13.59
N MET D 154 -2.73 -34.19 -13.06
CA MET D 154 -2.85 -32.97 -12.28
C MET D 154 -3.37 -33.26 -10.88
N ALA D 155 -2.75 -34.21 -10.21
CA ALA D 155 -3.18 -34.60 -8.88
C ALA D 155 -3.39 -33.43 -7.93
N ALA D 156 -2.36 -32.64 -7.72
CA ALA D 156 -2.48 -31.52 -6.80
C ALA D 156 -3.47 -30.44 -7.21
N TYR D 157 -3.32 -29.92 -8.43
CA TYR D 157 -4.20 -28.85 -8.88
C TYR D 157 -5.67 -29.25 -8.79
N GLY D 158 -5.97 -30.43 -9.31
CA GLY D 158 -7.33 -30.93 -9.32
C GLY D 158 -7.88 -31.00 -7.90
N THR D 159 -7.09 -31.56 -7.01
CA THR D 159 -7.57 -31.65 -5.64
C THR D 159 -7.76 -30.24 -5.07
N SER D 160 -6.86 -29.30 -5.39
CA SER D 160 -7.00 -27.94 -4.83
C SER D 160 -8.29 -27.27 -5.32
N LYS D 161 -8.64 -27.50 -6.58
CA LYS D 161 -9.80 -26.85 -7.11
C LYS D 161 -11.08 -27.55 -6.66
N GLY D 162 -11.02 -28.86 -6.44
CA GLY D 162 -12.20 -29.55 -5.91
C GLY D 162 -12.46 -29.05 -4.47
N ALA D 163 -11.38 -28.76 -3.77
CA ALA D 163 -11.44 -28.24 -2.41
C ALA D 163 -12.06 -26.87 -2.47
N ILE D 164 -11.66 -26.08 -3.47
CA ILE D 164 -12.23 -24.73 -3.60
C ILE D 164 -13.77 -24.77 -3.81
N ILE D 165 -14.24 -25.72 -4.60
CA ILE D 165 -15.69 -25.86 -4.87
C ILE D 165 -16.47 -26.17 -3.54
N ALA D 166 -15.93 -27.06 -2.71
CA ALA D 166 -16.57 -27.35 -1.43
C ALA D 166 -16.48 -26.14 -0.50
N LEU D 167 -15.35 -25.45 -0.51
CA LEU D 167 -15.12 -24.29 0.37
C LEU D 167 -16.16 -23.26 0.00
N THR D 168 -16.35 -23.07 -1.31
CA THR D 168 -17.35 -22.13 -1.79
C THR D 168 -18.73 -22.44 -1.23
N GLU D 169 -19.12 -23.72 -1.24
CA GLU D 169 -20.45 -24.10 -0.71
C GLU D 169 -20.53 -23.86 0.81
N THR D 170 -19.49 -24.24 1.55
CA THR D 170 -19.50 -24.02 3.00
C THR D 170 -19.53 -22.49 3.32
N ALA D 171 -18.71 -21.72 2.59
CA ALA D 171 -18.65 -20.29 2.79
C ALA D 171 -20.01 -19.62 2.49
N ALA D 172 -20.68 -20.11 1.45
CA ALA D 172 -21.98 -19.60 1.07
C ALA D 172 -22.94 -19.81 2.26
N LEU D 173 -22.96 -21.00 2.84
CA LEU D 173 -23.84 -21.24 3.97
C LEU D 173 -23.47 -20.35 5.17
N ASP D 174 -22.18 -20.32 5.55
CA ASP D 174 -21.79 -19.56 6.75
C ASP D 174 -22.07 -18.06 6.62
N LEU D 175 -21.87 -17.52 5.42
CA LEU D 175 -22.01 -16.09 5.27
C LEU D 175 -23.37 -15.57 4.81
N ALA D 176 -24.24 -16.48 4.43
CA ALA D 176 -25.57 -16.11 3.98
C ALA D 176 -26.26 -15.14 4.94
N PRO D 177 -26.25 -15.43 6.26
CA PRO D 177 -26.93 -14.50 7.17
C PRO D 177 -26.44 -13.06 7.19
N TYR D 178 -25.38 -12.73 6.50
CA TYR D 178 -24.93 -11.35 6.59
C TYR D 178 -24.99 -10.64 5.30
N ASN D 179 -25.89 -11.09 4.43
CA ASN D 179 -26.06 -10.51 3.11
C ASN D 179 -24.80 -10.64 2.28
N ILE D 180 -24.11 -11.79 2.39
CA ILE D 180 -22.91 -12.04 1.57
C ILE D 180 -23.21 -13.30 0.73
N ARG D 181 -22.81 -13.29 -0.54
CA ARG D 181 -23.03 -14.47 -1.38
C ARG D 181 -21.64 -14.88 -1.81
N VAL D 182 -21.43 -16.17 -2.04
CA VAL D 182 -20.12 -16.69 -2.40
C VAL D 182 -20.35 -17.71 -3.50
N ASN D 183 -19.72 -17.55 -4.66
CA ASN D 183 -19.92 -18.47 -5.79
C ASN D 183 -18.53 -18.72 -6.39
N ALA D 184 -18.44 -19.55 -7.44
CA ALA D 184 -17.16 -19.90 -8.05
C ALA D 184 -17.30 -20.01 -9.57
N ILE D 185 -16.19 -19.90 -10.28
CA ILE D 185 -16.20 -20.06 -11.71
C ILE D 185 -15.21 -21.19 -11.93
N SER D 186 -15.47 -21.99 -12.97
CA SER D 186 -14.56 -23.09 -13.28
C SER D 186 -14.21 -23.07 -14.77
N PRO D 187 -13.20 -22.26 -15.12
CA PRO D 187 -12.76 -22.16 -16.53
C PRO D 187 -12.20 -23.52 -16.97
N GLY D 188 -12.40 -23.80 -18.26
CA GLY D 188 -11.88 -24.99 -18.91
C GLY D 188 -10.59 -24.58 -19.61
N TYR D 189 -10.47 -24.91 -20.89
CA TYR D 189 -9.29 -24.60 -21.70
C TYR D 189 -9.35 -23.15 -22.15
N MET D 190 -8.43 -22.33 -21.65
CA MET D 190 -8.40 -20.91 -21.99
C MET D 190 -7.10 -20.58 -22.67
N GLY D 191 -7.18 -19.80 -23.74
CA GLY D 191 -5.98 -19.47 -24.46
C GLY D 191 -6.19 -18.26 -25.35
N PRO D 192 -5.15 -17.83 -26.06
CA PRO D 192 -3.87 -18.50 -25.96
C PRO D 192 -2.97 -17.73 -25.03
N GLY D 193 -1.88 -17.30 -25.63
CA GLY D 193 -0.87 -16.58 -24.91
C GLY D 193 -0.09 -17.66 -24.21
N PHE D 194 0.20 -17.44 -22.94
CA PHE D 194 0.97 -18.41 -22.21
C PHE D 194 0.18 -18.89 -20.98
N MET D 195 0.61 -20.05 -20.48
CA MET D 195 0.01 -20.75 -19.37
C MET D 195 -0.95 -21.73 -20.03
N TRP D 196 -1.20 -21.49 -21.31
CA TRP D 196 -2.02 -22.40 -22.11
C TRP D 196 -0.85 -23.19 -22.70
N GLU D 197 0.20 -22.48 -23.14
CA GLU D 197 1.37 -23.15 -23.69
C GLU D 197 2.04 -24.02 -22.60
N ARG D 198 1.98 -23.61 -21.34
CA ARG D 198 2.59 -24.38 -20.25
C ARG D 198 1.88 -25.74 -20.09
N GLN D 199 0.56 -25.67 -20.03
CA GLN D 199 -0.28 -26.84 -19.90
C GLN D 199 -0.06 -27.76 -21.13
N VAL D 200 0.00 -27.18 -22.33
CA VAL D 200 0.23 -27.99 -23.54
C VAL D 200 1.60 -28.67 -23.52
N GLU D 201 2.64 -27.90 -23.22
CA GLU D 201 3.98 -28.45 -23.20
C GLU D 201 4.17 -29.44 -22.08
N LEU D 202 3.62 -29.12 -20.91
CA LEU D 202 3.83 -30.04 -19.80
C LEU D 202 3.04 -31.35 -19.84
N GLN D 203 1.84 -31.36 -20.44
CA GLN D 203 1.08 -32.60 -20.58
C GLN D 203 1.82 -33.40 -21.64
N ALA D 204 2.31 -32.70 -22.66
CA ALA D 204 3.01 -33.43 -23.70
C ALA D 204 4.22 -34.16 -23.15
N LYS D 205 4.99 -33.48 -22.32
CA LYS D 205 6.18 -34.03 -21.71
C LYS D 205 5.88 -35.28 -20.87
N VAL D 206 4.70 -35.39 -20.27
CA VAL D 206 4.43 -36.58 -19.48
C VAL D 206 4.44 -37.89 -20.28
N GLY D 207 3.80 -37.92 -21.44
CA GLY D 207 3.75 -39.15 -22.21
C GLY D 207 2.73 -40.19 -21.70
N SER D 208 1.68 -39.72 -21.04
CA SER D 208 0.63 -40.63 -20.55
C SER D 208 -0.20 -40.97 -21.76
N GLN D 209 -1.13 -41.91 -21.60
CA GLN D 209 -2.01 -42.35 -22.68
C GLN D 209 -3.03 -41.32 -23.07
N TYR D 210 -3.13 -40.26 -22.27
CA TYR D 210 -4.12 -39.23 -22.52
C TYR D 210 -3.81 -38.15 -23.56
N PHE D 211 -2.55 -37.93 -23.87
CA PHE D 211 -2.14 -36.91 -24.84
C PHE D 211 -0.87 -37.32 -25.57
N SER D 212 -0.66 -36.78 -26.78
CA SER D 212 0.57 -37.08 -27.51
C SER D 212 1.78 -36.44 -26.80
N THR D 213 3.01 -36.82 -27.17
CA THR D 213 4.20 -36.17 -26.60
C THR D 213 4.54 -35.01 -27.55
N ASP D 214 3.81 -34.89 -28.65
CA ASP D 214 4.01 -33.79 -29.60
C ASP D 214 3.04 -32.64 -29.19
N PRO D 215 3.59 -31.53 -28.66
CA PRO D 215 2.84 -30.35 -28.20
C PRO D 215 1.85 -29.78 -29.20
N LYS D 216 2.18 -29.79 -30.49
CA LYS D 216 1.25 -29.30 -31.52
C LYS D 216 0.04 -30.25 -31.56
N VAL D 217 0.32 -31.55 -31.50
CA VAL D 217 -0.73 -32.58 -31.46
C VAL D 217 -1.60 -32.47 -30.16
N VAL D 218 -0.98 -32.21 -29.02
CA VAL D 218 -1.68 -32.06 -27.74
C VAL D 218 -2.64 -30.86 -27.80
N ALA D 219 -2.18 -29.73 -28.30
CA ALA D 219 -3.05 -28.58 -28.41
C ALA D 219 -4.33 -28.96 -29.24
N GLN D 220 -4.15 -29.75 -30.29
CA GLN D 220 -5.31 -30.18 -31.10
C GLN D 220 -6.25 -31.15 -30.34
N GLN D 221 -5.68 -31.99 -29.52
CA GLN D 221 -6.49 -32.91 -28.76
C GLN D 221 -7.29 -32.15 -27.73
N MET D 222 -6.67 -31.15 -27.09
CA MET D 222 -7.41 -30.37 -26.09
C MET D 222 -8.55 -29.59 -26.74
N ILE D 223 -8.22 -28.81 -27.75
CA ILE D 223 -9.22 -28.05 -28.45
C ILE D 223 -10.23 -29.01 -29.03
N GLY D 224 -9.76 -30.13 -29.54
CA GLY D 224 -10.67 -31.10 -30.12
C GLY D 224 -11.68 -31.67 -29.14
N SER D 225 -11.41 -31.58 -27.84
CA SER D 225 -12.33 -32.11 -26.83
C SER D 225 -13.47 -31.12 -26.47
N VAL D 226 -13.33 -29.87 -26.89
CA VAL D 226 -14.32 -28.85 -26.54
C VAL D 226 -15.45 -28.82 -27.59
N PRO D 227 -16.71 -28.89 -27.15
CA PRO D 227 -17.78 -28.86 -28.16
C PRO D 227 -17.72 -27.62 -29.04
N MET D 228 -17.39 -26.48 -28.47
CA MET D 228 -17.31 -25.30 -29.34
C MET D 228 -16.07 -25.31 -30.21
N ARG D 229 -15.20 -26.30 -30.03
CA ARG D 229 -13.97 -26.49 -30.84
C ARG D 229 -13.04 -25.28 -30.92
N ARG D 230 -12.78 -24.70 -29.76
CA ARG D 230 -11.84 -23.60 -29.59
C ARG D 230 -11.52 -23.51 -28.10
N TYR D 231 -10.33 -23.03 -27.73
CA TYR D 231 -10.14 -22.81 -26.29
C TYR D 231 -10.84 -21.44 -26.07
N GLY D 232 -11.15 -21.12 -24.82
CA GLY D 232 -11.80 -19.85 -24.54
C GLY D 232 -10.83 -18.70 -24.44
N ASP D 233 -11.31 -17.49 -24.71
CA ASP D 233 -10.44 -16.35 -24.58
C ASP D 233 -10.52 -15.90 -23.13
N ILE D 234 -9.39 -15.49 -22.57
CA ILE D 234 -9.35 -15.01 -21.19
C ILE D 234 -10.42 -13.95 -21.00
N ASN D 235 -10.68 -13.16 -22.04
CA ASN D 235 -11.67 -12.12 -21.92
C ASN D 235 -13.09 -12.62 -21.82
N GLU D 236 -13.30 -13.94 -21.89
CA GLU D 236 -14.66 -14.45 -21.76
C GLU D 236 -14.99 -14.82 -20.34
N ILE D 237 -14.11 -14.45 -19.42
CA ILE D 237 -14.31 -14.76 -18.01
C ILE D 237 -14.80 -13.60 -17.13
N PRO D 238 -14.24 -12.39 -17.32
CA PRO D 238 -14.66 -11.21 -16.52
C PRO D 238 -16.19 -10.96 -16.49
N GLY D 239 -16.85 -11.16 -17.62
CA GLY D 239 -18.30 -11.00 -17.62
C GLY D 239 -19.00 -12.01 -16.74
N VAL D 240 -18.45 -13.23 -16.57
CA VAL D 240 -19.12 -14.19 -15.73
C VAL D 240 -18.92 -13.72 -14.27
N VAL D 241 -17.74 -13.18 -13.98
CA VAL D 241 -17.42 -12.72 -12.62
C VAL D 241 -18.35 -11.59 -12.22
N ALA D 242 -18.47 -10.62 -13.15
CA ALA D 242 -19.32 -9.44 -12.93
C ALA D 242 -20.74 -9.86 -12.68
N PHE D 243 -21.23 -10.85 -13.47
CA PHE D 243 -22.57 -11.36 -13.25
C PHE D 243 -22.74 -11.92 -11.84
N LEU D 244 -21.75 -12.71 -11.38
CA LEU D 244 -21.83 -13.30 -10.03
C LEU D 244 -21.68 -12.29 -8.88
N LEU D 245 -21.07 -11.14 -9.16
CA LEU D 245 -20.90 -10.07 -8.15
C LEU D 245 -22.11 -9.13 -8.10
N GLY D 246 -22.73 -8.91 -9.27
CA GLY D 246 -23.89 -8.05 -9.42
C GLY D 246 -25.28 -8.58 -9.04
N ASP D 247 -26.27 -7.69 -9.09
CA ASP D 247 -27.62 -8.02 -8.68
C ASP D 247 -28.43 -9.03 -9.48
N ASP D 248 -28.02 -9.32 -10.70
CA ASP D 248 -28.77 -10.32 -11.47
C ASP D 248 -28.62 -11.75 -10.86
N SER D 249 -27.61 -11.95 -9.99
CA SER D 249 -27.41 -13.25 -9.38
C SER D 249 -27.85 -13.20 -7.92
N SER D 250 -28.75 -12.26 -7.60
CA SER D 250 -29.19 -12.05 -6.22
C SER D 250 -29.69 -13.25 -5.45
N PHE D 251 -30.24 -14.26 -6.12
CA PHE D 251 -30.71 -15.41 -5.39
C PHE D 251 -29.77 -16.58 -5.68
N MET D 252 -28.56 -16.29 -6.18
CA MET D 252 -27.61 -17.38 -6.43
C MET D 252 -26.42 -17.33 -5.44
N THR D 253 -26.14 -18.45 -4.76
CA THR D 253 -25.01 -18.51 -3.86
C THR D 253 -24.66 -20.00 -3.75
N GLY D 254 -23.38 -20.29 -3.56
CA GLY D 254 -22.96 -21.68 -3.45
C GLY D 254 -22.91 -22.37 -4.81
N VAL D 255 -23.02 -21.61 -5.91
CA VAL D 255 -23.00 -22.24 -7.23
C VAL D 255 -21.63 -22.15 -7.90
N ASN D 256 -21.36 -23.06 -8.83
CA ASN D 256 -20.09 -23.14 -9.56
C ASN D 256 -20.43 -23.13 -11.06
N LEU D 257 -19.94 -22.10 -11.77
CA LEU D 257 -20.21 -21.92 -13.19
C LEU D 257 -19.10 -22.38 -14.11
N PRO D 258 -19.33 -23.48 -14.87
CA PRO D 258 -18.30 -23.94 -15.80
C PRO D 258 -18.23 -22.91 -16.93
N ILE D 259 -17.02 -22.55 -17.33
CA ILE D 259 -16.81 -21.63 -18.45
C ILE D 259 -15.84 -22.47 -19.27
N ALA D 260 -16.40 -23.39 -20.05
CA ALA D 260 -15.59 -24.41 -20.71
C ALA D 260 -15.94 -24.84 -22.14
N GLY D 261 -16.87 -24.11 -22.75
CA GLY D 261 -17.26 -24.44 -24.11
C GLY D 261 -18.12 -25.69 -24.30
N GLY D 262 -18.72 -26.24 -23.23
CA GLY D 262 -19.60 -27.41 -23.37
C GLY D 262 -19.19 -28.78 -22.84
N LYS E 3 34.90 2.28 20.16
CA LYS E 3 36.02 2.90 20.94
C LYS E 3 37.11 3.46 20.04
N LYS E 4 36.83 4.53 19.29
CA LYS E 4 37.90 5.05 18.45
C LYS E 4 38.73 5.97 19.27
N PHE E 5 39.58 6.70 18.61
CA PHE E 5 40.45 7.60 19.32
C PHE E 5 41.54 6.79 20.01
N ASN E 6 41.48 5.46 19.93
CA ASN E 6 42.59 4.67 20.49
C ASN E 6 43.80 5.15 19.69
N GLY E 7 44.86 5.55 20.39
CA GLY E 7 46.08 6.02 19.74
C GLY E 7 46.10 7.52 19.40
N LYS E 8 44.94 8.16 19.50
CA LYS E 8 44.86 9.61 19.22
C LYS E 8 45.34 10.39 20.42
N VAL E 9 45.86 11.59 20.16
CA VAL E 9 46.32 12.48 21.21
C VAL E 9 45.62 13.83 21.06
N CYS E 10 45.00 14.31 22.17
CA CYS E 10 44.30 15.62 22.20
C CYS E 10 44.87 16.63 23.24
N LEU E 11 45.13 17.85 22.77
CA LEU E 11 45.61 18.89 23.65
C LEU E 11 44.36 19.65 24.01
N VAL E 12 44.06 19.75 25.30
CA VAL E 12 42.90 20.48 25.79
C VAL E 12 43.32 21.74 26.59
N THR E 13 42.89 22.93 26.14
CA THR E 13 43.25 24.09 26.94
C THR E 13 42.10 24.42 27.91
N GLY E 14 42.39 25.13 28.99
CA GLY E 14 41.33 25.34 29.98
C GLY E 14 40.99 23.98 30.60
N ALA E 15 41.93 23.02 30.52
CA ALA E 15 41.70 21.66 31.01
C ALA E 15 41.33 21.56 32.46
N GLY E 16 41.83 22.46 33.29
CA GLY E 16 41.49 22.37 34.68
C GLY E 16 40.10 22.85 34.98
N GLY E 17 39.42 23.45 34.00
CA GLY E 17 38.08 23.96 34.24
C GLY E 17 36.92 23.00 33.95
N ASN E 18 35.70 23.47 34.19
CA ASN E 18 34.48 22.68 34.02
C ASN E 18 34.33 21.94 32.70
N ILE E 19 34.30 22.68 31.60
CA ILE E 19 34.12 22.07 30.30
C ILE E 19 35.29 21.31 29.75
N GLY E 20 36.48 21.86 29.98
CA GLY E 20 37.70 21.24 29.54
C GLY E 20 37.87 19.89 30.19
N LEU E 21 37.64 19.83 31.49
CA LEU E 21 37.78 18.55 32.17
C LEU E 21 36.74 17.55 31.72
N ALA E 22 35.46 17.94 31.69
CA ALA E 22 34.43 16.96 31.27
C ALA E 22 34.74 16.41 29.87
N THR E 23 35.29 17.25 29.02
CA THR E 23 35.58 16.84 27.67
C THR E 23 36.79 15.90 27.67
N ALA E 24 37.85 16.23 28.42
CA ALA E 24 39.02 15.34 28.47
C ALA E 24 38.57 13.96 28.95
N LEU E 25 37.70 13.94 29.97
CA LEU E 25 37.26 12.65 30.51
C LEU E 25 36.47 11.87 29.49
N ARG E 26 35.77 12.55 28.60
CA ARG E 26 34.98 11.84 27.60
C ARG E 26 35.89 11.27 26.51
N LEU E 27 36.86 12.07 26.05
CA LEU E 27 37.77 11.60 25.00
C LEU E 27 38.63 10.48 25.57
N ALA E 28 38.95 10.56 26.87
CA ALA E 28 39.76 9.51 27.50
C ALA E 28 38.97 8.23 27.56
N GLU E 29 37.66 8.36 27.80
CA GLU E 29 36.83 7.16 27.82
C GLU E 29 36.91 6.50 26.46
N GLU E 30 37.16 7.32 25.43
CA GLU E 30 37.25 6.80 24.07
C GLU E 30 38.64 6.24 23.69
N GLY E 31 39.61 6.37 24.60
CA GLY E 31 40.96 5.87 24.35
C GLY E 31 42.00 6.94 24.00
N THR E 32 41.58 8.21 23.98
CA THR E 32 42.54 9.23 23.63
C THR E 32 43.41 9.68 24.79
N ALA E 33 44.68 9.90 24.48
CA ALA E 33 45.69 10.37 25.44
C ALA E 33 45.48 11.87 25.58
N ILE E 34 45.54 12.37 26.80
CA ILE E 34 45.29 13.79 27.01
C ILE E 34 46.40 14.72 27.52
N ALA E 35 46.68 15.78 26.74
CA ALA E 35 47.63 16.76 27.19
C ALA E 35 46.75 17.84 27.79
N LEU E 36 46.82 18.04 29.11
CA LEU E 36 46.01 19.06 29.80
C LEU E 36 46.82 20.33 29.92
N LEU E 37 46.22 21.45 29.46
CA LEU E 37 46.84 22.78 29.47
C LEU E 37 45.98 23.82 30.20
N ASP E 38 46.59 24.50 31.17
CA ASP E 38 45.86 25.49 31.95
C ASP E 38 46.81 26.40 32.75
N MET E 39 46.27 27.53 33.18
CA MET E 39 46.95 28.55 33.97
C MET E 39 47.10 28.06 35.39
N ASN E 40 46.06 27.38 35.84
CA ASN E 40 45.94 26.90 37.20
C ASN E 40 46.60 25.57 37.52
N ARG E 41 47.71 25.61 38.25
CA ARG E 41 48.44 24.39 38.56
C ARG E 41 47.61 23.42 39.40
N GLU E 42 46.94 23.95 40.40
CA GLU E 42 46.16 23.11 41.26
C GLU E 42 45.05 22.37 40.51
N ALA E 43 44.27 23.07 39.71
CA ALA E 43 43.17 22.42 39.00
C ALA E 43 43.69 21.33 38.08
N LEU E 44 44.86 21.59 37.50
CA LEU E 44 45.48 20.64 36.61
C LEU E 44 45.78 19.36 37.33
N GLU E 45 46.32 19.46 38.55
CA GLU E 45 46.65 18.26 39.30
C GLU E 45 45.41 17.43 39.52
N LYS E 46 44.35 18.07 40.00
CA LYS E 46 43.08 17.40 40.24
C LYS E 46 42.59 16.82 38.89
N ALA E 47 42.62 17.64 37.84
CA ALA E 47 42.14 17.20 36.54
C ALA E 47 42.91 15.99 35.98
N GLU E 48 44.21 15.98 36.18
CA GLU E 48 45.05 14.92 35.65
C GLU E 48 44.82 13.56 36.30
N ALA E 49 44.57 13.56 37.59
CA ALA E 49 44.39 12.29 38.27
C ALA E 49 43.07 11.71 37.80
N SER E 50 42.08 12.57 37.54
CA SER E 50 40.79 12.08 37.03
C SER E 50 40.92 11.45 35.64
N VAL E 51 41.68 12.08 34.75
CA VAL E 51 41.87 11.54 33.41
C VAL E 51 42.61 10.20 33.48
N ARG E 52 43.67 10.11 34.28
CA ARG E 52 44.40 8.83 34.32
C ARG E 52 43.54 7.68 34.89
N GLU E 53 42.57 8.01 35.75
CA GLU E 53 41.67 7.00 36.32
C GLU E 53 41.01 6.27 35.17
N LYS E 54 40.80 6.99 34.07
CA LYS E 54 40.19 6.40 32.89
C LYS E 54 41.16 5.48 32.16
N GLY E 55 42.41 5.40 32.64
CA GLY E 55 43.41 4.52 32.05
C GLY E 55 44.19 4.99 30.83
N VAL E 56 44.31 6.29 30.59
CA VAL E 56 45.03 6.70 29.41
C VAL E 56 46.23 7.51 29.81
N GLU E 57 47.13 7.71 28.88
CA GLU E 57 48.29 8.52 29.18
C GLU E 57 47.79 9.95 29.31
N ALA E 58 48.33 10.71 30.26
CA ALA E 58 47.93 12.10 30.45
C ALA E 58 49.03 12.88 31.14
N ARG E 59 49.22 14.14 30.75
CA ARG E 59 50.27 14.98 31.36
C ARG E 59 49.73 16.40 31.40
N SER E 60 50.20 17.17 32.36
CA SER E 60 49.77 18.54 32.53
C SER E 60 50.82 19.58 32.17
N TYR E 61 50.36 20.74 31.72
CA TYR E 61 51.27 21.84 31.37
C TYR E 61 50.67 23.13 31.86
N VAL E 62 51.38 23.83 32.73
CA VAL E 62 50.92 25.10 33.23
C VAL E 62 51.33 26.06 32.14
N CYS E 63 50.38 26.83 31.61
CA CYS E 63 50.70 27.74 30.51
C CYS E 63 49.64 28.83 30.42
N ASP E 64 50.08 30.07 30.31
CA ASP E 64 49.15 31.19 30.17
C ASP E 64 49.06 31.38 28.65
N VAL E 65 47.89 31.10 28.05
CA VAL E 65 47.80 31.22 26.59
C VAL E 65 48.04 32.62 26.06
N THR E 66 47.91 33.66 26.86
CA THR E 66 48.17 34.98 26.31
C THR E 66 49.66 35.23 26.08
N SER E 67 50.52 34.34 26.52
CA SER E 67 51.98 34.52 26.27
C SER E 67 52.38 33.55 25.14
N GLU E 68 52.57 34.06 23.91
CA GLU E 68 52.90 33.17 22.79
C GLU E 68 54.14 32.35 23.06
N GLU E 69 55.14 32.98 23.65
CA GLU E 69 56.37 32.27 23.98
C GLU E 69 56.05 31.06 24.87
N ALA E 70 55.14 31.21 25.81
CA ALA E 70 54.77 30.08 26.68
C ALA E 70 54.02 29.03 25.90
N VAL E 71 53.09 29.49 25.07
CA VAL E 71 52.30 28.57 24.27
C VAL E 71 53.22 27.78 23.36
N ILE E 72 54.18 28.45 22.72
CA ILE E 72 55.07 27.73 21.81
C ILE E 72 55.94 26.68 22.48
N GLY E 73 56.52 27.02 23.62
CA GLY E 73 57.35 26.05 24.30
C GLY E 73 56.49 24.86 24.75
N THR E 74 55.28 25.16 25.22
CA THR E 74 54.38 24.09 25.68
C THR E 74 53.99 23.15 24.56
N VAL E 75 53.66 23.72 23.40
CA VAL E 75 53.25 22.86 22.29
C VAL E 75 54.45 22.00 21.88
N ASP E 76 55.64 22.62 21.86
CA ASP E 76 56.84 21.86 21.53
C ASP E 76 56.98 20.73 22.57
N SER E 77 56.66 20.96 23.83
CA SER E 77 56.78 19.89 24.82
C SER E 77 55.77 18.75 24.67
N VAL E 78 54.54 19.10 24.32
CA VAL E 78 53.50 18.11 24.15
C VAL E 78 53.89 17.19 23.01
N VAL E 79 54.47 17.76 21.96
CA VAL E 79 54.85 16.96 20.81
C VAL E 79 55.99 16.00 21.20
N ARG E 80 56.91 16.45 22.06
CA ARG E 80 58.00 15.57 22.43
C ARG E 80 57.48 14.50 23.36
N ASP E 81 56.57 14.90 24.23
CA ASP E 81 56.02 13.94 25.17
C ASP E 81 55.09 12.93 24.53
N PHE E 82 54.16 13.37 23.68
CA PHE E 82 53.23 12.43 23.04
C PHE E 82 53.60 12.06 21.63
N GLY E 83 54.50 12.82 21.03
CA GLY E 83 54.90 12.46 19.68
C GLY E 83 54.09 13.09 18.58
N LYS E 84 52.91 13.63 18.89
CA LYS E 84 52.05 14.26 17.88
C LYS E 84 50.81 14.83 18.57
N ILE E 85 49.99 15.57 17.83
CA ILE E 85 48.75 16.09 18.42
C ILE E 85 47.68 15.88 17.33
N ASP E 86 46.77 14.93 17.54
CA ASP E 86 45.76 14.70 16.55
C ASP E 86 44.59 15.63 16.69
N PHE E 87 44.22 15.94 17.93
CA PHE E 87 43.04 16.78 18.22
C PHE E 87 43.37 17.94 19.12
N LEU E 88 42.67 19.06 18.95
CA LEU E 88 42.86 20.20 19.81
C LEU E 88 41.48 20.67 20.24
N PHE E 89 41.28 20.90 21.54
CA PHE E 89 40.05 21.49 22.07
C PHE E 89 40.55 22.81 22.63
N ASN E 90 40.43 23.86 21.80
CA ASN E 90 40.90 25.22 22.09
C ASN E 90 39.79 25.86 22.89
N ASN E 91 39.89 25.66 24.20
CA ASN E 91 38.81 25.99 25.12
C ASN E 91 38.98 27.02 26.26
N ALA E 92 40.22 27.32 26.62
CA ALA E 92 40.46 28.29 27.66
C ALA E 92 39.74 29.60 27.39
N GLY E 93 39.18 30.22 28.43
CA GLY E 93 38.48 31.48 28.30
C GLY E 93 38.18 32.16 29.64
N TYR E 94 37.73 33.42 29.57
CA TYR E 94 37.42 34.28 30.72
C TYR E 94 36.05 34.91 30.46
N GLN E 95 35.16 34.84 31.43
CA GLN E 95 33.81 35.34 31.25
C GLN E 95 33.64 36.83 31.06
N GLY E 96 34.58 37.61 31.62
CA GLY E 96 34.50 39.06 31.54
C GLY E 96 33.53 39.69 32.57
N ALA E 97 33.56 41.02 32.66
CA ALA E 97 32.67 41.76 33.54
C ALA E 97 31.27 41.89 32.94
N PHE E 98 30.31 42.28 33.76
CA PHE E 98 28.97 42.47 33.24
C PHE E 98 28.65 43.96 33.47
N ALA E 99 28.47 44.69 32.37
CA ALA E 99 28.16 46.10 32.47
C ALA E 99 27.59 46.55 31.13
N PRO E 100 26.65 47.51 31.13
CA PRO E 100 26.08 47.99 29.85
C PRO E 100 27.27 48.66 29.16
N VAL E 101 27.27 48.70 27.83
CA VAL E 101 28.45 49.23 27.11
C VAL E 101 28.97 50.61 27.52
N GLN E 102 28.11 51.59 27.84
CA GLN E 102 28.55 52.94 28.21
C GLN E 102 29.35 52.97 29.51
N ASP E 103 29.30 51.91 30.27
CA ASP E 103 30.02 51.82 31.54
C ASP E 103 30.98 50.62 31.56
N TYR E 104 31.15 49.96 30.42
CA TYR E 104 31.99 48.75 30.42
C TYR E 104 33.45 49.07 30.72
N PRO E 105 34.08 48.35 31.69
CA PRO E 105 35.49 48.55 32.09
C PRO E 105 36.43 48.35 30.88
N SER E 106 37.10 49.41 30.49
CA SER E 106 37.95 49.33 29.32
C SER E 106 39.16 48.40 29.40
N ASP E 107 39.71 48.29 30.60
CA ASP E 107 40.85 47.39 30.76
C ASP E 107 40.39 45.93 30.62
N ASP E 108 39.24 45.64 31.18
CA ASP E 108 38.67 44.32 31.12
C ASP E 108 38.33 44.06 29.69
N PHE E 109 37.89 45.07 28.96
CA PHE E 109 37.53 44.83 27.56
C PHE E 109 38.74 44.28 26.81
N ALA E 110 39.89 44.95 26.95
CA ALA E 110 41.09 44.47 26.26
C ALA E 110 41.50 43.07 26.75
N ARG E 111 41.38 42.86 28.05
CA ARG E 111 41.78 41.60 28.68
C ARG E 111 40.95 40.41 28.12
N VAL E 112 39.65 40.66 27.93
CA VAL E 112 38.82 39.62 27.36
C VAL E 112 39.26 39.26 25.92
N LEU E 113 39.56 40.26 25.10
CA LEU E 113 40.02 39.96 23.74
C LEU E 113 41.35 39.21 23.76
N THR E 114 42.24 39.63 24.65
CA THR E 114 43.55 38.99 24.68
C THR E 114 43.51 37.51 25.06
N ILE E 115 42.71 37.18 26.08
CA ILE E 115 42.59 35.80 26.52
C ILE E 115 41.75 34.99 25.55
N ASN E 116 40.53 35.46 25.29
CA ASN E 116 39.63 34.69 24.43
C ASN E 116 39.93 34.64 22.92
N VAL E 117 40.58 35.66 22.38
CA VAL E 117 40.89 35.66 20.97
C VAL E 117 42.38 35.53 20.66
N THR E 118 43.19 36.49 21.08
CA THR E 118 44.63 36.36 20.85
C THR E 118 45.17 35.05 21.47
N GLY E 119 44.76 34.73 22.70
CA GLY E 119 45.22 33.49 23.33
C GLY E 119 44.82 32.23 22.57
N ALA E 120 43.54 32.17 22.15
CA ALA E 120 43.04 31.03 21.35
C ALA E 120 43.82 30.93 20.03
N PHE E 121 44.16 32.08 19.47
CA PHE E 121 44.90 32.13 18.22
C PHE E 121 46.37 31.66 18.43
N HIS E 122 47.00 32.02 19.56
CA HIS E 122 48.37 31.56 19.74
C HIS E 122 48.42 30.03 19.73
N VAL E 123 47.44 29.40 20.38
CA VAL E 123 47.33 27.96 20.48
C VAL E 123 47.01 27.36 19.09
N LEU E 124 45.98 27.89 18.47
CA LEU E 124 45.59 27.44 17.16
C LEU E 124 46.79 27.49 16.17
N LYS E 125 47.53 28.58 16.17
CA LYS E 125 48.66 28.75 15.29
C LYS E 125 49.75 27.71 15.58
N ALA E 126 50.20 27.61 16.84
CA ALA E 126 51.27 26.68 17.13
C ALA E 126 50.87 25.21 16.84
N VAL E 127 49.66 24.82 17.26
CA VAL E 127 49.19 23.47 17.05
C VAL E 127 48.95 23.17 15.56
N SER E 128 48.42 24.14 14.79
CA SER E 128 48.18 23.84 13.37
C SER E 128 49.51 23.59 12.66
N ARG E 129 50.58 24.25 13.12
CA ARG E 129 51.87 24.03 12.48
C ARG E 129 52.24 22.55 12.65
N GLN E 130 52.03 22.02 13.84
CA GLN E 130 52.32 20.61 14.11
C GLN E 130 51.39 19.73 13.29
N MET E 131 50.14 20.13 13.15
CA MET E 131 49.21 19.28 12.41
C MET E 131 49.56 19.28 10.94
N ILE E 132 50.14 20.36 10.43
CA ILE E 132 50.45 20.38 9.02
C ILE E 132 51.58 19.36 8.76
N THR E 133 52.54 19.35 9.66
CA THR E 133 53.65 18.40 9.57
C THR E 133 53.11 17.00 9.50
N GLN E 134 51.99 16.74 10.17
CA GLN E 134 51.32 15.41 10.16
C GLN E 134 50.29 15.16 9.03
N ASN E 135 49.93 16.21 8.31
CA ASN E 135 48.82 16.20 7.32
C ASN E 135 47.63 15.49 7.94
N TYR E 136 47.38 15.88 9.19
CA TYR E 136 46.24 15.40 9.94
C TYR E 136 45.96 16.25 11.18
N GLY E 137 44.71 16.65 11.36
CA GLY E 137 44.38 17.42 12.56
C GLY E 137 42.90 17.70 12.60
N ARG E 138 42.33 17.70 13.80
CA ARG E 138 40.93 18.06 13.94
C ARG E 138 40.94 19.06 15.10
N ILE E 139 40.26 20.18 14.90
CA ILE E 139 40.23 21.25 15.89
C ILE E 139 38.80 21.68 16.22
N VAL E 140 38.58 21.95 17.50
CA VAL E 140 37.29 22.45 17.97
C VAL E 140 37.56 23.67 18.86
N ASN E 141 37.03 24.82 18.47
CA ASN E 141 37.21 26.05 19.25
C ASN E 141 35.93 26.24 20.05
N THR E 142 36.07 26.69 21.30
CA THR E 142 34.88 26.92 22.12
C THR E 142 34.42 28.35 21.89
N ALA E 143 33.29 28.51 21.22
CA ALA E 143 32.75 29.85 21.00
C ALA E 143 31.66 30.07 22.10
N SER E 144 30.45 30.46 21.72
CA SER E 144 29.39 30.70 22.72
C SER E 144 28.17 31.27 22.02
N MET E 145 26.99 31.04 22.56
CA MET E 145 25.83 31.67 21.92
C MET E 145 26.01 33.20 22.03
N ALA E 146 26.83 33.67 22.97
CA ALA E 146 27.01 35.14 23.09
C ALA E 146 27.70 35.66 21.85
N GLY E 147 28.40 34.78 21.15
CA GLY E 147 29.08 35.16 19.92
C GLY E 147 28.10 35.09 18.75
N VAL E 148 27.11 34.22 18.87
CA VAL E 148 26.10 34.03 17.81
C VAL E 148 25.16 35.26 17.83
N LYS E 149 24.89 35.78 19.02
CA LYS E 149 24.07 37.01 19.14
C LYS E 149 24.54 37.75 20.39
N GLY E 150 25.06 38.94 20.19
CA GLY E 150 25.57 39.70 21.31
C GLY E 150 24.56 39.83 22.42
N PRO E 151 24.88 39.38 23.63
CA PRO E 151 23.94 39.48 24.77
C PRO E 151 23.98 40.84 25.48
N PRO E 152 22.96 41.15 26.30
CA PRO E 152 23.03 42.45 26.98
C PRO E 152 24.13 42.45 28.06
N ASN E 153 24.76 43.61 28.26
CA ASN E 153 25.80 43.76 29.28
C ASN E 153 27.06 42.91 29.16
N MET E 154 27.29 42.29 28.00
CA MET E 154 28.49 41.46 27.83
C MET E 154 29.29 41.92 26.59
N ALA E 155 29.44 43.22 26.42
CA ALA E 155 30.13 43.72 25.26
C ALA E 155 31.41 43.00 24.86
N ALA E 156 32.38 42.88 25.77
CA ALA E 156 33.63 42.26 25.40
C ALA E 156 33.55 40.74 25.18
N TYR E 157 32.88 40.01 26.06
CA TYR E 157 32.79 38.56 25.87
C TYR E 157 32.08 38.23 24.54
N GLY E 158 31.01 38.97 24.22
CA GLY E 158 30.23 38.76 23.02
C GLY E 158 31.15 38.92 21.82
N THR E 159 31.85 40.06 21.81
CA THR E 159 32.80 40.46 20.77
C THR E 159 33.85 39.38 20.60
N SER E 160 34.39 38.90 21.71
CA SER E 160 35.42 37.85 21.64
C SER E 160 34.88 36.53 21.03
N LYS E 161 33.64 36.13 21.34
CA LYS E 161 33.14 34.87 20.78
C LYS E 161 32.65 35.04 19.36
N GLY E 162 32.28 36.27 18.99
CA GLY E 162 31.89 36.52 17.60
C GLY E 162 33.21 36.45 16.80
N ALA E 163 34.29 36.93 17.42
CA ALA E 163 35.60 36.86 16.76
C ALA E 163 36.00 35.40 16.54
N ILE E 164 35.81 34.57 17.56
CA ILE E 164 36.17 33.15 17.44
C ILE E 164 35.41 32.42 16.32
N ILE E 165 34.15 32.80 16.09
CA ILE E 165 33.38 32.16 15.01
C ILE E 165 34.01 32.48 13.64
N ALA E 166 34.33 33.74 13.40
CA ALA E 166 35.01 34.15 12.15
C ALA E 166 36.42 33.49 12.04
N LEU E 167 37.20 33.52 13.11
CA LEU E 167 38.53 32.88 13.06
C LEU E 167 38.40 31.39 12.70
N THR E 168 37.39 30.71 13.28
CA THR E 168 37.17 29.30 12.97
C THR E 168 36.89 29.11 11.47
N GLU E 169 36.10 30.00 10.89
CA GLU E 169 35.80 29.90 9.47
C GLU E 169 37.09 30.16 8.68
N THR E 170 37.84 31.19 9.04
CA THR E 170 39.06 31.45 8.29
C THR E 170 40.07 30.29 8.39
N ALA E 171 40.24 29.76 9.60
CA ALA E 171 41.17 28.67 9.85
C ALA E 171 40.78 27.40 9.09
N ALA E 172 39.47 27.18 8.96
CA ALA E 172 38.94 25.97 8.25
C ALA E 172 39.38 26.08 6.78
N LEU E 173 39.24 27.28 6.23
CA LEU E 173 39.64 27.49 4.84
C LEU E 173 41.14 27.30 4.68
N ASP E 174 41.91 27.99 5.53
CA ASP E 174 43.38 27.98 5.46
C ASP E 174 44.02 26.61 5.60
N LEU E 175 43.46 25.84 6.52
CA LEU E 175 44.00 24.51 6.85
C LEU E 175 43.42 23.31 6.12
N ALA E 176 42.32 23.49 5.39
CA ALA E 176 41.72 22.38 4.70
C ALA E 176 42.67 21.61 3.76
N PRO E 177 43.60 22.29 3.10
CA PRO E 177 44.50 21.55 2.22
C PRO E 177 45.38 20.50 2.90
N TYR E 178 45.55 20.60 4.20
CA TYR E 178 46.45 19.68 4.90
C TYR E 178 45.75 18.63 5.75
N ASN E 179 44.55 18.26 5.31
CA ASN E 179 43.71 17.29 6.01
C ASN E 179 43.44 17.72 7.44
N ILE E 180 43.11 19.01 7.61
CA ILE E 180 42.77 19.52 8.94
C ILE E 180 41.37 20.12 8.87
N ARG E 181 40.56 19.87 9.90
CA ARG E 181 39.20 20.46 9.94
C ARG E 181 39.18 21.30 11.21
N VAL E 182 38.44 22.41 11.17
CA VAL E 182 38.36 23.35 12.30
C VAL E 182 36.87 23.69 12.46
N ASN E 183 36.32 23.46 13.64
CA ASN E 183 34.90 23.76 13.91
C ASN E 183 34.72 24.40 15.28
N ALA E 184 33.50 24.83 15.57
CA ALA E 184 33.27 25.49 16.84
C ALA E 184 31.98 24.99 17.49
N ILE E 185 31.91 25.14 18.82
CA ILE E 185 30.72 24.83 19.59
C ILE E 185 30.30 26.15 20.22
N SER E 186 29.00 26.32 20.43
CA SER E 186 28.49 27.56 21.04
C SER E 186 27.45 27.28 22.17
N PRO E 187 27.92 26.91 23.37
CA PRO E 187 27.04 26.62 24.53
C PRO E 187 26.21 27.84 24.85
N GLY E 188 24.96 27.60 25.25
CA GLY E 188 24.07 28.66 25.70
C GLY E 188 24.14 28.59 27.23
N TYR E 189 22.99 28.52 27.89
CA TYR E 189 22.96 28.45 29.36
C TYR E 189 23.35 27.05 29.88
N MET E 190 24.47 27.00 30.60
CA MET E 190 25.03 25.78 31.19
C MET E 190 25.07 25.97 32.73
N GLY E 191 24.58 24.96 33.46
CA GLY E 191 24.58 25.09 34.91
C GLY E 191 24.39 23.69 35.48
N PRO E 192 24.48 23.53 36.79
CA PRO E 192 24.72 24.55 37.79
C PRO E 192 26.19 24.76 37.98
N GLY E 193 26.54 25.08 39.23
CA GLY E 193 27.93 25.29 39.57
C GLY E 193 28.20 26.71 39.19
N PHE E 194 29.43 27.07 38.86
CA PHE E 194 29.53 28.44 38.52
C PHE E 194 30.11 28.86 37.25
N MET E 195 29.85 30.14 37.05
CA MET E 195 30.12 30.87 35.85
C MET E 195 28.62 30.96 35.49
N TRP E 196 27.83 30.09 36.14
CA TRP E 196 26.37 30.09 35.99
C TRP E 196 25.95 31.05 37.10
N GLU E 197 26.37 30.72 38.33
CA GLU E 197 26.07 31.54 39.49
C GLU E 197 26.56 32.96 39.22
N ARG E 198 27.77 33.06 38.69
CA ARG E 198 28.37 34.35 38.40
C ARG E 198 27.53 35.14 37.39
N GLN E 199 27.17 34.46 36.32
CA GLN E 199 26.36 35.08 35.28
C GLN E 199 25.06 35.66 35.87
N VAL E 200 24.33 34.78 36.56
CA VAL E 200 23.06 35.14 37.19
C VAL E 200 23.25 36.30 38.17
N GLU E 201 24.24 36.18 39.06
CA GLU E 201 24.45 37.23 40.04
C GLU E 201 24.97 38.54 39.44
N LEU E 202 25.94 38.48 38.53
CA LEU E 202 26.41 39.72 37.93
C LEU E 202 25.38 40.39 36.97
N GLN E 203 24.54 39.61 36.31
CA GLN E 203 23.51 40.22 35.45
C GLN E 203 22.48 40.93 36.38
N ALA E 204 22.14 40.26 37.47
CA ALA E 204 21.18 40.83 38.43
C ALA E 204 21.69 42.16 38.94
N LYS E 205 23.01 42.22 39.14
CA LYS E 205 23.72 43.41 39.63
C LYS E 205 23.60 44.60 38.70
N VAL E 206 23.70 44.34 37.41
CA VAL E 206 23.60 45.46 36.49
C VAL E 206 22.31 46.26 36.66
N GLY E 207 21.21 45.53 36.83
CA GLY E 207 19.92 46.21 36.93
C GLY E 207 19.42 46.75 35.60
N SER E 208 19.72 46.06 34.48
CA SER E 208 19.24 46.51 33.16
C SER E 208 17.80 46.02 32.92
N GLN E 209 17.15 46.47 31.86
CA GLN E 209 15.75 46.00 31.53
C GLN E 209 15.63 44.55 31.06
N TYR E 210 16.78 43.89 30.83
CA TYR E 210 16.80 42.51 30.34
C TYR E 210 16.65 41.41 31.41
N PHE E 211 17.00 41.73 32.65
CA PHE E 211 16.86 40.77 33.74
C PHE E 211 16.44 41.50 35.02
N SER E 212 15.87 40.76 35.95
CA SER E 212 15.45 41.28 37.23
C SER E 212 16.68 41.59 38.04
N THR E 213 16.52 42.38 39.10
CA THR E 213 17.64 42.70 40.01
C THR E 213 17.80 41.57 41.02
N ASP E 214 16.81 40.70 41.12
CA ASP E 214 16.86 39.60 42.07
C ASP E 214 17.42 38.35 41.41
N PRO E 215 18.66 37.96 41.75
CA PRO E 215 19.32 36.78 41.18
C PRO E 215 18.50 35.50 41.09
N LYS E 216 17.68 35.26 42.11
CA LYS E 216 16.83 34.07 42.13
C LYS E 216 15.90 34.16 40.96
N VAL E 217 15.45 35.39 40.69
CA VAL E 217 14.53 35.62 39.60
C VAL E 217 15.29 35.59 38.28
N VAL E 218 16.49 36.17 38.27
CA VAL E 218 17.30 36.16 37.05
C VAL E 218 17.54 34.73 36.57
N ALA E 219 17.73 33.78 37.48
CA ALA E 219 18.00 32.41 37.06
C ALA E 219 16.81 31.78 36.37
N GLN E 220 15.62 32.12 36.84
CA GLN E 220 14.44 31.56 36.24
C GLN E 220 14.11 32.18 34.89
N GLN E 221 14.49 33.45 34.73
CA GLN E 221 14.27 34.16 33.48
C GLN E 221 15.18 33.52 32.43
N MET E 222 16.41 33.20 32.84
CA MET E 222 17.37 32.60 31.94
C MET E 222 16.88 31.23 31.50
N ILE E 223 16.52 30.41 32.49
CA ILE E 223 16.02 29.09 32.17
C ILE E 223 14.71 29.19 31.38
N GLY E 224 13.90 30.19 31.68
CA GLY E 224 12.62 30.31 30.98
C GLY E 224 12.76 30.73 29.52
N SER E 225 13.95 31.18 29.11
CA SER E 225 14.20 31.61 27.73
C SER E 225 14.58 30.40 26.85
N VAL E 226 14.94 29.29 27.50
CA VAL E 226 15.31 28.07 26.79
C VAL E 226 14.07 27.22 26.47
N PRO E 227 13.84 26.91 25.18
CA PRO E 227 12.69 26.11 24.78
C PRO E 227 12.62 24.82 25.59
N MET E 228 13.78 24.20 25.84
CA MET E 228 13.80 22.98 26.63
C MET E 228 13.57 23.24 28.12
N ARG E 229 13.46 24.52 28.48
CA ARG E 229 13.21 24.94 29.86
C ARG E 229 14.11 24.39 30.98
N ARG E 230 15.41 24.27 30.69
CA ARG E 230 16.40 23.85 31.67
C ARG E 230 17.74 24.40 31.18
N TYR E 231 18.72 24.60 32.07
CA TYR E 231 20.00 25.03 31.52
C TYR E 231 20.61 23.74 31.08
N GLY E 232 21.67 23.79 30.27
CA GLY E 232 22.28 22.54 29.87
C GLY E 232 23.30 22.05 30.92
N ASP E 233 23.52 20.73 31.04
CA ASP E 233 24.54 20.22 31.95
C ASP E 233 25.85 20.26 31.18
N ILE E 234 26.94 20.56 31.86
CA ILE E 234 28.18 20.63 31.14
C ILE E 234 28.56 19.31 30.47
N ASN E 235 28.06 18.20 30.98
CA ASN E 235 28.37 16.92 30.36
C ASN E 235 27.58 16.70 29.06
N GLU E 236 26.78 17.69 28.67
CA GLU E 236 26.04 17.58 27.41
C GLU E 236 26.90 18.23 26.32
N ILE E 237 28.12 18.64 26.67
CA ILE E 237 29.03 19.23 25.70
C ILE E 237 30.09 18.28 25.11
N PRO E 238 30.76 17.48 25.96
CA PRO E 238 31.78 16.55 25.44
C PRO E 238 31.41 15.72 24.25
N GLY E 239 30.17 15.22 24.21
CA GLY E 239 29.79 14.39 23.08
C GLY E 239 29.77 15.18 21.77
N VAL E 240 29.52 16.48 21.86
CA VAL E 240 29.45 17.29 20.64
C VAL E 240 30.89 17.50 20.16
N VAL E 241 31.80 17.71 21.11
CA VAL E 241 33.20 17.90 20.78
C VAL E 241 33.77 16.66 20.14
N ALA E 242 33.43 15.48 20.67
CA ALA E 242 33.94 14.22 20.12
C ALA E 242 33.40 14.01 18.70
N PHE E 243 32.13 14.36 18.48
CA PHE E 243 31.53 14.17 17.15
C PHE E 243 32.33 15.01 16.12
N LEU E 244 32.63 16.26 16.48
CA LEU E 244 33.37 17.17 15.62
C LEU E 244 34.84 16.77 15.44
N LEU E 245 35.34 16.01 16.39
CA LEU E 245 36.71 15.57 16.25
C LEU E 245 36.78 14.22 15.48
N GLY E 246 35.73 13.39 15.61
CA GLY E 246 35.73 12.09 14.95
C GLY E 246 35.35 12.03 13.47
N ASP E 247 35.30 10.82 12.93
CA ASP E 247 34.99 10.65 11.52
C ASP E 247 33.59 10.87 11.04
N ASP E 248 32.60 10.87 11.95
CA ASP E 248 31.24 11.11 11.49
C ASP E 248 31.08 12.56 10.95
N SER E 249 31.96 13.47 11.36
CA SER E 249 31.90 14.83 10.82
C SER E 249 32.92 15.06 9.71
N SER E 250 33.31 13.98 9.02
CA SER E 250 34.38 14.07 8.00
C SER E 250 34.22 15.11 6.90
N PHE E 251 32.98 15.46 6.52
CA PHE E 251 32.78 16.48 5.50
C PHE E 251 32.28 17.81 6.14
N MET E 252 32.60 18.04 7.40
CA MET E 252 32.19 19.25 8.08
C MET E 252 33.39 20.04 8.60
N THR E 253 33.52 21.28 8.15
CA THR E 253 34.58 22.10 8.67
C THR E 253 34.07 23.54 8.52
N GLY E 254 34.46 24.43 9.42
CA GLY E 254 34.00 25.81 9.36
C GLY E 254 32.59 26.00 9.90
N VAL E 255 32.10 25.00 10.64
CA VAL E 255 30.75 25.09 11.19
C VAL E 255 30.74 25.37 12.69
N ASN E 256 29.62 25.95 13.14
CA ASN E 256 29.47 26.32 14.55
C ASN E 256 28.22 25.65 15.07
N LEU E 257 28.39 24.79 16.07
CA LEU E 257 27.25 24.05 16.64
C LEU E 257 26.65 24.65 17.93
N PRO E 258 25.40 25.15 17.86
CA PRO E 258 24.76 25.74 19.07
C PRO E 258 24.40 24.55 19.97
N ILE E 259 24.69 24.67 21.27
CA ILE E 259 24.36 23.63 22.25
C ILE E 259 23.63 24.49 23.28
N ALA E 260 22.40 24.83 22.93
CA ALA E 260 21.62 25.79 23.70
C ALA E 260 20.17 25.46 24.05
N GLY E 261 19.76 24.25 23.73
CA GLY E 261 18.40 23.85 24.05
C GLY E 261 17.30 24.51 23.22
N GLY E 262 17.61 25.07 22.04
CA GLY E 262 16.59 25.69 21.18
C GLY E 262 16.37 27.21 21.01
N LYS F 3 13.18 64.79 -4.63
CA LYS F 3 12.02 63.85 -4.86
C LYS F 3 12.21 62.90 -6.06
N LYS F 4 12.86 61.77 -5.81
CA LYS F 4 13.06 60.85 -6.91
C LYS F 4 11.98 59.85 -7.05
N PHE F 5 12.13 59.06 -8.07
CA PHE F 5 11.20 58.06 -8.39
C PHE F 5 10.27 58.82 -9.29
N ASN F 6 10.57 60.09 -9.60
CA ASN F 6 9.71 60.77 -10.55
C ASN F 6 9.91 59.97 -11.83
N GLY F 7 8.83 59.63 -12.52
CA GLY F 7 8.95 58.87 -13.75
C GLY F 7 8.95 57.37 -13.45
N LYS F 8 9.20 57.00 -12.21
CA LYS F 8 9.21 55.56 -11.92
C LYS F 8 7.83 54.89 -11.77
N VAL F 9 7.74 53.58 -12.07
CA VAL F 9 6.49 52.85 -11.92
C VAL F 9 6.70 51.67 -10.97
N CYS F 10 5.88 51.56 -9.91
CA CYS F 10 5.99 50.41 -9.01
C CYS F 10 4.69 49.56 -8.95
N LEU F 11 4.80 48.23 -9.09
CA LEU F 11 3.63 47.36 -8.95
C LEU F 11 3.67 46.92 -7.49
N VAL F 12 2.60 47.14 -6.75
CA VAL F 12 2.51 46.73 -5.34
C VAL F 12 1.42 45.65 -5.20
N THR F 13 1.78 44.47 -4.68
CA THR F 13 0.73 43.44 -4.46
C THR F 13 0.28 43.52 -3.01
N GLY F 14 -0.94 43.10 -2.75
CA GLY F 14 -1.47 43.24 -1.41
C GLY F 14 -1.65 44.74 -1.18
N ALA F 15 -1.81 45.51 -2.26
CA ALA F 15 -1.91 46.97 -2.17
C ALA F 15 -3.09 47.53 -1.40
N GLY F 16 -4.13 46.74 -1.25
CA GLY F 16 -5.29 47.25 -0.53
C GLY F 16 -5.06 47.09 0.96
N GLY F 17 -4.05 46.33 1.33
CA GLY F 17 -3.76 46.09 2.75
C GLY F 17 -2.94 47.18 3.47
N ASN F 18 -2.76 46.96 4.77
CA ASN F 18 -2.03 47.91 5.59
C ASN F 18 -0.66 48.36 5.10
N ILE F 19 0.28 47.42 5.06
CA ILE F 19 1.66 47.70 4.63
C ILE F 19 1.73 48.08 3.14
N GLY F 20 0.85 47.45 2.36
CA GLY F 20 0.83 47.69 0.92
C GLY F 20 0.44 49.15 0.67
N LEU F 21 -0.64 49.59 1.30
CA LEU F 21 -1.10 50.97 1.12
C LEU F 21 -0.09 51.99 1.62
N ALA F 22 0.45 51.78 2.83
CA ALA F 22 1.43 52.73 3.39
C ALA F 22 2.65 52.90 2.46
N THR F 23 3.14 51.79 1.96
CA THR F 23 4.29 51.82 1.04
C THR F 23 3.93 52.49 -0.28
N ALA F 24 2.77 52.16 -0.83
CA ALA F 24 2.38 52.80 -2.09
C ALA F 24 2.31 54.34 -1.83
N LEU F 25 1.73 54.75 -0.68
CA LEU F 25 1.64 56.19 -0.38
C LEU F 25 3.03 56.85 -0.24
N ARG F 26 3.97 56.16 0.41
CA ARG F 26 5.32 56.68 0.53
C ARG F 26 5.98 56.78 -0.85
N LEU F 27 5.92 55.74 -1.66
CA LEU F 27 6.53 55.80 -2.98
C LEU F 27 5.90 56.90 -3.81
N ALA F 28 4.57 57.01 -3.76
CA ALA F 28 3.86 58.07 -4.53
C ALA F 28 4.34 59.50 -4.13
N GLU F 29 4.61 59.69 -2.83
CA GLU F 29 5.10 60.98 -2.32
C GLU F 29 6.45 61.28 -2.98
N GLU F 30 7.17 60.24 -3.36
CA GLU F 30 8.47 60.41 -4.00
C GLU F 30 8.34 60.54 -5.51
N GLY F 31 7.10 60.60 -6.00
CA GLY F 31 6.86 60.74 -7.42
C GLY F 31 6.50 59.46 -8.16
N THR F 32 6.55 58.32 -7.50
CA THR F 32 6.29 57.04 -8.16
C THR F 32 4.82 56.77 -8.55
N ALA F 33 4.60 56.37 -9.81
CA ALA F 33 3.24 56.05 -10.29
C ALA F 33 2.95 54.63 -9.71
N ILE F 34 1.72 54.37 -9.30
CA ILE F 34 1.44 53.07 -8.68
C ILE F 34 0.41 52.14 -9.34
N ALA F 35 0.79 50.87 -9.51
CA ALA F 35 -0.11 49.87 -10.05
C ALA F 35 -0.54 49.04 -8.78
N LEU F 36 -1.79 49.12 -8.37
CA LEU F 36 -2.25 48.43 -7.17
C LEU F 36 -2.95 47.11 -7.50
N LEU F 37 -2.41 46.03 -6.94
CA LEU F 37 -2.91 44.67 -7.14
C LEU F 37 -3.40 44.07 -5.81
N ASP F 38 -4.60 43.55 -5.81
CA ASP F 38 -5.17 42.96 -4.59
C ASP F 38 -6.41 42.21 -5.01
N MET F 39 -7.00 41.45 -4.09
CA MET F 39 -8.20 40.74 -4.47
C MET F 39 -9.46 41.42 -3.94
N ASN F 40 -9.30 42.37 -3.02
CA ASN F 40 -10.48 43.07 -2.48
C ASN F 40 -10.81 44.39 -3.22
N ARG F 41 -11.98 44.44 -3.84
CA ARG F 41 -12.39 45.59 -4.64
C ARG F 41 -12.55 46.89 -3.85
N GLU F 42 -13.25 46.85 -2.71
CA GLU F 42 -13.43 48.06 -1.93
C GLU F 42 -12.08 48.63 -1.44
N ALA F 43 -11.22 47.75 -0.96
CA ALA F 43 -9.90 48.13 -0.46
C ALA F 43 -9.09 48.79 -1.58
N LEU F 44 -9.14 48.21 -2.79
CA LEU F 44 -8.42 48.80 -3.94
C LEU F 44 -8.99 50.15 -4.31
N GLU F 45 -10.33 50.28 -4.24
CA GLU F 45 -10.96 51.54 -4.59
C GLU F 45 -10.43 52.68 -3.69
N LYS F 46 -10.42 52.40 -2.40
CA LYS F 46 -9.99 53.35 -1.40
C LYS F 46 -8.51 53.58 -1.55
N ALA F 47 -7.75 52.53 -1.81
CA ALA F 47 -6.31 52.69 -2.00
C ALA F 47 -6.00 53.53 -3.25
N GLU F 48 -6.63 53.26 -4.38
CA GLU F 48 -6.37 54.04 -5.61
C GLU F 48 -6.65 55.54 -5.44
N ALA F 49 -7.72 55.86 -4.70
CA ALA F 49 -8.10 57.26 -4.49
C ALA F 49 -7.05 57.98 -3.64
N SER F 50 -6.54 57.32 -2.61
CA SER F 50 -5.50 57.93 -1.77
C SER F 50 -4.19 58.15 -2.52
N VAL F 51 -3.81 57.19 -3.37
CA VAL F 51 -2.58 57.36 -4.11
C VAL F 51 -2.75 58.48 -5.10
N ARG F 52 -3.88 58.52 -5.79
CA ARG F 52 -4.06 59.62 -6.72
C ARG F 52 -3.99 60.99 -6.00
N GLU F 53 -4.40 61.04 -4.74
CA GLU F 53 -4.41 62.27 -3.92
C GLU F 53 -3.04 62.87 -3.88
N LYS F 54 -2.02 62.00 -3.87
CA LYS F 54 -0.62 62.40 -3.86
C LYS F 54 -0.16 63.01 -5.21
N GLY F 55 -1.04 63.07 -6.21
CA GLY F 55 -0.68 63.66 -7.48
C GLY F 55 0.07 62.81 -8.48
N VAL F 56 0.01 61.48 -8.38
CA VAL F 56 0.68 60.61 -9.34
C VAL F 56 -0.33 59.69 -10.08
N GLU F 57 0.06 59.07 -11.18
CA GLU F 57 -0.80 58.13 -11.96
C GLU F 57 -1.02 56.90 -11.05
N ALA F 58 -2.20 56.30 -11.06
CA ALA F 58 -2.38 55.08 -10.27
C ALA F 58 -3.59 54.33 -10.78
N ARG F 59 -3.50 53.01 -10.82
CA ARG F 59 -4.60 52.18 -11.30
C ARG F 59 -4.68 50.89 -10.50
N SER F 60 -5.86 50.35 -10.40
CA SER F 60 -6.11 49.12 -9.64
C SER F 60 -6.31 47.90 -10.51
N TYR F 61 -5.90 46.77 -9.98
CA TYR F 61 -6.03 45.52 -10.69
C TYR F 61 -6.48 44.42 -9.72
N VAL F 62 -7.70 43.91 -9.93
CA VAL F 62 -8.24 42.85 -9.10
C VAL F 62 -7.56 41.57 -9.54
N CYS F 63 -6.80 40.94 -8.65
CA CYS F 63 -6.05 39.78 -9.07
C CYS F 63 -5.71 38.89 -7.91
N ASP F 64 -5.91 37.59 -8.08
CA ASP F 64 -5.60 36.54 -7.10
C ASP F 64 -4.24 36.03 -7.51
N VAL F 65 -3.22 36.29 -6.71
CA VAL F 65 -1.88 35.85 -7.09
C VAL F 65 -1.67 34.34 -7.15
N THR F 66 -2.57 33.57 -6.55
CA THR F 66 -2.41 32.12 -6.62
C THR F 66 -2.78 31.63 -8.03
N SER F 67 -3.50 32.44 -8.81
CA SER F 67 -3.82 32.07 -10.19
C SER F 67 -2.77 32.67 -11.15
N GLU F 68 -1.88 31.84 -11.70
CA GLU F 68 -0.86 32.38 -12.59
C GLU F 68 -1.45 33.09 -13.81
N GLU F 69 -2.52 32.54 -14.35
CA GLU F 69 -3.20 33.15 -15.48
C GLU F 69 -3.58 34.56 -15.12
N ALA F 70 -4.17 34.72 -13.94
CA ALA F 70 -4.58 36.07 -13.53
C ALA F 70 -3.37 37.00 -13.43
N VAL F 71 -2.29 36.51 -12.83
CA VAL F 71 -1.09 37.33 -12.70
C VAL F 71 -0.51 37.72 -14.04
N ILE F 72 -0.31 36.74 -14.91
CA ILE F 72 0.25 37.06 -16.21
C ILE F 72 -0.58 38.10 -16.94
N GLY F 73 -1.89 37.90 -16.96
CA GLY F 73 -2.77 38.89 -17.61
C GLY F 73 -2.70 40.29 -16.97
N THR F 74 -2.65 40.35 -15.63
CA THR F 74 -2.57 41.64 -14.93
C THR F 74 -1.20 42.34 -15.24
N VAL F 75 -0.10 41.59 -15.19
CA VAL F 75 1.20 42.20 -15.47
C VAL F 75 1.19 42.72 -16.90
N ASP F 76 0.64 41.94 -17.82
CA ASP F 76 0.53 42.38 -19.22
C ASP F 76 -0.25 43.70 -19.27
N SER F 77 -1.35 43.81 -18.52
CA SER F 77 -2.17 45.04 -18.49
C SER F 77 -1.41 46.23 -17.93
N VAL F 78 -0.69 45.98 -16.84
CA VAL F 78 0.08 47.02 -16.18
C VAL F 78 1.12 47.64 -17.13
N VAL F 79 1.81 46.79 -17.88
CA VAL F 79 2.82 47.22 -18.83
C VAL F 79 2.15 48.01 -19.98
N ARG F 80 1.00 47.59 -20.47
CA ARG F 80 0.52 48.46 -21.49
C ARG F 80 -0.10 49.72 -20.88
N ASP F 81 -0.50 49.65 -19.62
CA ASP F 81 -1.08 50.81 -18.97
C ASP F 81 -0.09 51.86 -18.55
N PHE F 82 1.03 51.43 -17.97
CA PHE F 82 2.06 52.34 -17.50
C PHE F 82 3.29 52.35 -18.39
N GLY F 83 3.36 51.41 -19.34
CA GLY F 83 4.52 51.39 -20.23
C GLY F 83 5.74 50.61 -19.75
N LYS F 84 5.86 50.39 -18.45
CA LYS F 84 7.02 49.66 -17.93
C LYS F 84 6.73 49.40 -16.46
N ILE F 85 7.58 48.60 -15.81
CA ILE F 85 7.46 48.38 -14.37
C ILE F 85 8.89 48.47 -13.81
N ASP F 86 9.23 49.57 -13.13
CA ASP F 86 10.58 49.71 -12.63
C ASP F 86 10.83 49.03 -11.31
N PHE F 87 9.79 49.07 -10.48
CA PHE F 87 9.89 48.54 -9.09
C PHE F 87 8.77 47.55 -8.80
N LEU F 88 9.05 46.62 -7.89
CA LEU F 88 8.05 45.66 -7.45
C LEU F 88 8.11 45.54 -5.93
N PHE F 89 6.95 45.66 -5.28
CA PHE F 89 6.86 45.41 -3.84
C PHE F 89 5.90 44.16 -3.83
N ASN F 90 6.51 43.00 -3.66
CA ASN F 90 5.87 41.65 -3.76
C ASN F 90 5.52 41.33 -2.35
N ASN F 91 4.31 41.76 -2.01
CA ASN F 91 3.87 41.85 -0.63
C ASN F 91 2.62 41.16 -0.11
N ALA F 92 1.75 40.71 -1.03
CA ALA F 92 0.52 40.02 -0.60
C ALA F 92 0.86 38.80 0.21
N GLY F 93 0.07 38.52 1.23
CA GLY F 93 0.38 37.38 2.07
C GLY F 93 -0.77 37.13 3.03
N TYR F 94 -0.80 35.94 3.61
CA TYR F 94 -1.85 35.52 4.55
C TYR F 94 -1.10 35.07 5.81
N GLN F 95 -1.61 35.45 7.00
CA GLN F 95 -1.02 35.18 8.30
C GLN F 95 -1.01 33.71 8.76
N GLY F 96 -1.99 32.93 8.32
CA GLY F 96 -2.12 31.51 8.69
C GLY F 96 -2.77 31.26 10.07
N ALA F 97 -3.15 30.02 10.36
CA ALA F 97 -3.66 29.66 11.72
C ALA F 97 -2.52 29.71 12.77
N PHE F 98 -2.87 29.69 14.05
CA PHE F 98 -1.85 29.58 15.08
C PHE F 98 -2.15 28.27 15.78
N ALA F 99 -1.19 27.33 15.71
CA ALA F 99 -1.32 26.01 16.33
C ALA F 99 0.02 25.33 16.37
N PRO F 100 0.25 24.52 17.41
CA PRO F 100 1.54 23.82 17.50
C PRO F 100 1.51 22.84 16.36
N VAL F 101 2.69 22.44 15.89
CA VAL F 101 2.77 21.63 14.71
C VAL F 101 1.94 20.35 14.68
N GLN F 102 1.84 19.66 15.81
CA GLN F 102 1.08 18.41 15.86
C GLN F 102 -0.40 18.58 15.63
N ASP F 103 -0.90 19.81 15.77
CA ASP F 103 -2.32 20.16 15.60
C ASP F 103 -2.52 21.20 14.49
N TYR F 104 -1.49 21.48 13.70
CA TYR F 104 -1.64 22.52 12.66
C TYR F 104 -2.50 22.01 11.52
N PRO F 105 -3.57 22.75 11.20
CA PRO F 105 -4.50 22.38 10.12
C PRO F 105 -3.73 22.20 8.80
N SER F 106 -3.78 21.00 8.25
CA SER F 106 -3.05 20.66 7.04
C SER F 106 -3.50 21.41 5.79
N ASP F 107 -4.80 21.66 5.67
CA ASP F 107 -5.24 22.42 4.51
C ASP F 107 -4.78 23.87 4.64
N ASP F 108 -4.75 24.41 5.87
CA ASP F 108 -4.28 25.79 6.05
C ASP F 108 -2.78 25.89 5.74
N PHE F 109 -2.03 24.86 6.11
CA PHE F 109 -0.58 24.81 5.82
C PHE F 109 -0.36 24.92 4.30
N ALA F 110 -1.06 24.12 3.49
CA ALA F 110 -0.87 24.25 2.03
C ALA F 110 -1.35 25.61 1.50
N ARG F 111 -2.44 26.15 2.04
CA ARG F 111 -2.95 27.45 1.60
C ARG F 111 -1.93 28.58 1.87
N VAL F 112 -1.31 28.56 3.06
CA VAL F 112 -0.26 29.53 3.39
C VAL F 112 0.91 29.46 2.39
N LEU F 113 1.37 28.25 2.05
CA LEU F 113 2.49 28.14 1.10
C LEU F 113 2.06 28.59 -0.28
N THR F 114 0.84 28.24 -0.68
CA THR F 114 0.37 28.63 -1.99
C THR F 114 0.25 30.14 -2.18
N ILE F 115 -0.23 30.86 -1.19
CA ILE F 115 -0.34 32.30 -1.33
C ILE F 115 0.99 33.00 -1.13
N ASN F 116 1.66 32.68 -0.02
CA ASN F 116 2.90 33.35 0.38
C ASN F 116 4.16 33.01 -0.41
N VAL F 117 4.23 31.80 -0.99
CA VAL F 117 5.41 31.39 -1.75
C VAL F 117 5.06 31.25 -3.22
N THR F 118 4.15 30.34 -3.58
CA THR F 118 3.82 30.14 -4.99
C THR F 118 3.21 31.42 -5.60
N GLY F 119 2.30 32.11 -4.89
CA GLY F 119 1.75 33.35 -5.46
C GLY F 119 2.84 34.42 -5.65
N ALA F 120 3.73 34.61 -4.65
CA ALA F 120 4.83 35.61 -4.73
C ALA F 120 5.74 35.24 -5.92
N PHE F 121 5.90 33.95 -6.14
CA PHE F 121 6.73 33.48 -7.27
C PHE F 121 6.04 33.78 -8.61
N HIS F 122 4.74 33.54 -8.72
CA HIS F 122 4.05 33.84 -9.98
C HIS F 122 4.31 35.32 -10.34
N VAL F 123 4.11 36.22 -9.37
CA VAL F 123 4.32 37.64 -9.60
C VAL F 123 5.78 37.96 -9.94
N LEU F 124 6.71 37.48 -9.11
CA LEU F 124 8.13 37.74 -9.34
C LEU F 124 8.56 37.25 -10.72
N LYS F 125 8.11 36.08 -11.11
CA LYS F 125 8.48 35.56 -12.44
C LYS F 125 7.95 36.49 -13.57
N ALA F 126 6.64 36.75 -13.58
CA ALA F 126 6.07 37.60 -14.64
C ALA F 126 6.71 39.00 -14.66
N VAL F 127 6.84 39.60 -13.49
CA VAL F 127 7.45 40.95 -13.44
C VAL F 127 8.96 40.90 -13.83
N SER F 128 9.68 39.88 -13.37
CA SER F 128 11.12 39.82 -13.75
C SER F 128 11.29 39.72 -15.30
N ARG F 129 10.37 39.06 -15.99
CA ARG F 129 10.47 38.97 -17.47
C ARG F 129 10.37 40.38 -18.06
N GLN F 130 9.45 41.20 -17.54
CA GLN F 130 9.30 42.61 -18.00
C GLN F 130 10.56 43.37 -17.65
N MET F 131 11.08 43.18 -16.44
CA MET F 131 12.27 43.92 -16.07
C MET F 131 13.46 43.54 -16.90
N ILE F 132 13.52 42.29 -17.35
CA ILE F 132 14.63 41.87 -18.18
C ILE F 132 14.48 42.54 -19.55
N THR F 133 13.26 42.71 -20.04
CA THR F 133 13.11 43.38 -21.34
C THR F 133 13.60 44.85 -21.18
N GLN F 134 13.55 45.39 -19.97
CA GLN F 134 14.00 46.78 -19.70
C GLN F 134 15.48 46.92 -19.34
N ASN F 135 16.09 45.79 -18.98
CA ASN F 135 17.44 45.72 -18.42
C ASN F 135 17.44 46.72 -17.24
N TYR F 136 16.37 46.63 -16.46
CA TYR F 136 16.23 47.44 -15.25
C TYR F 136 15.10 46.99 -14.33
N GLY F 137 15.40 46.87 -13.04
CA GLY F 137 14.33 46.52 -12.09
C GLY F 137 14.84 46.50 -10.67
N ARG F 138 13.98 46.80 -9.71
CA ARG F 138 14.37 46.75 -8.32
C ARG F 138 13.14 46.10 -7.72
N ILE F 139 13.39 45.07 -6.91
CA ILE F 139 12.32 44.28 -6.32
C ILE F 139 12.50 44.12 -4.84
N VAL F 140 11.40 44.21 -4.11
CA VAL F 140 11.47 43.99 -2.65
C VAL F 140 10.36 42.95 -2.32
N ASN F 141 10.75 41.85 -1.69
CA ASN F 141 9.80 40.83 -1.26
C ASN F 141 9.58 40.99 0.24
N THR F 142 8.34 40.79 0.69
CA THR F 142 8.05 40.88 2.11
C THR F 142 8.20 39.53 2.78
N ALA F 143 9.25 39.39 3.57
CA ALA F 143 9.41 38.14 4.30
C ALA F 143 8.83 38.42 5.68
N SER F 144 9.57 38.12 6.75
CA SER F 144 9.11 38.36 8.14
C SER F 144 10.16 37.80 9.13
N MET F 145 10.19 38.33 10.35
CA MET F 145 11.12 37.75 11.31
C MET F 145 10.75 36.28 11.53
N ALA F 146 9.51 35.90 11.25
CA ALA F 146 9.12 34.49 11.45
C ALA F 146 9.88 33.60 10.46
N GLY F 147 10.36 34.17 9.36
CA GLY F 147 11.14 33.39 8.42
C GLY F 147 12.62 33.33 8.84
N VAL F 148 13.07 34.33 9.58
CA VAL F 148 14.46 34.42 10.06
C VAL F 148 14.62 33.38 11.18
N LYS F 149 13.58 33.16 11.96
CA LYS F 149 13.67 32.14 13.00
C LYS F 149 12.26 31.69 13.21
N GLY F 150 12.01 30.39 12.99
CA GLY F 150 10.66 29.87 13.08
C GLY F 150 10.01 30.16 14.41
N PRO F 151 8.82 30.79 14.43
CA PRO F 151 8.27 31.03 15.79
C PRO F 151 7.37 29.91 16.26
N PRO F 152 7.03 29.91 17.55
CA PRO F 152 6.14 28.88 18.07
C PRO F 152 4.75 29.02 17.47
N ASN F 153 4.09 27.89 17.18
CA ASN F 153 2.74 27.84 16.65
C ASN F 153 2.52 28.45 15.27
N MET F 154 3.58 28.73 14.53
CA MET F 154 3.44 29.30 13.21
C MET F 154 4.11 28.44 12.16
N ALA F 155 3.95 27.13 12.25
CA ALA F 155 4.61 26.25 11.30
C ALA F 155 4.53 26.69 9.83
N ALA F 156 3.33 26.98 9.32
CA ALA F 156 3.23 27.29 7.92
C ALA F 156 3.72 28.68 7.55
N TYR F 157 3.40 29.67 8.38
CA TYR F 157 3.80 31.03 8.06
C TYR F 157 5.35 31.15 8.13
N GLY F 158 5.93 30.56 9.15
CA GLY F 158 7.36 30.63 9.27
C GLY F 158 8.01 29.97 8.05
N THR F 159 7.50 28.81 7.69
CA THR F 159 8.05 28.09 6.55
C THR F 159 7.97 28.93 5.24
N SER F 160 6.82 29.54 5.05
CA SER F 160 6.58 30.37 3.86
C SER F 160 7.57 31.56 3.82
N LYS F 161 7.85 32.17 4.99
CA LYS F 161 8.73 33.33 4.93
C LYS F 161 10.18 32.91 4.86
N GLY F 162 10.49 31.72 5.39
CA GLY F 162 11.86 31.22 5.28
C GLY F 162 12.06 30.83 3.79
N ALA F 163 11.02 30.39 3.11
CA ALA F 163 11.16 30.11 1.67
C ALA F 163 11.41 31.44 0.89
N ILE F 164 10.70 32.48 1.27
CA ILE F 164 10.85 33.78 0.60
C ILE F 164 12.27 34.29 0.71
N ILE F 165 12.88 34.10 1.88
CA ILE F 165 14.25 34.60 2.04
C ILE F 165 15.20 33.86 1.09
N ALA F 166 15.02 32.55 0.94
CA ALA F 166 15.82 31.78 0.00
C ALA F 166 15.53 32.14 -1.46
N LEU F 167 14.25 32.33 -1.81
CA LEU F 167 13.85 32.69 -3.18
C LEU F 167 14.43 34.02 -3.54
N THR F 168 14.46 34.92 -2.56
CA THR F 168 15.02 36.27 -2.78
C THR F 168 16.52 36.15 -3.12
N GLU F 169 17.25 35.26 -2.44
CA GLU F 169 18.67 35.07 -2.74
C GLU F 169 18.85 34.46 -4.12
N THR F 170 18.07 33.42 -4.43
CA THR F 170 18.20 32.84 -5.77
C THR F 170 17.85 33.86 -6.87
N ALA F 171 16.74 34.57 -6.71
CA ALA F 171 16.31 35.52 -7.72
C ALA F 171 17.34 36.65 -7.91
N ALA F 172 18.02 36.99 -6.82
CA ALA F 172 19.00 38.05 -6.87
C ALA F 172 20.15 37.59 -7.76
N LEU F 173 20.57 36.35 -7.54
CA LEU F 173 21.66 35.82 -8.37
C LEU F 173 21.22 35.71 -9.81
N ASP F 174 20.03 35.15 -10.02
CA ASP F 174 19.50 34.96 -11.38
C ASP F 174 19.30 36.23 -12.19
N LEU F 175 18.87 37.30 -11.53
CA LEU F 175 18.54 38.53 -12.24
C LEU F 175 19.61 39.63 -12.23
N ALA F 176 20.67 39.39 -11.49
CA ALA F 176 21.74 40.35 -11.43
C ALA F 176 22.32 40.74 -12.78
N PRO F 177 22.45 39.79 -13.72
CA PRO F 177 23.02 40.19 -15.02
C PRO F 177 22.23 41.22 -15.83
N TYR F 178 20.99 41.47 -15.46
CA TYR F 178 20.11 42.35 -16.22
C TYR F 178 19.82 43.64 -15.51
N ASN F 179 20.71 44.00 -14.60
CA ASN F 179 20.60 45.22 -13.81
C ASN F 179 19.31 45.25 -12.99
N ILE F 180 19.06 44.14 -12.31
CA ILE F 180 17.88 43.99 -11.48
C ILE F 180 18.43 43.61 -10.11
N ARG F 181 17.86 44.15 -9.04
CA ARG F 181 18.31 43.76 -7.72
C ARG F 181 17.06 43.26 -7.03
N VAL F 182 17.24 42.32 -6.12
CA VAL F 182 16.12 41.68 -5.40
C VAL F 182 16.51 41.61 -3.92
N ASN F 183 15.68 42.17 -3.05
CA ASN F 183 15.96 42.18 -1.61
C ASN F 183 14.65 41.91 -0.87
N ALA F 184 14.76 41.73 0.42
CA ALA F 184 13.61 41.45 1.25
C ALA F 184 13.60 42.27 2.53
N ILE F 185 12.40 42.45 3.06
CA ILE F 185 12.29 43.07 4.35
C ILE F 185 11.70 42.04 5.30
N SER F 186 12.07 42.09 6.58
CA SER F 186 11.48 41.13 7.54
C SER F 186 10.95 41.82 8.82
N PRO F 187 9.73 42.31 8.75
CA PRO F 187 9.07 42.96 9.89
C PRO F 187 8.97 42.00 11.09
N GLY F 188 9.05 42.55 12.28
CA GLY F 188 8.93 41.82 13.53
C GLY F 188 7.51 42.08 13.99
N TYR F 189 7.32 42.44 15.28
CA TYR F 189 5.97 42.72 15.81
C TYR F 189 5.59 44.12 15.37
N MET F 190 4.41 44.26 14.77
CA MET F 190 3.91 45.56 14.26
C MET F 190 2.53 45.74 14.85
N GLY F 191 2.22 46.93 15.35
CA GLY F 191 0.89 47.12 15.90
C GLY F 191 0.56 48.61 15.92
N PRO F 192 -0.65 48.98 16.36
CA PRO F 192 -1.75 48.14 16.85
C PRO F 192 -2.62 47.72 15.67
N GLY F 193 -3.87 47.29 15.92
CA GLY F 193 -4.74 46.92 14.81
C GLY F 193 -5.19 45.46 14.75
N PHE F 194 -6.00 45.13 13.74
CA PHE F 194 -6.44 43.76 13.70
C PHE F 194 -5.41 42.64 13.55
N MET F 195 -4.39 42.81 12.73
CA MET F 195 -3.43 41.72 12.56
C MET F 195 -2.72 41.53 13.91
N TRP F 196 -2.32 42.64 14.50
CA TRP F 196 -1.67 42.57 15.79
C TRP F 196 -2.61 41.89 16.76
N GLU F 197 -3.83 42.41 16.86
CA GLU F 197 -4.77 41.83 17.80
C GLU F 197 -4.98 40.33 17.56
N ARG F 198 -5.00 39.92 16.29
CA ARG F 198 -5.23 38.52 15.96
C ARG F 198 -4.05 37.68 16.37
N GLN F 199 -2.85 38.21 16.17
CA GLN F 199 -1.66 37.46 16.57
C GLN F 199 -1.64 37.30 18.10
N VAL F 200 -1.98 38.35 18.82
CA VAL F 200 -2.01 38.27 20.28
C VAL F 200 -3.06 37.28 20.76
N GLU F 201 -4.26 37.41 20.23
CA GLU F 201 -5.35 36.54 20.63
C GLU F 201 -5.14 35.07 20.25
N LEU F 202 -4.68 34.82 19.04
CA LEU F 202 -4.55 33.41 18.63
C LEU F 202 -3.34 32.73 19.25
N GLN F 203 -2.29 33.50 19.56
CA GLN F 203 -1.15 32.89 20.26
C GLN F 203 -1.60 32.53 21.68
N ALA F 204 -2.37 33.40 22.28
CA ALA F 204 -2.90 33.17 23.62
C ALA F 204 -3.76 31.91 23.67
N LYS F 205 -4.69 31.78 22.73
CA LYS F 205 -5.58 30.65 22.69
C LYS F 205 -4.87 29.31 22.64
N VAL F 206 -3.66 29.28 22.09
CA VAL F 206 -2.98 28.00 21.98
C VAL F 206 -2.70 27.39 23.32
N GLY F 207 -2.31 28.24 24.26
CA GLY F 207 -1.97 27.80 25.59
C GLY F 207 -0.66 27.04 25.61
N SER F 208 0.30 27.49 24.79
CA SER F 208 1.61 26.86 24.73
C SER F 208 2.47 27.46 25.85
N GLN F 209 3.63 26.85 26.09
CA GLN F 209 4.50 27.32 27.16
C GLN F 209 5.14 28.66 26.80
N TYR F 210 4.99 29.12 25.56
CA TYR F 210 5.63 30.35 25.10
C TYR F 210 4.89 31.65 25.37
N PHE F 211 3.58 31.57 25.61
CA PHE F 211 2.80 32.77 25.88
C PHE F 211 1.68 32.43 26.88
N SER F 212 1.27 33.41 27.66
CA SER F 212 0.22 33.17 28.62
C SER F 212 -1.06 33.00 27.79
N THR F 213 -2.18 32.62 28.44
CA THR F 213 -3.44 32.46 27.74
C THR F 213 -4.28 33.73 27.92
N ASP F 214 -3.74 34.67 28.68
CA ASP F 214 -4.39 35.93 28.93
C ASP F 214 -3.81 36.91 27.88
N PRO F 215 -4.62 37.33 26.88
CA PRO F 215 -4.29 38.23 25.79
C PRO F 215 -3.56 39.51 26.23
N LYS F 216 -3.91 39.99 27.41
CA LYS F 216 -3.26 41.19 27.88
C LYS F 216 -1.82 40.90 28.26
N VAL F 217 -1.59 39.75 28.87
CA VAL F 217 -0.24 39.39 29.23
C VAL F 217 0.58 39.01 27.98
N VAL F 218 -0.09 38.42 26.99
CA VAL F 218 0.62 38.06 25.76
C VAL F 218 1.13 39.34 25.09
N ALA F 219 0.29 40.34 24.92
CA ALA F 219 0.78 41.58 24.31
C ALA F 219 2.04 42.06 25.03
N GLN F 220 2.03 42.00 26.36
CA GLN F 220 3.19 42.45 27.14
C GLN F 220 4.38 41.55 26.96
N GLN F 221 4.16 40.24 26.90
CA GLN F 221 5.26 39.32 26.70
C GLN F 221 5.87 39.60 25.31
N MET F 222 5.03 39.93 24.32
CA MET F 222 5.55 40.21 22.95
C MET F 222 6.33 41.54 22.95
N ILE F 223 5.72 42.62 23.41
CA ILE F 223 6.45 43.91 23.45
C ILE F 223 7.72 43.81 24.31
N GLY F 224 7.61 43.09 25.42
CA GLY F 224 8.74 42.90 26.32
C GLY F 224 9.91 42.10 25.75
N SER F 225 9.71 41.48 24.60
CA SER F 225 10.77 40.71 23.95
C SER F 225 11.56 41.60 22.96
N VAL F 226 11.09 42.82 22.75
CA VAL F 226 11.73 43.77 21.79
C VAL F 226 12.62 44.74 22.57
N PRO F 227 13.91 44.84 22.19
CA PRO F 227 14.83 45.74 22.88
C PRO F 227 14.28 47.18 22.94
N MET F 228 13.72 47.70 21.85
CA MET F 228 13.17 49.04 21.90
C MET F 228 11.82 49.09 22.67
N ARG F 229 11.39 47.93 23.16
CA ARG F 229 10.19 47.78 23.98
C ARG F 229 8.89 48.42 23.47
N ARG F 230 8.53 48.11 22.22
CA ARG F 230 7.30 48.56 21.62
C ARG F 230 7.16 47.79 20.34
N TYR F 231 5.94 47.65 19.85
CA TYR F 231 5.84 47.02 18.54
C TYR F 231 6.17 48.14 17.56
N GLY F 232 6.38 47.78 16.31
CA GLY F 232 6.70 48.78 15.33
C GLY F 232 5.40 49.33 14.80
N ASP F 233 5.49 50.47 14.16
CA ASP F 233 4.36 51.13 13.54
C ASP F 233 4.58 50.85 12.04
N ILE F 234 3.51 50.39 11.40
CA ILE F 234 3.53 50.04 9.98
C ILE F 234 4.18 51.13 9.17
N ASN F 235 4.11 52.38 9.64
CA ASN F 235 4.73 53.45 8.86
C ASN F 235 6.23 53.53 9.01
N GLU F 236 6.82 52.54 9.70
CA GLU F 236 8.28 52.50 9.80
C GLU F 236 8.76 51.48 8.77
N ILE F 237 7.88 51.03 7.89
CA ILE F 237 8.29 50.05 6.87
C ILE F 237 8.51 50.64 5.49
N PRO F 238 7.62 51.55 5.04
CA PRO F 238 7.80 52.12 3.70
C PRO F 238 9.17 52.75 3.36
N GLY F 239 9.80 53.44 4.32
CA GLY F 239 11.11 54.03 3.99
C GLY F 239 12.17 52.95 3.72
N VAL F 240 12.02 51.77 4.34
CA VAL F 240 12.98 50.68 4.17
C VAL F 240 12.77 50.13 2.77
N VAL F 241 11.51 50.02 2.39
CA VAL F 241 11.22 49.58 1.03
C VAL F 241 11.77 50.59 0.03
N ALA F 242 11.54 51.88 0.26
CA ALA F 242 12.06 52.89 -0.68
C ALA F 242 13.57 52.84 -0.77
N PHE F 243 14.21 52.67 0.39
CA PHE F 243 15.67 52.58 0.44
C PHE F 243 16.12 51.41 -0.46
N LEU F 244 15.48 50.25 -0.33
CA LEU F 244 15.85 49.05 -1.12
C LEU F 244 15.53 49.16 -2.62
N LEU F 245 14.68 50.08 -2.97
CA LEU F 245 14.35 50.27 -4.36
C LEU F 245 15.22 51.35 -5.03
N GLY F 246 15.63 52.35 -4.23
CA GLY F 246 16.38 53.49 -4.74
C GLY F 246 17.88 53.29 -4.88
N ASP F 247 18.60 54.30 -5.40
CA ASP F 247 20.05 54.19 -5.64
C ASP F 247 20.98 54.09 -4.45
N ASP F 248 20.53 54.44 -3.24
CA ASP F 248 21.40 54.30 -2.07
C ASP F 248 21.73 52.82 -1.75
N SER F 249 20.94 51.88 -2.27
CA SER F 249 21.21 50.43 -2.08
C SER F 249 21.76 49.87 -3.41
N SER F 250 22.36 50.73 -4.23
CA SER F 250 22.85 50.26 -5.56
C SER F 250 23.78 49.05 -5.58
N PHE F 251 24.55 48.80 -4.51
CA PHE F 251 25.39 47.59 -4.52
C PHE F 251 24.81 46.54 -3.53
N MET F 252 23.50 46.57 -3.31
CA MET F 252 22.90 45.61 -2.38
C MET F 252 21.85 44.77 -3.06
N THR F 253 22.05 43.45 -3.05
CA THR F 253 21.08 42.58 -3.64
C THR F 253 21.17 41.26 -2.90
N GLY F 254 20.07 40.52 -2.82
CA GLY F 254 20.08 39.28 -2.08
C GLY F 254 20.13 39.48 -0.55
N VAL F 255 19.85 40.68 -0.03
CA VAL F 255 19.89 40.87 1.44
C VAL F 255 18.46 40.91 2.02
N ASN F 256 18.36 40.65 3.33
CA ASN F 256 17.07 40.66 4.03
C ASN F 256 17.25 41.62 5.20
N LEU F 257 16.43 42.65 5.27
CA LEU F 257 16.58 43.64 6.36
C LEU F 257 15.56 43.44 7.48
N PRO F 258 16.00 43.06 8.70
CA PRO F 258 15.04 42.89 9.81
C PRO F 258 14.49 44.28 10.24
N ILE F 259 13.17 44.40 10.45
CA ILE F 259 12.57 45.67 10.93
C ILE F 259 11.86 45.22 12.20
N ALA F 260 12.64 45.10 13.25
CA ALA F 260 12.11 44.45 14.42
C ALA F 260 12.34 45.05 15.80
N GLY F 261 12.91 46.26 15.88
CA GLY F 261 13.14 46.81 17.19
C GLY F 261 14.36 46.21 17.86
N GLY F 262 15.16 45.45 17.10
CA GLY F 262 16.32 44.84 17.69
C GLY F 262 16.32 43.35 17.44
N LYS G 3 16.68 68.16 2.43
CA LYS G 3 17.85 68.04 3.36
C LYS G 3 17.60 67.64 4.81
N LYS G 4 17.39 66.37 5.19
CA LYS G 4 17.25 66.20 6.64
C LYS G 4 18.64 66.16 7.15
N PHE G 5 18.81 66.09 8.44
CA PHE G 5 20.13 66.13 9.04
C PHE G 5 20.47 67.63 9.16
N ASN G 6 19.60 68.54 8.70
CA ASN G 6 19.93 69.97 8.91
C ASN G 6 19.95 70.03 10.45
N GLY G 7 20.99 70.61 11.00
CA GLY G 7 21.08 70.72 12.45
C GLY G 7 21.76 69.56 13.12
N LYS G 8 21.94 68.44 12.41
CA LYS G 8 22.57 67.26 13.00
C LYS G 8 24.09 67.37 13.01
N VAL G 9 24.68 66.71 13.99
CA VAL G 9 26.12 66.66 14.12
C VAL G 9 26.61 65.22 14.08
N CYS G 10 27.50 64.89 13.16
CA CYS G 10 28.06 63.53 13.12
C CYS G 10 29.60 63.45 13.39
N LEU G 11 30.01 62.55 14.27
CA LEU G 11 31.44 62.29 14.52
C LEU G 11 31.82 61.12 13.58
N VAL G 12 32.72 61.36 12.62
CA VAL G 12 33.16 60.27 11.70
C VAL G 12 34.63 59.89 12.09
N THR G 13 34.89 58.63 12.47
CA THR G 13 36.28 58.20 12.78
C THR G 13 36.85 57.61 11.50
N GLY G 14 38.15 57.67 11.29
CA GLY G 14 38.73 57.20 10.02
C GLY G 14 38.31 58.20 8.95
N ALA G 15 37.94 59.42 9.37
CA ALA G 15 37.45 60.48 8.49
C ALA G 15 38.32 60.87 7.31
N GLY G 16 39.61 60.67 7.44
CA GLY G 16 40.49 61.07 6.36
C GLY G 16 40.62 59.95 5.37
N GLY G 17 40.14 58.76 5.74
CA GLY G 17 40.21 57.61 4.86
C GLY G 17 39.12 57.63 3.78
N ASN G 18 39.19 56.67 2.86
CA ASN G 18 38.23 56.56 1.74
C ASN G 18 36.74 56.60 2.06
N ILE G 19 36.32 55.63 2.86
CA ILE G 19 34.91 55.52 3.21
C ILE G 19 34.44 56.61 4.15
N GLY G 20 35.30 56.93 5.11
CA GLY G 20 35.00 57.98 6.05
C GLY G 20 34.77 59.32 5.35
N LEU G 21 35.65 59.66 4.41
CA LEU G 21 35.51 60.92 3.71
C LEU G 21 34.26 60.90 2.85
N ALA G 22 34.10 59.86 2.05
CA ALA G 22 32.93 59.78 1.18
C ALA G 22 31.62 59.87 1.97
N THR G 23 31.60 59.29 3.17
CA THR G 23 30.39 59.31 3.99
C THR G 23 30.24 60.69 4.62
N ALA G 24 31.34 61.28 5.09
CA ALA G 24 31.25 62.63 5.67
C ALA G 24 30.73 63.58 4.57
N LEU G 25 31.20 63.41 3.35
CA LEU G 25 30.74 64.29 2.29
C LEU G 25 29.25 64.15 2.06
N ARG G 26 28.75 62.90 2.03
CA ARG G 26 27.35 62.66 1.78
C ARG G 26 26.51 63.23 2.91
N LEU G 27 26.94 63.04 4.14
CA LEU G 27 26.13 63.55 5.25
C LEU G 27 26.12 65.10 5.25
N ALA G 28 27.23 65.68 4.83
CA ALA G 28 27.33 67.13 4.75
C ALA G 28 26.37 67.62 3.69
N GLU G 29 26.24 66.88 2.59
CA GLU G 29 25.30 67.30 1.54
C GLU G 29 23.86 67.35 2.05
N GLU G 30 23.59 66.57 3.09
CA GLU G 30 22.29 66.49 3.70
C GLU G 30 22.13 67.54 4.82
N GLY G 31 23.14 68.39 5.00
CA GLY G 31 23.08 69.43 6.05
C GLY G 31 23.78 69.11 7.34
N THR G 32 24.42 67.94 7.40
CA THR G 32 25.11 67.51 8.59
C THR G 32 26.46 68.18 8.84
N ALA G 33 26.67 68.62 10.08
CA ALA G 33 27.93 69.21 10.52
C ALA G 33 28.84 68.01 10.84
N ILE G 34 30.12 68.09 10.45
CA ILE G 34 31.06 66.98 10.64
C ILE G 34 32.27 67.19 11.57
N ALA G 35 32.44 66.31 12.55
CA ALA G 35 33.65 66.32 13.41
C ALA G 35 34.45 65.13 12.85
N LEU G 36 35.55 65.44 12.15
CA LEU G 36 36.39 64.44 11.52
C LEU G 36 37.47 63.99 12.49
N LEU G 37 37.56 62.69 12.72
CA LEU G 37 38.54 62.12 13.64
C LEU G 37 39.41 61.14 12.90
N ASP G 38 40.72 61.30 13.02
CA ASP G 38 41.63 60.39 12.35
C ASP G 38 43.01 60.56 13.00
N MET G 39 43.89 59.59 12.78
CA MET G 39 45.23 59.62 13.34
C MET G 39 46.19 60.37 12.42
N ASN G 40 45.82 60.46 11.14
CA ASN G 40 46.63 61.08 10.08
C ASN G 40 46.32 62.56 9.84
N ARG G 41 47.16 63.43 10.41
CA ARG G 41 46.92 64.86 10.25
C ARG G 41 46.73 65.30 8.84
N GLU G 42 47.67 64.93 7.96
CA GLU G 42 47.54 65.33 6.58
C GLU G 42 46.21 64.90 5.94
N ALA G 43 45.77 63.67 6.21
CA ALA G 43 44.53 63.19 5.61
C ALA G 43 43.36 64.06 6.11
N LEU G 44 43.39 64.47 7.37
CA LEU G 44 42.31 65.33 7.87
C LEU G 44 42.22 66.67 7.18
N GLU G 45 43.38 67.34 7.02
CA GLU G 45 43.37 68.64 6.38
C GLU G 45 42.65 68.55 5.05
N LYS G 46 43.06 67.56 4.26
CA LYS G 46 42.43 67.40 2.95
C LYS G 46 40.96 67.08 3.11
N ALA G 47 40.63 66.22 4.07
CA ALA G 47 39.23 65.82 4.26
C ALA G 47 38.39 66.96 4.75
N GLU G 48 38.93 67.68 5.73
CA GLU G 48 38.20 68.80 6.26
C GLU G 48 37.96 69.83 5.15
N ALA G 49 38.96 70.09 4.33
CA ALA G 49 38.73 71.09 3.30
C ALA G 49 37.60 70.66 2.38
N SER G 50 37.54 69.39 1.98
CA SER G 50 36.46 68.96 1.09
C SER G 50 35.08 69.15 1.67
N VAL G 51 34.92 68.75 2.91
CA VAL G 51 33.64 68.85 3.60
C VAL G 51 33.22 70.34 3.67
N ARG G 52 34.15 71.23 4.01
CA ARG G 52 33.82 72.66 4.11
C ARG G 52 33.16 73.22 2.85
N GLU G 53 33.65 72.79 1.68
CA GLU G 53 33.07 73.25 0.43
C GLU G 53 31.58 72.83 0.26
N LYS G 54 31.10 71.96 1.15
CA LYS G 54 29.70 71.51 1.16
C LYS G 54 28.92 72.56 1.97
N GLY G 55 29.65 73.51 2.55
CA GLY G 55 29.01 74.57 3.31
C GLY G 55 28.47 74.25 4.70
N VAL G 56 29.03 73.26 5.39
CA VAL G 56 28.54 72.96 6.73
C VAL G 56 29.75 73.24 7.58
N GLU G 57 29.57 73.27 8.89
CA GLU G 57 30.70 73.50 9.78
C GLU G 57 31.40 72.14 9.87
N ALA G 58 32.73 72.18 9.93
CA ALA G 58 33.51 70.97 10.01
C ALA G 58 34.75 71.29 10.85
N ARG G 59 35.18 70.32 11.65
CA ARG G 59 36.37 70.45 12.51
C ARG G 59 37.09 69.12 12.49
N SER G 60 38.42 69.19 12.55
CA SER G 60 39.29 67.99 12.57
C SER G 60 39.86 67.69 13.96
N TYR G 61 40.01 66.41 14.30
CA TYR G 61 40.58 66.04 15.61
C TYR G 61 41.57 64.87 15.43
N VAL G 62 42.85 65.15 15.67
CA VAL G 62 43.88 64.13 15.58
C VAL G 62 43.69 63.24 16.80
N CYS G 63 43.43 61.96 16.59
CA CYS G 63 43.21 61.06 17.69
C CYS G 63 43.51 59.62 17.27
N ASP G 64 44.24 58.88 18.12
CA ASP G 64 44.56 57.47 17.89
C ASP G 64 43.52 56.72 18.71
N VAL G 65 42.54 56.10 18.06
CA VAL G 65 41.49 55.44 18.82
C VAL G 65 41.94 54.33 19.79
N THR G 66 43.18 53.84 19.70
CA THR G 66 43.57 52.79 20.63
C THR G 66 43.93 53.35 22.00
N SER G 67 44.00 54.68 22.08
CA SER G 67 44.28 55.35 23.35
C SER G 67 42.96 55.90 23.91
N GLU G 68 42.36 55.21 24.88
CA GLU G 68 41.11 55.69 25.41
C GLU G 68 41.25 57.10 26.00
N GLU G 69 42.40 57.42 26.59
CA GLU G 69 42.52 58.75 27.18
C GLU G 69 42.37 59.78 26.09
N ALA G 70 42.98 59.49 24.95
CA ALA G 70 42.92 60.39 23.82
C ALA G 70 41.48 60.49 23.30
N VAL G 71 40.84 59.34 23.13
CA VAL G 71 39.47 59.30 22.66
C VAL G 71 38.53 60.15 23.54
N ILE G 72 38.62 59.97 24.87
CA ILE G 72 37.75 60.69 25.77
C ILE G 72 37.92 62.20 25.64
N GLY G 73 39.16 62.66 25.57
CA GLY G 73 39.39 64.11 25.46
C GLY G 73 38.84 64.64 24.16
N THR G 74 39.05 63.88 23.08
CA THR G 74 38.56 64.33 21.77
C THR G 74 37.03 64.44 21.82
N VAL G 75 36.38 63.43 22.37
CA VAL G 75 34.94 63.45 22.44
C VAL G 75 34.49 64.67 23.27
N ASP G 76 35.12 64.91 24.42
CA ASP G 76 34.74 66.09 25.22
C ASP G 76 34.87 67.31 24.34
N SER G 77 35.96 67.40 23.58
CA SER G 77 36.19 68.53 22.68
C SER G 77 35.10 68.65 21.66
N VAL G 78 34.70 67.54 21.04
CA VAL G 78 33.65 67.64 20.02
C VAL G 78 32.36 68.20 20.60
N VAL G 79 32.03 67.74 21.77
CA VAL G 79 30.83 68.15 22.47
C VAL G 79 30.90 69.63 22.83
N ARG G 80 32.07 70.12 23.19
CA ARG G 80 32.16 71.54 23.52
C ARG G 80 32.18 72.36 22.25
N ASP G 81 32.71 71.80 21.17
CA ASP G 81 32.76 72.51 19.90
C ASP G 81 31.45 72.54 19.13
N PHE G 82 30.73 71.43 19.14
CA PHE G 82 29.47 71.34 18.39
C PHE G 82 28.23 71.36 19.28
N GLY G 83 28.43 71.11 20.58
CA GLY G 83 27.33 71.07 21.54
C GLY G 83 26.65 69.72 21.74
N LYS G 84 26.86 68.79 20.81
CA LYS G 84 26.23 67.49 20.92
C LYS G 84 26.80 66.62 19.83
N ILE G 85 26.44 65.35 19.82
CA ILE G 85 26.89 64.42 18.77
C ILE G 85 25.61 63.61 18.46
N ASP G 86 24.95 63.87 17.34
CA ASP G 86 23.73 63.10 17.09
C ASP G 86 23.99 61.74 16.46
N PHE G 87 24.97 61.70 15.57
CA PHE G 87 25.29 60.50 14.83
C PHE G 87 26.76 60.12 15.00
N LEU G 88 27.04 58.83 14.95
CA LEU G 88 28.42 58.38 15.00
C LEU G 88 28.63 57.35 13.87
N PHE G 89 29.65 57.58 13.05
CA PHE G 89 30.02 56.61 12.04
C PHE G 89 31.39 56.11 12.58
N ASN G 90 31.36 54.95 13.25
CA ASN G 90 32.50 54.31 13.93
C ASN G 90 33.18 53.43 12.87
N ASN G 91 34.08 54.07 12.14
CA ASN G 91 34.67 53.52 10.93
C ASN G 91 36.21 53.30 10.83
N ALA G 92 37.01 53.92 11.71
CA ALA G 92 38.47 53.71 11.64
C ALA G 92 38.82 52.21 11.66
N GLY G 93 39.74 51.81 10.81
CA GLY G 93 40.10 50.39 10.83
C GLY G 93 41.43 50.16 10.15
N TYR G 94 42.01 48.99 10.38
CA TYR G 94 43.29 48.61 9.78
C TYR G 94 43.10 47.25 9.09
N GLN G 95 43.59 47.12 7.87
CA GLN G 95 43.37 45.89 7.09
C GLN G 95 44.06 44.64 7.56
N GLY G 96 45.26 44.78 8.12
CA GLY G 96 45.99 43.62 8.62
C GLY G 96 46.84 42.93 7.56
N ALA G 97 47.68 42.02 8.00
CA ALA G 97 48.52 41.31 7.06
C ALA G 97 47.67 40.22 6.39
N PHE G 98 48.20 39.67 5.30
CA PHE G 98 47.56 38.57 4.62
C PHE G 98 48.50 37.36 4.68
N ALA G 99 48.06 36.29 5.37
CA ALA G 99 48.83 35.08 5.55
C ALA G 99 47.94 33.98 6.08
N PRO G 100 48.20 32.73 5.68
CA PRO G 100 47.35 31.68 6.23
C PRO G 100 47.60 31.61 7.75
N VAL G 101 46.61 31.12 8.51
CA VAL G 101 46.67 31.11 9.98
C VAL G 101 47.95 30.55 10.63
N GLN G 102 48.43 29.41 10.11
CA GLN G 102 49.67 28.80 10.62
C GLN G 102 50.90 29.72 10.52
N ASP G 103 50.84 30.75 9.69
CA ASP G 103 51.97 31.65 9.54
C ASP G 103 51.55 33.10 9.72
N TYR G 104 50.44 33.35 10.40
CA TYR G 104 49.99 34.72 10.58
C TYR G 104 50.81 35.46 11.67
N PRO G 105 51.28 36.67 11.36
CA PRO G 105 52.08 37.43 12.33
C PRO G 105 51.32 37.72 13.61
N SER G 106 51.86 37.21 14.72
CA SER G 106 51.21 37.35 16.01
C SER G 106 51.08 38.75 16.56
N ASP G 107 52.05 39.61 16.30
CA ASP G 107 51.95 40.97 16.75
C ASP G 107 50.89 41.69 15.90
N ASP G 108 50.87 41.41 14.61
CA ASP G 108 49.87 42.04 13.77
C ASP G 108 48.45 41.63 14.20
N PHE G 109 48.27 40.36 14.57
CA PHE G 109 46.95 39.85 14.99
C PHE G 109 46.45 40.68 16.16
N ALA G 110 47.29 40.84 17.18
CA ALA G 110 46.92 41.64 18.35
C ALA G 110 46.66 43.07 17.94
N ARG G 111 47.47 43.57 17.00
CA ARG G 111 47.33 44.95 16.51
C ARG G 111 45.97 45.20 15.83
N VAL G 112 45.57 44.26 14.96
CA VAL G 112 44.32 44.36 14.27
C VAL G 112 43.15 44.39 15.29
N LEU G 113 43.19 43.52 16.28
CA LEU G 113 42.12 43.55 17.24
C LEU G 113 42.09 44.85 18.06
N THR G 114 43.26 45.35 18.44
CA THR G 114 43.27 46.53 19.27
C THR G 114 42.75 47.75 18.52
N ILE G 115 43.09 47.86 17.26
CA ILE G 115 42.61 49.00 16.50
C ILE G 115 41.15 48.85 16.03
N ASN G 116 40.80 47.67 15.49
CA ASN G 116 39.44 47.50 14.94
C ASN G 116 38.36 47.15 15.97
N VAL G 117 38.73 46.59 17.12
CA VAL G 117 37.70 46.26 18.10
C VAL G 117 37.83 47.15 19.32
N THR G 118 38.96 47.07 20.01
CA THR G 118 39.15 47.87 21.20
C THR G 118 39.04 49.38 20.86
N GLY G 119 39.68 49.84 19.79
CA GLY G 119 39.56 51.25 19.45
C GLY G 119 38.14 51.68 19.11
N ALA G 120 37.39 50.80 18.47
CA ALA G 120 36.03 51.13 18.06
C ALA G 120 35.17 51.18 19.33
N PHE G 121 35.52 50.32 20.28
CA PHE G 121 34.81 50.26 21.55
C PHE G 121 35.06 51.53 22.39
N HIS G 122 36.30 52.02 22.43
CA HIS G 122 36.58 53.26 23.17
C HIS G 122 35.71 54.40 22.59
N VAL G 123 35.62 54.49 21.28
CA VAL G 123 34.83 55.55 20.70
C VAL G 123 33.35 55.31 20.99
N LEU G 124 32.91 54.07 20.83
CA LEU G 124 31.50 53.79 21.05
C LEU G 124 31.11 54.07 22.51
N LYS G 125 31.96 53.67 23.45
CA LYS G 125 31.66 53.91 24.87
C LYS G 125 31.62 55.42 25.16
N ALA G 126 32.65 56.15 24.76
CA ALA G 126 32.69 57.58 25.02
C ALA G 126 31.52 58.35 24.36
N VAL G 127 31.21 57.99 23.13
CA VAL G 127 30.14 58.66 22.44
C VAL G 127 28.77 58.22 23.00
N SER G 128 28.60 56.94 23.35
CA SER G 128 27.27 56.57 23.88
C SER G 128 26.95 57.34 25.17
N ARG G 129 27.98 57.60 25.98
CA ARG G 129 27.74 58.34 27.23
C ARG G 129 27.11 59.68 26.96
N GLN G 130 27.63 60.37 25.95
CA GLN G 130 27.09 61.65 25.55
C GLN G 130 25.67 61.50 24.97
N MET G 131 25.43 60.42 24.21
CA MET G 131 24.11 60.29 23.60
C MET G 131 23.06 59.99 24.66
N ILE G 132 23.49 59.31 25.71
CA ILE G 132 22.61 58.97 26.81
C ILE G 132 22.15 60.29 27.46
N THR G 133 23.09 61.23 27.56
CA THR G 133 22.82 62.57 28.11
C THR G 133 21.73 63.25 27.30
N GLN G 134 21.84 63.11 25.98
CA GLN G 134 20.89 63.71 25.05
C GLN G 134 19.59 62.87 24.89
N ASN G 135 19.64 61.63 25.37
CA ASN G 135 18.59 60.61 25.18
C ASN G 135 18.26 60.59 23.70
N TYR G 136 19.32 60.58 22.90
CA TYR G 136 19.19 60.53 21.46
C TYR G 136 20.51 60.15 20.79
N GLY G 137 20.50 59.19 19.89
CA GLY G 137 21.73 58.93 19.19
C GLY G 137 21.56 57.84 18.15
N ARG G 138 22.27 57.94 17.03
CA ARG G 138 22.22 56.82 16.08
C ARG G 138 23.68 56.53 15.69
N ILE G 139 24.02 55.25 15.76
CA ILE G 139 25.38 54.85 15.52
C ILE G 139 25.48 53.80 14.43
N VAL G 140 26.53 53.92 13.61
CA VAL G 140 26.78 52.87 12.57
C VAL G 140 28.24 52.42 12.72
N ASN G 141 28.49 51.12 12.95
CA ASN G 141 29.88 50.63 13.01
C ASN G 141 30.21 50.01 11.68
N THR G 142 31.46 50.12 11.26
CA THR G 142 31.82 49.53 9.97
C THR G 142 32.39 48.16 10.20
N ALA G 143 31.64 47.14 9.79
CA ALA G 143 32.14 45.77 9.91
C ALA G 143 32.75 45.40 8.51
N SER G 144 32.39 44.24 7.97
CA SER G 144 32.89 43.79 6.67
C SER G 144 32.35 42.41 6.34
N MET G 145 32.31 42.08 5.06
CA MET G 145 31.89 40.71 4.72
C MET G 145 32.89 39.68 5.32
N ALA G 146 34.13 40.08 5.58
CA ALA G 146 35.12 39.19 6.21
C ALA G 146 34.63 38.82 7.65
N GLY G 147 33.80 39.67 8.25
CA GLY G 147 33.26 39.34 9.57
C GLY G 147 32.01 38.45 9.43
N VAL G 148 31.29 38.59 8.31
CA VAL G 148 30.09 37.77 8.06
C VAL G 148 30.53 36.31 7.79
N LYS G 149 31.62 36.16 7.05
CA LYS G 149 32.21 34.83 6.82
C LYS G 149 33.74 34.97 6.73
N GLY G 150 34.45 34.28 7.64
CA GLY G 150 35.90 34.34 7.68
C GLY G 150 36.59 34.09 6.34
N PRO G 151 37.33 35.07 5.76
CA PRO G 151 37.96 34.79 4.47
C PRO G 151 39.31 34.07 4.59
N PRO G 152 39.79 33.51 3.49
CA PRO G 152 41.10 32.85 3.63
C PRO G 152 42.20 33.90 3.84
N ASN G 153 43.25 33.54 4.58
CA ASN G 153 44.41 34.41 4.87
C ASN G 153 44.18 35.73 5.58
N MET G 154 43.03 35.89 6.24
CA MET G 154 42.77 37.15 6.95
C MET G 154 42.30 36.84 8.35
N ALA G 155 43.02 35.95 9.06
CA ALA G 155 42.64 35.55 10.38
C ALA G 155 42.30 36.69 11.31
N ALA G 156 43.15 37.69 11.42
CA ALA G 156 42.86 38.75 12.39
C ALA G 156 41.76 39.68 11.93
N TYR G 157 41.79 40.07 10.66
CA TYR G 157 40.77 41.00 10.15
C TYR G 157 39.41 40.39 10.31
N GLY G 158 39.26 39.16 9.80
CA GLY G 158 38.01 38.47 9.93
C GLY G 158 37.51 38.43 11.35
N THR G 159 38.37 38.04 12.28
CA THR G 159 37.92 37.97 13.66
C THR G 159 37.50 39.35 14.19
N SER G 160 38.23 40.39 13.83
CA SER G 160 37.90 41.74 14.32
C SER G 160 36.53 42.20 13.81
N LYS G 161 36.20 41.87 12.58
CA LYS G 161 34.91 42.32 12.10
C LYS G 161 33.77 41.44 12.62
N GLY G 162 34.05 40.19 12.95
CA GLY G 162 33.04 39.31 13.52
C GLY G 162 32.75 39.84 14.93
N ALA G 163 33.80 40.34 15.56
CA ALA G 163 33.67 40.91 16.90
C ALA G 163 32.84 42.21 16.79
N ILE G 164 33.09 43.02 15.78
CA ILE G 164 32.29 44.23 15.66
C ILE G 164 30.80 43.90 15.47
N ILE G 165 30.50 42.87 14.70
CA ILE G 165 29.09 42.51 14.47
C ILE G 165 28.41 42.09 15.80
N ALA G 166 29.11 41.33 16.63
CA ALA G 166 28.57 40.93 17.94
C ALA G 166 28.43 42.18 18.84
N LEU G 167 29.47 42.99 18.85
CA LEU G 167 29.48 44.20 19.68
C LEU G 167 28.33 45.13 19.31
N THR G 168 28.07 45.25 18.01
CA THR G 168 26.95 46.05 17.51
C THR G 168 25.65 45.53 18.12
N GLU G 169 25.50 44.21 18.23
CA GLU G 169 24.27 43.63 18.78
C GLU G 169 24.11 43.90 20.28
N THR G 170 25.19 43.73 21.03
CA THR G 170 25.16 44.05 22.46
C THR G 170 24.88 45.53 22.67
N ALA G 171 25.60 46.39 21.97
CA ALA G 171 25.37 47.84 22.15
C ALA G 171 23.94 48.23 21.78
N ALA G 172 23.36 47.61 20.76
CA ALA G 172 21.98 47.95 20.43
C ALA G 172 21.06 47.61 21.63
N LEU G 173 21.25 46.43 22.22
CA LEU G 173 20.45 46.06 23.37
C LEU G 173 20.72 47.03 24.50
N ASP G 174 21.99 47.24 24.84
CA ASP G 174 22.30 48.14 25.99
C ASP G 174 21.82 49.57 25.83
N LEU G 175 21.89 50.15 24.63
CA LEU G 175 21.52 51.55 24.48
C LEU G 175 20.07 51.84 24.04
N ALA G 176 19.32 50.80 23.76
CA ALA G 176 17.92 50.97 23.31
C ALA G 176 17.04 51.80 24.28
N PRO G 177 17.17 51.60 25.59
CA PRO G 177 16.34 52.36 26.52
C PRO G 177 16.55 53.88 26.45
N TYR G 178 17.65 54.34 25.83
CA TYR G 178 17.94 55.78 25.80
C TYR G 178 17.71 56.44 24.45
N ASN G 179 16.86 55.85 23.61
CA ASN G 179 16.55 56.31 22.26
C ASN G 179 17.80 56.37 21.42
N ILE G 180 18.59 55.30 21.47
CA ILE G 180 19.81 55.25 20.67
C ILE G 180 19.73 53.95 19.86
N ARG G 181 20.07 54.02 18.58
CA ARG G 181 20.10 52.81 17.73
C ARG G 181 21.55 52.57 17.30
N VAL G 182 21.92 51.32 17.12
CA VAL G 182 23.29 50.95 16.77
C VAL G 182 23.22 49.86 15.74
N ASN G 183 23.74 50.12 14.52
CA ASN G 183 23.70 49.10 13.45
C ASN G 183 25.08 49.01 12.82
N ALA G 184 25.28 48.07 11.88
CA ALA G 184 26.59 47.94 11.20
C ALA G 184 26.41 47.78 9.71
N ILE G 185 27.47 48.13 8.97
CA ILE G 185 27.44 47.89 7.53
C ILE G 185 28.57 46.89 7.26
N SER G 186 28.43 46.05 6.25
CA SER G 186 29.48 45.07 5.95
C SER G 186 29.85 45.08 4.45
N PRO G 187 30.74 46.02 4.03
CA PRO G 187 31.14 46.09 2.62
C PRO G 187 31.87 44.84 2.13
N GLY G 188 31.70 44.50 0.87
CA GLY G 188 32.39 43.34 0.33
C GLY G 188 33.62 43.88 -0.40
N TYR G 189 33.77 43.52 -1.68
CA TYR G 189 34.86 43.98 -2.49
C TYR G 189 34.50 45.37 -3.00
N MET G 190 35.37 46.33 -2.66
CA MET G 190 35.24 47.75 -3.04
C MET G 190 36.46 48.21 -3.81
N GLY G 191 36.23 48.98 -4.88
CA GLY G 191 37.34 49.50 -5.64
C GLY G 191 36.98 50.61 -6.61
N PRO G 192 37.98 51.17 -7.29
CA PRO G 192 39.38 50.77 -7.16
C PRO G 192 40.17 51.51 -6.05
N GLY G 193 41.47 51.63 -6.23
CA GLY G 193 42.33 52.32 -5.27
C GLY G 193 43.29 51.38 -4.58
N PHE G 194 44.17 51.85 -3.69
CA PHE G 194 45.06 50.84 -3.10
C PHE G 194 44.62 50.04 -1.89
N MET G 195 43.38 50.15 -1.42
CA MET G 195 42.98 49.23 -0.35
C MET G 195 42.51 47.99 -1.16
N TRP G 196 42.11 48.26 -2.40
CA TRP G 196 41.68 47.21 -3.30
C TRP G 196 42.95 46.57 -3.87
N GLU G 197 43.84 47.42 -4.41
CA GLU G 197 45.09 46.94 -4.99
C GLU G 197 45.91 46.14 -3.97
N ARG G 198 45.84 46.55 -2.71
CA ARG G 198 46.55 45.91 -1.60
C ARG G 198 46.00 44.50 -1.33
N GLN G 199 44.67 44.40 -1.30
CA GLN G 199 44.04 43.12 -1.08
C GLN G 199 44.39 42.17 -2.26
N VAL G 200 44.22 42.67 -3.47
CA VAL G 200 44.56 41.88 -4.65
C VAL G 200 46.03 41.41 -4.60
N GLU G 201 46.93 42.36 -4.35
CA GLU G 201 48.36 42.06 -4.34
C GLU G 201 48.81 41.06 -3.31
N LEU G 202 48.40 41.28 -2.07
CA LEU G 202 48.82 40.39 -0.99
C LEU G 202 48.17 39.04 -0.99
N GLN G 203 46.94 38.95 -1.52
CA GLN G 203 46.29 37.63 -1.60
C GLN G 203 47.11 36.84 -2.64
N ALA G 204 47.45 37.48 -3.77
CA ALA G 204 48.28 36.83 -4.81
C ALA G 204 49.58 36.32 -4.18
N LYS G 205 50.30 37.16 -3.46
CA LYS G 205 51.56 36.74 -2.81
C LYS G 205 51.41 35.51 -1.89
N VAL G 206 50.27 35.34 -1.22
CA VAL G 206 50.15 34.20 -0.35
C VAL G 206 50.36 32.90 -1.11
N GLY G 207 49.77 32.80 -2.30
CA GLY G 207 49.93 31.58 -3.07
C GLY G 207 49.04 30.45 -2.59
N SER G 208 47.98 30.78 -1.87
CA SER G 208 47.05 29.75 -1.39
C SER G 208 46.15 29.24 -2.56
N GLN G 209 45.37 28.18 -2.31
CA GLN G 209 44.49 27.56 -3.31
C GLN G 209 43.26 28.40 -3.63
N TYR G 210 43.04 29.44 -2.84
CA TYR G 210 41.88 30.34 -2.99
C TYR G 210 42.00 31.38 -4.07
N PHE G 211 43.24 31.76 -4.39
CA PHE G 211 43.46 32.76 -5.41
C PHE G 211 44.65 32.43 -6.25
N SER G 212 44.66 32.97 -7.47
CA SER G 212 45.78 32.83 -8.41
C SER G 212 47.00 33.55 -7.79
N THR G 213 48.22 33.20 -8.22
CA THR G 213 49.42 33.89 -7.74
C THR G 213 49.65 35.15 -8.58
N ASP G 214 48.90 35.29 -9.67
CA ASP G 214 49.05 36.45 -10.53
C ASP G 214 48.02 37.48 -10.09
N PRO G 215 48.47 38.62 -9.57
CA PRO G 215 47.49 39.63 -9.13
C PRO G 215 46.48 40.10 -10.16
N LYS G 216 46.84 40.04 -11.43
CA LYS G 216 45.88 40.43 -12.45
C LYS G 216 44.72 39.43 -12.42
N VAL G 217 45.03 38.14 -12.30
CA VAL G 217 43.96 37.13 -12.25
C VAL G 217 43.18 37.19 -10.90
N VAL G 218 43.87 37.46 -9.79
CA VAL G 218 43.18 37.61 -8.48
C VAL G 218 42.09 38.69 -8.59
N ALA G 219 42.41 39.82 -9.20
CA ALA G 219 41.40 40.88 -9.36
C ALA G 219 40.16 40.34 -10.11
N GLN G 220 40.38 39.54 -11.14
CA GLN G 220 39.28 39.00 -11.92
C GLN G 220 38.50 37.95 -11.12
N GLN G 221 39.22 37.19 -10.28
CA GLN G 221 38.59 36.12 -9.46
C GLN G 221 37.71 36.74 -8.41
N MET G 222 38.16 37.85 -7.85
CA MET G 222 37.38 38.55 -6.82
C MET G 222 36.14 39.15 -7.47
N ILE G 223 36.31 39.84 -8.60
CA ILE G 223 35.16 40.44 -9.23
C ILE G 223 34.22 39.32 -9.71
N GLY G 224 34.81 38.24 -10.19
CA GLY G 224 34.02 37.10 -10.68
C GLY G 224 33.17 36.37 -9.65
N SER G 225 33.49 36.54 -8.37
CA SER G 225 32.73 35.92 -7.31
C SER G 225 31.48 36.72 -6.93
N VAL G 226 31.38 37.94 -7.46
CA VAL G 226 30.26 38.81 -7.12
C VAL G 226 29.13 38.65 -8.16
N PRO G 227 27.89 38.36 -7.71
CA PRO G 227 26.78 38.21 -8.67
C PRO G 227 26.66 39.41 -9.58
N MET G 228 26.88 40.61 -9.04
CA MET G 228 26.79 41.79 -9.86
C MET G 228 28.00 41.92 -10.79
N ARG G 229 29.02 41.09 -10.58
CA ARG G 229 30.20 41.04 -11.44
C ARG G 229 30.94 42.39 -11.61
N ARG G 230 31.10 43.07 -10.49
CA ARG G 230 31.87 44.28 -10.44
C ARG G 230 32.17 44.46 -8.99
N TYR G 231 33.18 45.27 -8.69
CA TYR G 231 33.42 45.54 -7.28
C TYR G 231 32.53 46.75 -7.03
N GLY G 232 32.25 47.05 -5.76
CA GLY G 232 31.41 48.20 -5.45
C GLY G 232 32.24 49.47 -5.46
N ASP G 233 31.58 50.60 -5.75
CA ASP G 233 32.30 51.89 -5.70
C ASP G 233 32.19 52.38 -4.25
N ILE G 234 33.23 53.00 -3.70
CA ILE G 234 33.09 53.41 -2.30
C ILE G 234 31.92 54.38 -2.13
N ASN G 235 31.57 55.07 -3.19
CA ASN G 235 30.45 55.98 -3.10
C ASN G 235 29.11 55.26 -2.97
N GLU G 236 29.12 53.92 -2.94
CA GLU G 236 27.90 53.18 -2.78
C GLU G 236 27.70 52.84 -1.31
N ILE G 237 28.55 53.39 -0.46
CA ILE G 237 28.42 53.09 0.97
C ILE G 237 27.75 54.23 1.77
N PRO G 238 28.03 55.51 1.43
CA PRO G 238 27.40 56.58 2.24
C PRO G 238 25.89 56.62 2.36
N GLY G 239 25.21 56.28 1.26
CA GLY G 239 23.77 56.24 1.21
C GLY G 239 23.19 55.22 2.20
N VAL G 240 23.95 54.14 2.42
CA VAL G 240 23.53 53.08 3.34
C VAL G 240 23.73 53.56 4.78
N VAL G 241 24.82 54.28 5.03
CA VAL G 241 25.07 54.82 6.38
C VAL G 241 24.01 55.87 6.71
N ALA G 242 23.72 56.73 5.76
CA ALA G 242 22.72 57.78 5.99
C ALA G 242 21.35 57.14 6.28
N PHE G 243 21.05 56.04 5.60
CA PHE G 243 19.79 55.34 5.82
C PHE G 243 19.73 54.86 7.29
N LEU G 244 20.81 54.21 7.75
CA LEU G 244 20.86 53.70 9.12
C LEU G 244 20.90 54.81 10.21
N LEU G 245 21.30 56.03 9.86
CA LEU G 245 21.31 57.13 10.83
C LEU G 245 19.92 57.85 10.83
N GLY G 246 19.29 57.90 9.65
CA GLY G 246 18.01 58.56 9.49
C GLY G 246 16.74 57.86 10.00
N ASP G 247 15.63 58.57 9.92
CA ASP G 247 14.34 58.06 10.40
C ASP G 247 13.69 56.96 9.60
N ASP G 248 14.17 56.68 8.39
CA ASP G 248 13.56 55.57 7.68
C ASP G 248 13.95 54.26 8.31
N SER G 249 15.00 54.25 9.11
CA SER G 249 15.40 53.02 9.79
C SER G 249 15.05 53.06 11.28
N SER G 250 14.02 53.84 11.62
CA SER G 250 13.57 54.04 13.00
C SER G 250 13.22 52.79 13.81
N PHE G 251 12.79 51.69 13.19
CA PHE G 251 12.51 50.49 14.00
C PHE G 251 13.64 49.43 13.76
N MET G 252 14.80 49.92 13.34
CA MET G 252 15.90 49.03 13.09
C MET G 252 17.09 49.29 13.96
N THR G 253 17.45 48.29 14.78
CA THR G 253 18.65 48.42 15.61
C THR G 253 19.22 47.01 15.75
N GLY G 254 20.52 46.89 15.94
CA GLY G 254 21.19 45.58 16.02
C GLY G 254 21.38 44.84 14.69
N VAL G 255 21.18 45.51 13.54
CA VAL G 255 21.35 44.77 12.26
C VAL G 255 22.65 45.10 11.54
N ASN G 256 23.04 44.20 10.65
CA ASN G 256 24.26 44.35 9.90
C ASN G 256 23.83 44.27 8.44
N LEU G 257 24.17 45.28 7.64
CA LEU G 257 23.75 45.31 6.23
C LEU G 257 24.91 45.03 5.28
N PRO G 258 24.84 43.91 4.52
CA PRO G 258 25.88 43.56 3.55
C PRO G 258 25.83 44.53 2.35
N ILE G 259 26.98 45.09 1.96
CA ILE G 259 27.03 46.00 0.78
C ILE G 259 28.07 45.28 -0.06
N ALA G 260 27.60 44.24 -0.75
CA ALA G 260 28.56 43.35 -1.41
C ALA G 260 28.22 42.83 -2.80
N GLY G 261 27.10 43.27 -3.35
CA GLY G 261 26.71 42.83 -4.68
C GLY G 261 26.11 41.42 -4.85
N GLY G 262 25.63 40.78 -3.78
CA GLY G 262 24.99 39.46 -3.94
C GLY G 262 25.62 38.20 -3.35
N LYS H 3 26.64 -0.72 20.31
CA LYS H 3 25.26 -0.71 19.72
C LYS H 3 24.36 0.27 20.52
N LYS H 4 24.61 1.56 20.40
CA LYS H 4 23.84 2.53 21.16
C LYS H 4 22.36 2.58 20.81
N PHE H 5 21.96 2.05 19.66
CA PHE H 5 20.55 2.14 19.33
C PHE H 5 19.71 0.90 19.42
N ASN H 6 20.16 -0.08 20.20
CA ASN H 6 19.39 -1.32 20.36
C ASN H 6 18.05 -0.92 20.99
N GLY H 7 16.99 -1.51 20.47
CA GLY H 7 15.65 -1.24 20.97
C GLY H 7 14.98 -0.11 20.21
N LYS H 8 15.78 0.77 19.63
CA LYS H 8 15.16 1.90 18.93
C LYS H 8 14.54 1.56 17.56
N VAL H 9 13.54 2.37 17.13
CA VAL H 9 12.82 2.20 15.85
C VAL H 9 12.87 3.55 15.12
N CYS H 10 13.32 3.54 13.88
CA CYS H 10 13.39 4.76 13.07
C CYS H 10 12.56 4.69 11.80
N LEU H 11 11.75 5.73 11.56
CA LEU H 11 10.99 5.78 10.32
C LEU H 11 11.82 6.66 9.38
N VAL H 12 12.25 6.12 8.24
CA VAL H 12 13.06 6.87 7.25
C VAL H 12 12.20 7.09 6.03
N THR H 13 11.98 8.34 5.62
CA THR H 13 11.16 8.57 4.42
C THR H 13 12.20 8.77 3.29
N GLY H 14 11.82 8.49 2.04
CA GLY H 14 12.81 8.54 0.97
C GLY H 14 13.87 7.41 1.13
N ALA H 15 13.49 6.36 1.89
CA ALA H 15 14.35 5.20 2.22
C ALA H 15 14.94 4.42 1.06
N GLY H 16 14.32 4.50 -0.10
CA GLY H 16 14.87 3.78 -1.22
C GLY H 16 15.94 4.58 -1.93
N GLY H 17 16.04 5.87 -1.61
CA GLY H 17 17.04 6.71 -2.26
C GLY H 17 18.41 6.59 -1.63
N ASN H 18 19.39 7.29 -2.20
CA ASN H 18 20.77 7.22 -1.77
C ASN H 18 21.04 7.60 -0.31
N ILE H 19 20.63 8.81 0.07
CA ILE H 19 20.88 9.21 1.44
C ILE H 19 20.02 8.43 2.42
N GLY H 20 18.76 8.14 2.03
CA GLY H 20 17.83 7.42 2.92
C GLY H 20 18.34 6.00 3.24
N LEU H 21 18.77 5.30 2.21
CA LEU H 21 19.29 3.94 2.41
C LEU H 21 20.60 3.95 3.20
N ALA H 22 21.55 4.81 2.83
CA ALA H 22 22.80 4.85 3.56
C ALA H 22 22.55 5.14 5.05
N THR H 23 21.60 6.05 5.31
CA THR H 23 21.32 6.35 6.70
C THR H 23 20.61 5.17 7.38
N ALA H 24 19.68 4.53 6.69
CA ALA H 24 19.02 3.39 7.32
C ALA H 24 20.05 2.32 7.70
N LEU H 25 21.04 2.06 6.83
CA LEU H 25 22.03 1.02 7.09
C LEU H 25 22.85 1.33 8.29
N ARG H 26 23.33 2.57 8.39
CA ARG H 26 24.14 2.98 9.53
C ARG H 26 23.31 2.88 10.84
N LEU H 27 22.07 3.32 10.83
CA LEU H 27 21.27 3.22 12.04
C LEU H 27 21.04 1.72 12.35
N ALA H 28 20.87 0.90 11.32
CA ALA H 28 20.66 -0.54 11.52
C ALA H 28 21.94 -1.13 12.12
N GLU H 29 23.08 -0.59 11.72
CA GLU H 29 24.34 -1.09 12.25
C GLU H 29 24.39 -0.82 13.73
N GLU H 30 23.72 0.24 14.17
CA GLU H 30 23.74 0.56 15.60
C GLU H 30 22.62 -0.15 16.40
N GLY H 31 21.91 -1.07 15.74
CA GLY H 31 20.81 -1.79 16.39
C GLY H 31 19.41 -1.30 16.12
N THR H 32 19.31 -0.22 15.37
CA THR H 32 18.01 0.37 15.10
C THR H 32 17.11 -0.39 14.14
N ALA H 33 15.85 -0.65 14.52
CA ALA H 33 14.93 -1.31 13.58
C ALA H 33 14.45 -0.21 12.63
N ILE H 34 14.25 -0.54 11.36
CA ILE H 34 13.88 0.50 10.39
C ILE H 34 12.56 0.34 9.62
N ALA H 35 11.67 1.33 9.72
CA ALA H 35 10.44 1.35 8.94
C ALA H 35 10.88 2.16 7.68
N LEU H 36 10.84 1.52 6.52
CA LEU H 36 11.25 2.15 5.24
C LEU H 36 10.03 2.67 4.48
N LEU H 37 10.02 3.99 4.21
CA LEU H 37 8.92 4.67 3.53
C LEU H 37 9.41 5.31 2.22
N ASP H 38 8.71 5.06 1.13
CA ASP H 38 9.11 5.62 -0.13
C ASP H 38 7.95 5.37 -1.04
N MET H 39 7.93 6.08 -2.15
CA MET H 39 6.83 5.85 -3.06
C MET H 39 7.25 4.85 -4.13
N ASN H 40 8.53 4.48 -4.16
CA ASN H 40 9.07 3.55 -5.15
C ASN H 40 9.22 2.11 -4.59
N ARG H 41 8.36 1.18 -5.02
CA ARG H 41 8.45 -0.21 -4.52
C ARG H 41 9.72 -0.91 -4.88
N GLU H 42 10.15 -0.85 -6.14
CA GLU H 42 11.38 -1.57 -6.48
C GLU H 42 12.55 -1.14 -5.59
N ALA H 43 12.61 0.15 -5.32
CA ALA H 43 13.68 0.68 -4.49
C ALA H 43 13.56 0.18 -3.08
N LEU H 44 12.33 0.13 -2.55
CA LEU H 44 12.18 -0.33 -1.18
C LEU H 44 12.64 -1.79 -1.05
N GLU H 45 12.37 -2.61 -2.05
CA GLU H 45 12.78 -4.02 -1.98
C GLU H 45 14.28 -4.13 -1.75
N LYS H 46 15.08 -3.46 -2.56
CA LYS H 46 16.51 -3.55 -2.37
C LYS H 46 16.92 -2.98 -0.99
N ALA H 47 16.29 -1.88 -0.59
CA ALA H 47 16.62 -1.28 0.69
C ALA H 47 16.29 -2.23 1.84
N GLU H 48 15.08 -2.80 1.86
CA GLU H 48 14.68 -3.72 2.94
C GLU H 48 15.63 -4.94 3.05
N ALA H 49 15.96 -5.52 1.91
CA ALA H 49 16.87 -6.67 1.92
C ALA H 49 18.19 -6.24 2.55
N SER H 50 18.77 -5.13 2.06
CA SER H 50 20.04 -4.65 2.59
C SER H 50 20.02 -4.39 4.09
N VAL H 51 18.94 -3.78 4.58
CA VAL H 51 18.84 -3.48 6.01
C VAL H 51 18.67 -4.72 6.88
N ARG H 52 17.82 -5.65 6.47
CA ARG H 52 17.61 -6.87 7.27
C ARG H 52 18.92 -7.65 7.40
N GLU H 53 19.81 -7.43 6.44
CA GLU H 53 21.10 -8.08 6.37
C GLU H 53 22.03 -7.66 7.52
N LYS H 54 21.67 -6.55 8.16
CA LYS H 54 22.39 -6.02 9.28
C LYS H 54 21.87 -6.69 10.56
N GLY H 55 20.86 -7.53 10.40
CA GLY H 55 20.29 -8.25 11.54
C GLY H 55 19.18 -7.63 12.36
N VAL H 56 18.55 -6.56 11.86
CA VAL H 56 17.46 -5.91 12.60
C VAL H 56 16.15 -6.11 11.85
N GLU H 57 15.03 -5.76 12.48
CA GLU H 57 13.78 -5.89 11.75
C GLU H 57 13.66 -4.68 10.81
N ALA H 58 13.08 -4.90 9.63
CA ALA H 58 12.84 -3.85 8.67
C ALA H 58 11.61 -4.22 7.87
N ARG H 59 10.77 -3.22 7.61
CA ARG H 59 9.54 -3.42 6.86
C ARG H 59 9.45 -2.22 5.96
N SER H 60 8.76 -2.39 4.84
CA SER H 60 8.58 -1.33 3.85
C SER H 60 7.15 -0.80 3.81
N TYR H 61 7.01 0.48 3.49
CA TYR H 61 5.70 1.12 3.39
C TYR H 61 5.66 1.97 2.14
N VAL H 62 4.78 1.64 1.21
CA VAL H 62 4.66 2.41 -0.03
C VAL H 62 3.76 3.59 0.26
N CYS H 63 4.34 4.78 0.18
CA CYS H 63 3.58 5.94 0.54
C CYS H 63 4.00 7.24 -0.20
N ASP H 64 3.03 7.98 -0.71
CA ASP H 64 3.28 9.28 -1.36
C ASP H 64 3.07 10.31 -0.24
N VAL H 65 4.14 10.92 0.26
CA VAL H 65 4.00 11.87 1.34
C VAL H 65 3.14 13.06 1.04
N THR H 66 2.86 13.31 -0.22
CA THR H 66 2.00 14.46 -0.52
C THR H 66 0.54 14.17 -0.21
N SER H 67 0.23 12.90 0.02
CA SER H 67 -1.15 12.53 0.40
C SER H 67 -1.17 12.35 1.91
N GLU H 68 -1.74 13.30 2.64
CA GLU H 68 -1.74 13.16 4.08
C GLU H 68 -2.49 11.88 4.50
N GLU H 69 -3.55 11.54 3.77
CA GLU H 69 -4.31 10.34 4.12
C GLU H 69 -3.39 9.11 4.08
N ALA H 70 -2.57 9.05 3.04
CA ALA H 70 -1.65 7.93 2.87
C ALA H 70 -0.60 7.95 3.98
N VAL H 71 -0.20 9.17 4.37
CA VAL H 71 0.78 9.33 5.42
C VAL H 71 0.22 8.93 6.79
N ILE H 72 -1.02 9.32 7.06
CA ILE H 72 -1.54 9.01 8.39
C ILE H 72 -1.76 7.49 8.56
N GLY H 73 -2.16 6.84 7.48
CA GLY H 73 -2.38 5.40 7.52
C GLY H 73 -1.05 4.69 7.69
N THR H 74 -0.01 5.15 6.99
CA THR H 74 1.27 4.50 7.13
C THR H 74 1.91 4.67 8.51
N VAL H 75 1.78 5.86 9.08
CA VAL H 75 2.37 6.07 10.40
C VAL H 75 1.60 5.17 11.33
N ASP H 76 0.31 5.01 11.09
CA ASP H 76 -0.45 4.15 11.98
C ASP H 76 0.04 2.68 11.87
N SER H 77 0.25 2.20 10.66
CA SER H 77 0.73 0.81 10.50
C SER H 77 2.11 0.69 11.14
N VAL H 78 2.95 1.68 10.91
CA VAL H 78 4.28 1.59 11.47
C VAL H 78 4.23 1.38 12.97
N VAL H 79 3.40 2.16 13.67
CA VAL H 79 3.26 2.01 15.12
C VAL H 79 2.71 0.63 15.51
N ARG H 80 1.76 0.11 14.75
CA ARG H 80 1.27 -1.19 15.11
C ARG H 80 2.34 -2.26 14.90
N ASP H 81 3.07 -2.19 13.79
CA ASP H 81 4.10 -3.17 13.46
C ASP H 81 5.33 -3.11 14.36
N PHE H 82 5.77 -1.90 14.69
CA PHE H 82 6.98 -1.74 15.53
C PHE H 82 6.67 -1.31 16.95
N GLY H 83 5.40 -1.00 17.19
CA GLY H 83 4.98 -0.55 18.51
C GLY H 83 5.25 0.89 18.92
N LYS H 84 6.17 1.56 18.22
CA LYS H 84 6.61 2.92 18.56
C LYS H 84 7.60 3.51 17.52
N ILE H 85 7.70 4.84 17.43
CA ILE H 85 8.68 5.49 16.53
C ILE H 85 9.51 6.40 17.37
N ASP H 86 10.74 5.99 17.68
CA ASP H 86 11.61 6.83 18.50
C ASP H 86 12.28 7.90 17.71
N PHE H 87 12.62 7.53 16.47
CA PHE H 87 13.40 8.40 15.57
C PHE H 87 12.73 8.62 14.22
N LEU H 88 12.87 9.83 13.66
CA LEU H 88 12.34 10.08 12.32
C LEU H 88 13.43 10.76 11.50
N PHE H 89 13.72 10.24 10.31
CA PHE H 89 14.65 10.89 9.37
C PHE H 89 13.68 11.27 8.22
N ASN H 90 13.25 12.54 8.24
CA ASN H 90 12.25 13.09 7.30
C ASN H 90 13.07 13.60 6.12
N ASN H 91 13.27 12.68 5.17
CA ASN H 91 14.20 12.86 4.11
C ASN H 91 13.72 12.83 2.65
N ALA H 92 12.51 12.35 2.40
CA ALA H 92 12.05 12.34 0.99
C ALA H 92 12.09 13.75 0.36
N GLY H 93 12.50 13.81 -0.90
CA GLY H 93 12.59 15.10 -1.58
C GLY H 93 12.74 14.95 -3.07
N TYR H 94 12.40 16.02 -3.78
CA TYR H 94 12.48 16.10 -5.22
C TYR H 94 13.45 17.27 -5.57
N GLN H 95 14.37 17.05 -6.51
CA GLN H 95 15.38 18.06 -6.78
C GLN H 95 14.93 19.29 -7.54
N GLY H 96 13.91 19.12 -8.39
CA GLY H 96 13.37 20.21 -9.17
C GLY H 96 14.09 20.49 -10.51
N ALA H 97 13.45 21.24 -11.37
CA ALA H 97 14.08 21.65 -12.62
C ALA H 97 15.21 22.66 -12.30
N PHE H 98 16.06 22.95 -13.28
CA PHE H 98 17.11 23.93 -13.09
C PHE H 98 16.87 24.97 -14.18
N ALA H 99 16.50 26.19 -13.78
CA ALA H 99 16.25 27.27 -14.75
C ALA H 99 16.27 28.58 -13.96
N PRO H 100 16.64 29.65 -14.60
CA PRO H 100 16.65 30.94 -13.88
C PRO H 100 15.22 31.29 -13.54
N VAL H 101 15.04 32.10 -12.50
CA VAL H 101 13.69 32.40 -12.03
C VAL H 101 12.69 32.86 -13.10
N GLN H 102 13.12 33.75 -14.02
CA GLN H 102 12.24 34.28 -15.07
C GLN H 102 11.68 33.21 -16.01
N ASP H 103 12.32 32.05 -16.00
CA ASP H 103 11.93 30.93 -16.85
C ASP H 103 11.64 29.67 -16.04
N TYR H 104 11.46 29.80 -14.74
CA TYR H 104 11.27 28.57 -13.95
C TYR H 104 9.89 28.02 -14.21
N PRO H 105 9.77 26.71 -14.54
CA PRO H 105 8.45 26.10 -14.82
C PRO H 105 7.51 26.23 -13.63
N SER H 106 6.36 26.86 -13.85
CA SER H 106 5.48 27.08 -12.73
C SER H 106 4.78 25.88 -12.07
N ASP H 107 4.51 24.84 -12.83
CA ASP H 107 3.92 23.59 -12.25
C ASP H 107 5.07 22.93 -11.44
N ASP H 108 6.29 22.92 -11.98
CA ASP H 108 7.37 22.31 -11.22
C ASP H 108 7.58 23.03 -9.89
N PHE H 109 7.45 24.37 -9.90
CA PHE H 109 7.66 25.12 -8.65
C PHE H 109 6.71 24.66 -7.57
N ALA H 110 5.44 24.55 -7.93
CA ALA H 110 4.40 24.06 -7.01
C ALA H 110 4.70 22.63 -6.57
N ARG H 111 5.12 21.80 -7.52
CA ARG H 111 5.42 20.39 -7.23
C ARG H 111 6.52 20.25 -6.16
N VAL H 112 7.62 20.99 -6.36
CA VAL H 112 8.75 20.99 -5.44
C VAL H 112 8.32 21.41 -4.04
N LEU H 113 7.55 22.49 -3.94
CA LEU H 113 7.09 22.89 -2.61
C LEU H 113 6.13 21.82 -1.99
N THR H 114 5.28 21.22 -2.79
CA THR H 114 4.36 20.26 -2.21
C THR H 114 5.00 19.00 -1.68
N ILE H 115 5.99 18.52 -2.40
CA ILE H 115 6.72 17.32 -1.93
C ILE H 115 7.71 17.64 -0.82
N ASN H 116 8.56 18.65 -1.02
CA ASN H 116 9.61 18.98 -0.03
C ASN H 116 9.18 19.70 1.21
N VAL H 117 8.09 20.48 1.11
CA VAL H 117 7.61 21.18 2.28
C VAL H 117 6.31 20.58 2.85
N THR H 118 5.24 20.60 2.06
CA THR H 118 3.98 20.05 2.54
C THR H 118 4.11 18.55 2.90
N GLY H 119 4.71 17.77 2.04
CA GLY H 119 4.85 16.34 2.35
C GLY H 119 5.69 16.12 3.58
N ALA H 120 6.74 16.93 3.74
CA ALA H 120 7.58 16.77 4.88
C ALA H 120 6.77 17.13 6.10
N PHE H 121 5.89 18.13 5.95
CA PHE H 121 5.06 18.56 7.09
C PHE H 121 4.01 17.50 7.47
N HIS H 122 3.49 16.79 6.46
CA HIS H 122 2.48 15.73 6.71
C HIS H 122 3.13 14.69 7.61
N VAL H 123 4.32 14.22 7.23
CA VAL H 123 5.07 13.23 8.03
C VAL H 123 5.42 13.75 9.44
N LEU H 124 5.92 14.98 9.52
CA LEU H 124 6.30 15.56 10.79
C LEU H 124 5.11 15.63 11.76
N LYS H 125 3.96 16.09 11.27
CA LYS H 125 2.75 16.23 12.07
C LYS H 125 2.29 14.83 12.59
N ALA H 126 2.12 13.89 11.67
CA ALA H 126 1.66 12.54 12.03
C ALA H 126 2.61 11.90 13.04
N VAL H 127 3.89 11.95 12.76
CA VAL H 127 4.83 11.37 13.68
C VAL H 127 5.00 12.09 15.01
N SER H 128 4.98 13.43 15.03
CA SER H 128 5.12 14.12 16.32
C SER H 128 3.95 13.72 17.24
N ARG H 129 2.78 13.48 16.67
CA ARG H 129 1.62 13.07 17.47
C ARG H 129 1.96 11.78 18.24
N GLN H 130 2.53 10.82 17.53
CA GLN H 130 2.95 9.58 18.13
C GLN H 130 4.07 9.86 19.15
N MET H 131 5.04 10.71 18.81
CA MET H 131 6.10 11.04 19.78
C MET H 131 5.55 11.74 21.05
N ILE H 132 4.50 12.55 20.91
CA ILE H 132 3.92 13.22 22.06
C ILE H 132 3.26 12.14 22.98
N THR H 133 2.64 11.15 22.34
CA THR H 133 2.05 9.99 23.07
C THR H 133 3.19 9.26 23.83
N GLN H 134 4.37 9.19 23.25
CA GLN H 134 5.49 8.48 23.92
C GLN H 134 6.23 9.36 24.88
N ASN H 135 5.97 10.65 24.79
CA ASN H 135 6.77 11.64 25.51
C ASN H 135 8.27 11.39 25.25
N TYR H 136 8.59 11.04 24.01
CA TYR H 136 9.98 10.84 23.58
C TYR H 136 10.06 10.89 22.04
N GLY H 137 11.06 11.55 21.53
CA GLY H 137 11.17 11.62 20.07
C GLY H 137 12.35 12.46 19.62
N ARG H 138 13.02 12.04 18.54
CA ARG H 138 14.14 12.80 18.02
C ARG H 138 13.94 12.75 16.49
N ILE H 139 13.97 13.93 15.88
CA ILE H 139 13.71 14.07 14.49
C ILE H 139 14.84 14.80 13.73
N VAL H 140 15.16 14.36 12.52
CA VAL H 140 16.15 15.08 11.71
C VAL H 140 15.46 15.35 10.37
N ASN H 141 15.40 16.63 9.94
CA ASN H 141 14.77 16.92 8.63
C ASN H 141 15.93 17.16 7.67
N THR H 142 15.78 16.75 6.41
CA THR H 142 16.85 16.94 5.42
C THR H 142 16.59 18.26 4.70
N ALA H 143 17.47 19.21 4.97
CA ALA H 143 17.35 20.50 4.33
C ALA H 143 18.42 20.46 3.20
N SER H 144 19.27 21.46 3.07
CA SER H 144 20.29 21.48 2.01
C SER H 144 21.02 22.84 2.08
N MET H 145 22.26 22.90 1.63
CA MET H 145 22.93 24.20 1.59
C MET H 145 22.09 25.12 0.70
N ALA H 146 21.29 24.57 -0.20
CA ALA H 146 20.47 25.45 -1.09
C ALA H 146 19.45 26.23 -0.25
N GLY H 147 19.06 25.67 0.89
CA GLY H 147 18.14 26.37 1.80
C GLY H 147 18.92 27.39 2.63
N VAL H 148 20.20 27.13 2.90
CA VAL H 148 21.01 28.06 3.67
C VAL H 148 21.32 29.35 2.85
N LYS H 149 21.56 29.21 1.55
CA LYS H 149 21.77 30.39 0.67
C LYS H 149 21.21 29.97 -0.69
N GLY H 150 20.15 30.64 -1.13
CA GLY H 150 19.49 30.26 -2.37
C GLY H 150 20.50 30.17 -3.51
N PRO H 151 20.61 29.05 -4.23
CA PRO H 151 21.57 28.97 -5.34
C PRO H 151 20.99 29.45 -6.67
N PRO H 152 21.85 29.68 -7.66
CA PRO H 152 21.34 30.12 -8.97
C PRO H 152 20.59 29.01 -9.65
N ASN H 153 19.53 29.36 -10.39
CA ASN H 153 18.75 28.40 -11.13
C ASN H 153 17.96 27.35 -10.31
N MET H 154 17.83 27.55 -9.01
CA MET H 154 17.12 26.54 -8.20
C MET H 154 16.05 27.22 -7.34
N ALA H 155 15.26 28.10 -7.97
CA ALA H 155 14.28 28.92 -7.25
C ALA H 155 13.38 28.09 -6.34
N ALA H 156 12.78 27.03 -6.86
CA ALA H 156 11.88 26.26 -6.04
C ALA H 156 12.55 25.38 -4.98
N TYR H 157 13.62 24.67 -5.36
CA TYR H 157 14.33 23.80 -4.41
C TYR H 157 14.90 24.64 -3.26
N GLY H 158 15.58 25.74 -3.57
CA GLY H 158 16.11 26.56 -2.51
C GLY H 158 15.00 27.07 -1.62
N THR H 159 13.91 27.54 -2.21
CA THR H 159 12.92 28.01 -1.28
C THR H 159 12.29 26.86 -0.42
N SER H 160 12.16 25.66 -0.96
CA SER H 160 11.60 24.58 -0.18
C SER H 160 12.55 24.25 1.01
N LYS H 161 13.86 24.30 0.79
CA LYS H 161 14.75 23.92 1.87
C LYS H 161 14.91 25.05 2.87
N GLY H 162 14.73 26.29 2.41
CA GLY H 162 14.78 27.39 3.35
C GLY H 162 13.51 27.25 4.22
N ALA H 163 12.40 26.81 3.62
CA ALA H 163 11.17 26.56 4.36
C ALA H 163 11.41 25.47 5.45
N ILE H 164 12.09 24.40 5.07
CA ILE H 164 12.39 23.32 6.01
C ILE H 164 13.24 23.79 7.19
N ILE H 165 14.18 24.72 6.96
CA ILE H 165 15.00 25.20 8.07
C ILE H 165 14.10 25.98 9.08
N ALA H 166 13.18 26.81 8.57
CA ALA H 166 12.26 27.55 9.46
C ALA H 166 11.29 26.57 10.17
N LEU H 167 10.75 25.63 9.41
CA LEU H 167 9.83 24.66 9.99
C LEU H 167 10.54 23.83 11.08
N THR H 168 11.82 23.50 10.87
CA THR H 168 12.56 22.72 11.86
C THR H 168 12.62 23.54 13.15
N GLU H 169 12.87 24.83 13.00
CA GLU H 169 12.93 25.75 14.16
C GLU H 169 11.56 25.83 14.87
N THR H 170 10.48 26.04 14.15
CA THR H 170 9.17 26.09 14.81
C THR H 170 8.84 24.77 15.48
N ALA H 171 9.07 23.66 14.77
CA ALA H 171 8.74 22.34 15.32
C ALA H 171 9.60 22.08 16.59
N ALA H 172 10.87 22.44 16.55
CA ALA H 172 11.70 22.24 17.72
C ALA H 172 11.03 22.95 18.92
N LEU H 173 10.60 24.19 18.72
CA LEU H 173 9.95 24.91 19.80
C LEU H 173 8.64 24.28 20.26
N ASP H 174 7.80 23.92 19.29
CA ASP H 174 6.50 23.36 19.63
C ASP H 174 6.58 22.04 20.38
N LEU H 175 7.58 21.23 20.02
CA LEU H 175 7.66 19.88 20.58
C LEU H 175 8.65 19.71 21.69
N ALA H 176 9.36 20.77 22.05
CA ALA H 176 10.32 20.65 23.13
C ALA H 176 9.70 20.22 24.48
N PRO H 177 8.46 20.63 24.78
CA PRO H 177 7.85 20.24 26.06
C PRO H 177 7.55 18.76 26.21
N TYR H 178 7.72 17.97 25.16
CA TYR H 178 7.37 16.57 25.25
C TYR H 178 8.57 15.66 25.02
N ASN H 179 9.75 16.17 25.37
CA ASN H 179 10.99 15.43 25.20
C ASN H 179 11.18 14.99 23.75
N ILE H 180 11.03 15.98 22.87
CA ILE H 180 11.22 15.70 21.47
C ILE H 180 12.22 16.73 20.99
N ARG H 181 13.18 16.31 20.18
CA ARG H 181 14.14 17.28 19.65
C ARG H 181 13.95 17.25 18.15
N VAL H 182 14.18 18.40 17.50
CA VAL H 182 14.01 18.50 16.05
C VAL H 182 15.17 19.26 15.46
N ASN H 183 15.91 18.61 14.56
CA ASN H 183 17.09 19.28 13.97
C ASN H 183 17.13 19.02 12.44
N ALA H 184 18.02 19.67 11.74
CA ALA H 184 18.13 19.52 10.28
C ALA H 184 19.55 19.36 9.86
N ILE H 185 19.75 18.74 8.69
CA ILE H 185 21.09 18.63 8.10
C ILE H 185 20.96 19.36 6.73
N SER H 186 22.05 19.95 6.28
CA SER H 186 22.09 20.67 5.05
C SER H 186 23.32 20.23 4.19
N PRO H 187 23.21 19.10 3.50
CA PRO H 187 24.33 18.64 2.66
C PRO H 187 24.60 19.67 1.55
N GLY H 188 25.86 19.73 1.11
CA GLY H 188 26.20 20.60 0.00
C GLY H 188 26.34 19.71 -1.23
N TYR H 189 27.47 19.77 -1.92
CA TYR H 189 27.74 18.98 -3.10
C TYR H 189 28.10 17.58 -2.67
N MET H 190 27.31 16.61 -3.14
CA MET H 190 27.52 15.19 -2.81
C MET H 190 27.69 14.41 -4.11
N GLY H 191 28.65 13.47 -4.14
CA GLY H 191 28.82 12.67 -5.35
C GLY H 191 29.69 11.44 -5.15
N PRO H 192 29.91 10.62 -6.21
CA PRO H 192 29.41 10.76 -7.59
C PRO H 192 28.04 10.14 -7.75
N GLY H 193 27.63 9.81 -8.97
CA GLY H 193 26.33 9.17 -9.18
C GLY H 193 25.41 9.94 -10.12
N PHE H 194 24.30 9.38 -10.59
CA PHE H 194 23.60 10.29 -11.50
C PHE H 194 22.80 11.46 -10.92
N MET H 195 22.71 11.58 -9.60
CA MET H 195 22.03 12.74 -8.99
C MET H 195 23.05 13.90 -9.09
N TRP H 196 24.31 13.56 -8.86
CA TRP H 196 25.38 14.54 -8.94
C TRP H 196 25.48 14.88 -10.45
N GLU H 197 25.47 13.83 -11.28
CA GLU H 197 25.56 14.04 -12.72
C GLU H 197 24.38 14.84 -13.25
N ARG H 198 23.24 14.69 -12.61
CA ARG H 198 22.04 15.42 -13.09
C ARG H 198 22.21 16.89 -12.72
N GLN H 199 22.69 17.13 -11.50
CA GLN H 199 22.91 18.48 -11.07
C GLN H 199 23.95 19.18 -11.97
N VAL H 200 25.07 18.51 -12.23
CA VAL H 200 26.12 19.10 -13.07
C VAL H 200 25.57 19.41 -14.44
N GLU H 201 25.05 18.40 -15.09
CA GLU H 201 24.49 18.51 -16.44
C GLU H 201 23.37 19.53 -16.55
N LEU H 202 22.46 19.52 -15.58
CA LEU H 202 21.34 20.47 -15.71
C LEU H 202 21.71 21.92 -15.41
N GLN H 203 22.70 22.16 -14.53
CA GLN H 203 23.14 23.54 -14.29
C GLN H 203 23.86 23.98 -15.56
N ALA H 204 24.65 23.05 -16.12
CA ALA H 204 25.39 23.32 -17.33
C ALA H 204 24.47 23.77 -18.46
N LYS H 205 23.36 23.05 -18.60
CA LYS H 205 22.47 23.37 -19.70
C LYS H 205 21.79 24.73 -19.61
N VAL H 206 21.75 25.33 -18.42
CA VAL H 206 21.10 26.63 -18.30
C VAL H 206 21.88 27.68 -19.06
N GLY H 207 23.19 27.61 -18.99
CA GLY H 207 23.97 28.64 -19.68
C GLY H 207 24.02 29.97 -18.97
N SER H 208 23.78 30.00 -17.66
CA SER H 208 23.84 31.21 -16.87
C SER H 208 25.33 31.59 -16.63
N GLN H 209 25.56 32.80 -16.13
CA GLN H 209 26.92 33.28 -15.85
C GLN H 209 27.59 32.54 -14.72
N TYR H 210 26.83 31.72 -14.00
CA TYR H 210 27.40 31.04 -12.81
C TYR H 210 28.17 29.73 -13.07
N PHE H 211 27.89 29.11 -14.21
CA PHE H 211 28.54 27.87 -14.59
C PHE H 211 28.77 27.81 -16.08
N SER H 212 29.80 27.09 -16.45
CA SER H 212 30.06 26.89 -17.85
C SER H 212 28.91 26.06 -18.43
N THR H 213 28.90 25.98 -19.74
CA THR H 213 27.91 25.22 -20.43
C THR H 213 28.49 23.80 -20.70
N ASP H 214 29.76 23.60 -20.34
CA ASP H 214 30.50 22.34 -20.52
C ASP H 214 30.50 21.61 -19.16
N PRO H 215 29.81 20.48 -19.06
CA PRO H 215 29.70 19.69 -17.83
C PRO H 215 30.98 19.33 -17.12
N LYS H 216 32.04 19.11 -17.89
CA LYS H 216 33.31 18.77 -17.26
C LYS H 216 33.85 20.01 -16.54
N VAL H 217 33.65 21.20 -17.12
CA VAL H 217 34.11 22.40 -16.48
C VAL H 217 33.15 22.68 -15.29
N VAL H 218 31.85 22.44 -15.45
CA VAL H 218 30.91 22.70 -14.36
C VAL H 218 31.30 21.87 -13.15
N ALA H 219 31.59 20.60 -13.39
CA ALA H 219 32.00 19.72 -12.31
C ALA H 219 33.22 20.30 -11.58
N GLN H 220 34.21 20.79 -12.34
CA GLN H 220 35.40 21.38 -11.72
C GLN H 220 35.10 22.70 -10.97
N GLN H 221 34.13 23.45 -11.47
CA GLN H 221 33.75 24.70 -10.85
C GLN H 221 33.10 24.41 -9.51
N MET H 222 32.25 23.41 -9.47
CA MET H 222 31.58 23.06 -8.22
C MET H 222 32.57 22.54 -7.16
N ILE H 223 33.33 21.54 -7.54
CA ILE H 223 34.34 21.01 -6.63
C ILE H 223 35.32 22.12 -6.25
N GLY H 224 35.67 22.97 -7.23
CA GLY H 224 36.61 24.07 -7.00
C GLY H 224 36.12 25.07 -5.95
N SER H 225 34.80 25.12 -5.75
CA SER H 225 34.20 26.04 -4.77
C SER H 225 34.22 25.52 -3.33
N VAL H 226 34.53 24.24 -3.18
CA VAL H 226 34.57 23.61 -1.88
C VAL H 226 35.99 23.69 -1.27
N PRO H 227 36.12 24.22 -0.05
CA PRO H 227 37.43 24.34 0.60
C PRO H 227 38.18 23.00 0.67
N MET H 228 37.46 21.93 1.00
CA MET H 228 38.08 20.61 1.05
C MET H 228 38.32 20.08 -0.38
N ARG H 229 37.87 20.85 -1.37
CA ARG H 229 38.10 20.53 -2.79
C ARG H 229 37.73 19.12 -3.25
N ARG H 230 36.55 18.68 -2.84
CA ARG H 230 36.01 17.43 -3.25
C ARG H 230 34.56 17.50 -2.93
N TYR H 231 33.77 16.69 -3.62
CA TYR H 231 32.36 16.68 -3.24
C TYR H 231 32.34 15.69 -2.08
N GLY H 232 31.27 15.71 -1.29
CA GLY H 232 31.22 14.77 -0.19
C GLY H 232 30.70 13.38 -0.64
N ASP H 233 31.05 12.33 0.10
CA ASP H 233 30.52 10.99 -0.18
C ASP H 233 29.19 10.89 0.58
N ILE H 234 28.19 10.21 0.00
CA ILE H 234 26.90 10.05 0.66
C ILE H 234 27.11 9.37 2.01
N ASN H 235 28.21 8.65 2.17
CA ASN H 235 28.42 8.01 3.44
C ASN H 235 28.87 8.98 4.56
N GLU H 236 29.03 10.27 4.24
CA GLU H 236 29.45 11.20 5.28
C GLU H 236 28.22 11.88 5.86
N ILE H 237 27.03 11.38 5.53
CA ILE H 237 25.84 11.97 6.09
C ILE H 237 25.20 11.18 7.27
N PRO H 238 25.08 9.85 7.17
CA PRO H 238 24.47 8.99 8.23
C PRO H 238 25.02 9.22 9.64
N GLY H 239 26.32 9.43 9.75
CA GLY H 239 26.94 9.65 11.04
C GLY H 239 26.46 10.95 11.67
N VAL H 240 26.13 11.94 10.83
CA VAL H 240 25.65 13.25 11.32
C VAL H 240 24.19 13.07 11.78
N VAL H 241 23.42 12.30 11.03
CA VAL H 241 22.03 12.04 11.40
C VAL H 241 22.02 11.25 12.71
N ALA H 242 22.87 10.23 12.79
CA ALA H 242 22.92 9.41 14.02
C ALA H 242 23.30 10.31 15.20
N PHE H 243 24.21 11.22 14.96
CA PHE H 243 24.60 12.11 16.05
C PHE H 243 23.41 12.92 16.52
N LEU H 244 22.66 13.48 15.56
CA LEU H 244 21.50 14.29 15.92
C LEU H 244 20.32 13.49 16.55
N LEU H 245 20.26 12.18 16.32
CA LEU H 245 19.17 11.37 16.96
C LEU H 245 19.56 10.90 18.36
N GLY H 246 20.86 10.69 18.53
CA GLY H 246 21.39 10.17 19.78
C GLY H 246 21.63 11.15 20.91
N ASP H 247 22.09 10.60 22.05
CA ASP H 247 22.30 11.38 23.24
C ASP H 247 23.41 12.41 23.32
N ASP H 248 24.41 12.31 22.44
CA ASP H 248 25.46 13.30 22.46
C ASP H 248 24.96 14.71 22.06
N SER H 249 23.81 14.80 21.42
CA SER H 249 23.23 16.10 21.05
C SER H 249 22.02 16.34 21.95
N SER H 250 22.02 15.75 23.15
CA SER H 250 20.88 15.89 24.07
C SER H 250 20.46 17.34 24.35
N PHE H 251 21.36 18.33 24.27
CA PHE H 251 20.92 19.72 24.50
C PHE H 251 20.89 20.52 23.19
N MET H 252 20.66 19.81 22.10
CA MET H 252 20.63 20.49 20.80
C MET H 252 19.32 20.25 20.11
N THR H 253 18.59 21.34 19.81
CA THR H 253 17.33 21.22 19.09
C THR H 253 17.14 22.50 18.30
N GLY H 254 16.44 22.43 17.17
CA GLY H 254 16.29 23.63 16.33
C GLY H 254 17.55 24.04 15.57
N VAL H 255 18.52 23.15 15.46
CA VAL H 255 19.78 23.53 14.78
C VAL H 255 19.87 22.90 13.37
N ASN H 256 20.65 23.56 12.51
CA ASN H 256 20.83 23.10 11.13
C ASN H 256 22.34 22.85 10.92
N LEU H 257 22.74 21.60 10.62
CA LEU H 257 24.18 21.30 10.45
C LEU H 257 24.64 21.20 8.98
N PRO H 258 25.52 22.13 8.55
CA PRO H 258 26.01 22.06 7.16
C PRO H 258 26.95 20.86 7.01
N ILE H 259 26.81 20.12 5.93
CA ILE H 259 27.70 18.97 5.66
C ILE H 259 28.17 19.34 4.25
N ALA H 260 29.18 20.19 4.18
CA ALA H 260 29.52 20.70 2.87
C ALA H 260 30.96 20.94 2.52
N GLY H 261 31.88 20.45 3.35
CA GLY H 261 33.28 20.68 3.04
C GLY H 261 33.82 22.11 3.27
N GLY H 262 33.09 22.98 3.99
CA GLY H 262 33.59 24.32 4.31
C GLY H 262 33.03 25.61 3.69
PA NAD I . -46.82 -20.61 -14.62
O1A NAD I . -47.94 -21.46 -14.44
O2A NAD I . -47.17 -19.18 -14.20
O5B NAD I . -46.40 -20.57 -16.16
C5B NAD I . -46.26 -21.78 -16.95
C4B NAD I . -46.90 -21.23 -18.27
O4B NAD I . -46.79 -22.27 -19.33
C3B NAD I . -48.45 -20.93 -18.20
O3B NAD I . -48.67 -19.68 -18.86
C2B NAD I . -49.09 -22.15 -18.90
O2B NAD I . -50.37 -21.93 -19.50
C1B NAD I . -48.03 -22.52 -19.96
N9A NAD I . -48.22 -23.90 -20.41
C8A NAD I . -48.50 -25.08 -19.73
N7A NAD I . -48.74 -26.14 -20.55
C5A NAD I . -48.60 -25.61 -21.82
C6A NAD I . -48.74 -26.23 -23.11
N6A NAD I . -49.05 -27.50 -23.36
N1A NAD I . -48.53 -25.42 -24.24
C2A NAD I . -48.20 -24.06 -24.09
N3A NAD I . -48.04 -23.42 -22.86
C4A NAD I . -48.27 -24.24 -21.75
O3 NAD I . -45.65 -21.14 -13.76
PN NAD I . -44.17 -20.71 -13.66
O1N NAD I . -43.88 -19.58 -14.61
O2N NAD I . -43.40 -20.62 -12.50
O5D NAD I . -43.35 -21.73 -14.67
C5D NAD I . -42.27 -21.35 -15.58
C4D NAD I . -41.37 -22.57 -15.77
O4D NAD I . -40.46 -22.64 -14.66
C3D NAD I . -42.06 -23.99 -15.79
O3D NAD I . -41.34 -24.86 -16.69
C2D NAD I . -41.94 -24.41 -14.35
O2D NAD I . -42.14 -25.79 -14.13
C1D NAD I . -40.56 -23.97 -14.05
N1N NAD I . -40.24 -23.76 -12.63
C2N NAD I . -40.99 -22.93 -11.78
C3N NAD I . -40.62 -22.83 -10.45
C7N NAD I . -41.44 -21.93 -9.52
O7N NAD I . -41.10 -21.91 -8.37
N7N NAD I . -42.47 -21.24 -9.97
C4N NAD I . -39.47 -23.57 -9.89
C5N NAD I . -38.73 -24.40 -10.81
C6N NAD I . -39.11 -24.51 -12.18
PA NAD J . -11.58 -42.13 13.73
O1A NAD J . -11.05 -41.01 14.44
O2A NAD J . -12.07 -43.17 14.69
O5B NAD J . -10.45 -42.79 12.82
C5B NAD J . -9.56 -41.95 12.04
C4B NAD J . -8.25 -42.71 12.37
O4B NAD J . -7.09 -42.11 11.57
C3B NAD J . -7.75 -42.61 13.89
O3B NAD J . -7.48 -43.92 14.39
C2B NAD J . -6.52 -41.70 13.86
O2B NAD J . -5.48 -42.01 14.81
C1B NAD J . -5.96 -41.86 12.41
N9A NAD J . -5.18 -40.69 12.03
C8A NAD J . -5.42 -39.33 12.13
N7A NAD J . -4.44 -38.58 11.72
C5A NAD J . -3.48 -39.50 11.32
C6A NAD J . -2.19 -39.29 10.77
N6A NAD J . -1.57 -38.10 10.53
N1A NAD J . -1.44 -40.43 10.46
C2A NAD J . -1.96 -41.69 10.68
N3A NAD J . -3.24 -41.93 11.22
C4A NAD J . -3.94 -40.80 11.51
O3 NAD J . -12.75 -41.67 12.84
PN NAD J . -13.65 -42.39 11.76
O1N NAD J . -13.17 -43.83 11.53
O2N NAD J . -15.08 -42.27 11.66
O5D NAD J . -13.05 -41.90 10.30
C5D NAD J . -12.37 -42.71 9.25
C4D NAD J . -12.44 -41.88 7.95
O4D NAD J . -13.81 -41.68 7.59
C3D NAD J . -11.84 -40.41 8.01
O3D NAD J . -11.15 -40.06 6.78
C2D NAD J . -13.09 -39.59 8.27
O2D NAD J . -12.95 -38.20 8.03
C1D NAD J . -14.06 -40.25 7.38
N1N NAD J . -15.51 -40.03 7.68
C2N NAD J . -16.15 -40.37 8.90
C3N NAD J . -17.50 -40.08 9.05
C7N NAD J . -18.22 -40.42 10.36
O7N NAD J . -19.40 -40.09 10.44
N7N NAD J . -17.60 -41.03 11.35
C4N NAD J . -18.28 -39.42 7.96
C5N NAD J . -17.60 -39.12 6.75
C6N NAD J . -16.21 -39.41 6.58
MG MG K . -29.57 -35.50 -13.91
MG MG L . -29.13 -61.58 -28.28
PA NAD M . -31.48 -55.48 -24.75
O1A NAD M . -31.97 -55.03 -26.04
O2A NAD M . -30.65 -56.70 -24.92
O5B NAD M . -32.71 -55.86 -23.79
C5B NAD M . -33.71 -54.86 -23.48
C4B NAD M . -34.87 -55.85 -23.22
O4B NAD M . -36.09 -55.09 -22.78
C3B NAD M . -35.36 -56.66 -24.49
O3B NAD M . -35.49 -58.05 -24.20
C2B NAD M . -36.67 -56.02 -24.87
O2B NAD M . -37.60 -56.89 -25.50
C1B NAD M . -37.22 -55.48 -23.51
N9A NAD M . -38.16 -54.41 -23.71
C8A NAD M . -38.11 -53.25 -24.48
N7A NAD M . -39.22 -52.56 -24.49
C5A NAD M . -40.06 -53.31 -23.64
C6A NAD M . -41.39 -53.09 -23.25
N6A NAD M . -42.18 -52.07 -23.65
N1A NAD M . -41.97 -54.01 -22.38
C2A NAD M . -41.28 -55.12 -21.93
N3A NAD M . -39.98 -55.38 -22.30
C4A NAD M . -39.40 -54.43 -23.17
O3 NAD M . -30.66 -54.35 -24.11
PN NAD M . -29.63 -54.35 -22.91
O1N NAD M . -29.97 -55.43 -21.92
O2N NAD M . -28.23 -54.17 -23.06
O5D NAD M . -30.11 -53.19 -21.91
C5D NAD M . -31.01 -53.29 -20.76
C4D NAD M . -31.09 -51.89 -20.16
O4D NAD M . -29.77 -51.28 -20.00
C3D NAD M . -31.90 -50.80 -20.96
O3D NAD M . -32.69 -50.00 -20.04
C2D NAD M . -30.79 -50.02 -21.64
O2D NAD M . -31.17 -48.73 -22.08
C1D NAD M . -29.78 -49.96 -20.56
N1N NAD M . -28.42 -49.71 -21.06
C2N NAD M . -27.75 -50.61 -21.93
C3N NAD M . -26.49 -50.27 -22.38
C7N NAD M . -25.79 -51.22 -23.34
O7N NAD M . -24.74 -50.83 -23.82
N7N NAD M . -26.31 -52.37 -23.68
C4N NAD M . -25.86 -49.00 -21.98
C5N NAD M . -26.56 -48.14 -21.08
C6N NAD M . -27.86 -48.48 -20.59
MG MG N . -16.34 -31.75 -5.94
PA NAD O . -1.68 -16.41 -13.90
O1A NAD O . -0.47 -17.12 -13.58
O2A NAD O . -1.41 -15.40 -15.03
O5B NAD O . -2.17 -15.58 -12.63
C5B NAD O . -2.18 -16.19 -11.31
C4B NAD O . -1.64 -14.96 -10.53
O4B NAD O . -1.63 -15.26 -9.06
C3B NAD O . -0.15 -14.53 -10.84
O3B NAD O . -0.09 -13.15 -11.09
C2B NAD O . 0.63 -14.97 -9.61
O2B NAD O . 1.78 -14.19 -9.31
C1B NAD O . -0.44 -14.93 -8.48
N9A NAD O . -0.08 -15.78 -7.35
C8A NAD O . 0.43 -17.06 -7.31
N7A NAD O . 0.78 -17.45 -6.09
C5A NAD O . 0.46 -16.35 -5.30
C6A NAD O . 0.62 -16.15 -3.91
N6A NAD O . 1.14 -17.03 -2.98
N1A NAD O . 0.19 -14.90 -3.40
C2A NAD O . -0.36 -13.92 -4.23
N3A NAD O . -0.52 -14.08 -5.59
C4A NAD O . -0.10 -15.32 -6.09
O3 NAD O . -2.78 -17.41 -14.33
PN NAD O . -4.34 -17.33 -14.68
O1N NAD O . -4.85 -15.95 -14.47
O2N NAD O . -4.96 -17.98 -15.76
O5D NAD O . -5.10 -17.84 -13.36
C5D NAD O . -5.88 -17.09 -12.40
C4D NAD O . -6.67 -18.18 -11.68
O4D NAD O . -7.44 -18.94 -12.63
C3D NAD O . -5.85 -19.27 -10.89
O3D NAD O . -6.54 -19.59 -9.66
C2D NAD O . -5.83 -20.41 -11.88
O2D NAD O . -5.52 -21.66 -11.28
C1D NAD O . -7.19 -20.33 -12.40
N1N NAD O . -7.49 -21.02 -13.70
C2N NAD O . -6.86 -20.69 -14.94
C3N NAD O . -7.19 -21.43 -16.07
C7N NAD O . -6.52 -21.09 -17.41
O7N NAD O . -6.82 -21.80 -18.36
N7N NAD O . -5.65 -20.10 -17.51
C4N NAD O . -8.17 -22.53 -16.03
C5N NAD O . -8.79 -22.82 -14.76
C6N NAD O . -8.47 -22.08 -13.58
MG MG P . 29.26 36.42 13.69
PA NAD Q . 36.00 27.71 33.49
O1A NAD Q . 36.28 28.91 34.18
O2A NAD Q . 35.60 26.61 34.48
O5B NAD Q . 37.29 27.20 32.71
C5B NAD Q . 38.04 28.11 31.87
C4B NAD Q . 39.39 27.47 32.14
O4B NAD Q . 40.40 28.14 31.31
C3B NAD Q . 39.93 27.61 33.60
O3B NAD Q . 40.43 26.35 34.00
C2B NAD Q . 41.00 28.69 33.51
O2B NAD Q . 42.08 28.62 34.43
C1B NAD Q . 41.52 28.55 32.05
N9A NAD Q . 42.09 29.80 31.61
C8A NAD Q . 41.61 31.10 31.68
N7A NAD Q . 42.45 32.00 31.24
C5A NAD Q . 43.56 31.24 30.83
C6A NAD Q . 44.77 31.65 30.29
N6A NAD Q . 45.14 32.93 30.03
N1A NAD Q . 45.73 30.63 29.97
C2A NAD Q . 45.45 29.28 30.21
N3A NAD Q . 44.24 28.85 30.75
C4A NAD Q . 43.32 29.88 31.05
O3 NAD Q . 34.84 27.94 32.48
PN NAD Q . 34.06 26.98 31.50
O1N NAD Q . 34.80 25.67 31.37
O2N NAD Q . 32.68 26.82 31.44
O5D NAD Q . 34.53 27.43 30.02
C5D NAD Q . 35.29 26.70 29.01
C4D NAD Q . 35.05 27.52 27.75
O4D NAD Q . 33.62 27.51 27.43
C3D NAD Q . 35.40 29.06 27.78
O3D NAD Q . 36.06 29.51 26.58
C2D NAD Q . 34.04 29.70 28.02
O2D NAD Q . 33.94 31.05 27.65
C1D NAD Q . 33.17 28.87 27.21
N1N NAD Q . 31.71 28.88 27.56
C2N NAD Q . 31.20 28.53 28.83
C3N NAD Q . 29.84 28.60 29.04
C7N NAD Q . 29.32 28.23 30.43
O7N NAD Q . 28.11 28.35 30.60
N7N NAD Q . 30.12 27.82 31.37
C4N NAD Q . 28.90 29.03 27.98
C5N NAD Q . 29.45 29.36 26.69
C6N NAD Q . 30.86 29.30 26.45
MG MG R . 16.53 30.74 6.24
PA NAD S . -2.88 42.82 5.22
O1A NAD S . -3.84 41.78 5.45
O2A NAD S . -3.42 44.16 5.71
O5B NAD S . -2.57 42.94 3.67
C5B NAD S . -2.21 41.78 2.93
C4B NAD S . -3.00 42.12 1.66
O4B NAD S . -2.73 41.07 0.62
C3B NAD S . -4.59 42.19 1.74
O3B NAD S . -5.07 43.41 1.17
C2B NAD S . -5.07 40.93 1.00
O2B NAD S . -6.32 41.05 0.32
C1B NAD S . -3.92 40.68 -0.03
N9A NAD S . -3.93 39.31 -0.45
C8A NAD S . -4.01 38.12 0.25
N7A NAD S . -4.09 37.05 -0.51
C5A NAD S . -4.05 37.55 -1.80
C6A NAD S . -4.11 36.91 -3.04
N6A NAD S . -4.20 35.58 -3.25
N1A NAD S . -4.04 37.72 -4.20
C2A NAD S . -3.95 39.10 -4.10
N3A NAD S . -3.89 39.78 -2.89
C4A NAD S . -3.96 38.97 -1.77
O3 NAD S . -1.61 42.47 5.95
PN NAD S . -0.26 43.25 6.17
O1N NAD S . -0.13 44.36 5.20
O2N NAD S . 0.31 43.55 7.45
O5D NAD S . 0.85 42.38 5.40
C5D NAD S . 1.37 42.58 4.07
C4D NAD S . 2.59 41.67 4.03
O4D NAD S . 3.44 41.94 5.21
C3D NAD S . 2.32 40.09 4.10
O3D NAD S . 3.22 39.37 3.21
C2D NAD S . 2.56 39.79 5.58
O2D NAD S . 2.85 38.39 5.85
C1D NAD S . 3.74 40.67 5.86
N1N NAD S . 4.06 40.93 7.31
C2N NAD S . 3.23 41.68 8.19
C3N NAD S . 3.60 41.80 9.54
C7N NAD S . 2.69 42.61 10.48
O7N NAD S . 3.02 42.63 11.63
N7N NAD S . 1.60 43.20 10.04
C4N NAD S . 4.84 41.18 10.07
C5N NAD S . 5.68 40.44 9.15
C6N NAD S . 5.31 40.30 7.75
PA NAD T . 41.21 53.67 4.73
O1A NAD T . 42.52 53.20 5.00
O2A NAD T . 41.18 54.50 3.46
O5B NAD T . 40.66 54.53 5.96
C5B NAD T . 40.77 54.00 7.27
C4B NAD T . 41.06 55.34 8.02
O4B NAD T . 41.14 55.03 9.51
C3B NAD T . 42.45 56.08 7.71
O3B NAD T . 42.27 57.46 7.43
C2B NAD T . 43.31 55.77 8.94
O2B NAD T . 44.32 56.73 9.22
C1B NAD T . 42.27 55.66 10.09
N9A NAD T . 42.82 54.96 11.22
C8A NAD T . 43.52 53.77 11.29
N7A NAD T . 43.93 53.49 12.49
C5A NAD T . 43.50 54.54 13.26
C6A NAD T . 43.65 54.78 14.63
N6A NAD T . 44.31 54.00 15.52
N1A NAD T . 43.08 55.94 15.15
C2A NAD T . 42.39 56.81 14.33
N3A NAD T . 42.22 56.60 12.98
C4A NAD T . 42.79 55.45 12.48
O3 NAD T . 40.31 52.42 4.57
PN NAD T . 38.83 52.32 4.16
O1N NAD T . 38.15 53.66 4.34
O2N NAD T . 38.34 51.64 3.04
O5D NAD T . 38.07 51.69 5.42
C5D NAD T . 37.15 52.33 6.36
C4D NAD T . 36.60 51.19 7.23
O4D NAD T . 35.88 50.29 6.35
C3D NAD T . 37.63 50.23 7.98
O3D NAD T . 37.13 49.80 9.27
C2D NAD T . 37.77 49.06 7.02
O2D NAD T . 38.24 47.87 7.61
C1D NAD T . 36.36 48.95 6.55
N1N NAD T . 36.18 48.23 5.24
C2N NAD T . 36.77 48.63 4.02
C3N NAD T . 36.55 47.85 2.91
C7N NAD T . 37.18 48.25 1.58
O7N NAD T . 36.98 47.46 0.68
N7N NAD T . 37.92 49.35 1.42
C4N NAD T . 35.73 46.64 2.96
C5N NAD T . 35.14 46.27 4.21
C6N NAD T . 35.34 47.05 5.37
PA NAD U . 17.13 10.43 -4.00
O1A NAD U . 16.36 10.79 -5.16
O2A NAD U . 18.15 9.34 -4.35
O5B NAD U . 16.16 9.88 -2.86
C5B NAD U . 15.02 10.68 -2.48
C4B NAD U . 13.98 9.55 -2.26
O4B NAD U . 12.67 10.11 -1.79
C3B NAD U . 13.63 8.68 -3.53
O3B NAD U . 13.78 7.32 -3.17
C2B NAD U . 12.22 9.03 -3.88
O2B NAD U . 11.46 7.93 -4.41
C1B NAD U . 11.60 9.51 -2.53
N9A NAD U . 10.45 10.40 -2.80
C8A NAD U . 10.26 11.44 -3.71
N7A NAD U . 9.03 11.92 -3.72
C5A NAD U . 8.38 11.16 -2.75
C6A NAD U . 7.05 11.22 -2.32
N6A NAD U . 6.10 12.04 -2.78
N1A NAD U . 6.67 10.33 -1.29
C2A NAD U . 7.60 9.42 -0.76
N3A NAD U . 8.92 9.33 -1.19
C4A NAD U . 9.26 10.23 -2.18
O3 NAD U . 17.85 11.65 -3.48
PN NAD U . 18.87 11.90 -2.31
O1N NAD U . 18.84 10.74 -1.31
O2N NAD U . 20.14 12.46 -2.45
O5D NAD U . 18.09 12.84 -1.25
C5D NAD U . 17.82 12.67 0.18
C4D NAD U . 17.33 14.08 0.65
O4D NAD U . 18.47 14.95 0.76
C3D NAD U . 16.32 14.90 -0.31
O3D NAD U . 15.34 15.65 0.46
C2D NAD U . 17.24 15.84 -1.05
O2D NAD U . 16.55 16.97 -1.56
C1D NAD U . 18.24 16.18 0.01
N1N NAD U . 19.60 16.58 -0.45
C2N NAD U . 20.37 15.81 -1.37
C3N NAD U . 21.65 16.27 -1.77
C7N NAD U . 22.46 15.43 -2.76
O7N NAD U . 23.50 15.90 -3.08
N7N NAD U . 22.03 14.28 -3.23
C4N NAD U . 22.20 17.54 -1.26
C5N NAD U . 21.38 18.30 -0.32
C6N NAD U . 20.09 17.84 0.12
#